data_8JXB
#
_entry.id   8JXB
#
_cell.length_a   1.00
_cell.length_b   1.00
_cell.length_c   1.00
_cell.angle_alpha   90.00
_cell.angle_beta   90.00
_cell.angle_gamma   90.00
#
_symmetry.space_group_name_H-M   'P 1'
#
loop_
_entity.id
_entity.type
_entity.pdbx_description
1 polymer 'LDL receptor related protein 2'
2 polymer 'unclear peptide'
3 polymer 'unclear peptide'
4 branched beta-D-mannopyranose-(1-4)-2-acetamido-2-deoxy-beta-D-glucopyranose-(1-4)-2-acetamido-2-deoxy-beta-D-glucopyranose
5 branched 2-acetamido-2-deoxy-beta-D-glucopyranose-(1-4)-2-acetamido-2-deoxy-beta-D-glucopyranose
6 non-polymer 2-acetamido-2-deoxy-beta-D-glucopyranose
7 non-polymer 2-acetamido-2-deoxy-alpha-D-galactopyranose
8 non-polymer 'CALCIUM ION'
#
loop_
_entity_poly.entity_id
_entity_poly.type
_entity_poly.pdbx_seq_one_letter_code
_entity_poly.pdbx_strand_id
1 'polypeptide(L)'
;MERGAAAAAWMLLLAIAACLEPVSSQECGSGNFRCDNGYCIPASWRCDGTRDCLDDTDEIGCPPRSCESGLFLCPAEGTC
IPSSWVCDEDKDCSDGADEQQNCAGTTCSAQQMTCSNGQCIPSEYRCDHVSDCPDGSDERNCHYPTCDQLTCANGACYNT
SQRCDQKVDCRDSSDEANCTTLCSQKEFECGSGECILRAYVCDHDNDCEDNSDERNCNYDTCGGHQFTCSNGQCINQNWV
CDGDDDCQDSGDEDGCESNQSHHRCYPREWACPGSGRCISIDKVCDGVPDCPEGDDENNVTSGRTCGMGVCSVLNCEYQC
HQTPFGGECFCPPGHIINSNDSRTCIDFDDCQIWGICDQKCENRQGRHQCLCEEGYILERGQHCKSSDSFSAASVIFSNG
RDLLVGDLHGRNFRILAESKNRGMVMGVDFHYQKHRVFWTDPMQEKVFSTDINGLNTQEILNVSVDTPENLAVDWINNKL
YLVETKVNRIDVVNLEGNQRVTLITENLGHPRGIALDPTVGYLFFSDWGSLSGQPKVERAFMDGSNRKDLVTTKVGWPAG
ITLDLVSKRVYWVDSRYDYIETVTYDGIQRKTVARGGSLVPHPFGISLFEEHVFFTDWTKMAVMKASKFTETNPQVYHQS
SLRPHGVTVYHALRQPNATNPCGSNNGGCAQVCVLSHRTDNGGLGYRCKCEFGFELDDDEHRCVAVKNFLLFSSKTAVRG
IPFTLSTQEDVMVPVTGSPSFFVGIDFDAQHSTVFYSDLSKDIIYKQKIDGTGKEVITANRLESVECLTFDWISRNLYWT
DGGLKSVTVLRLADKSRRQIISNLNNPRSIVVHPTAGYMFLSDWFRPAKIMRAWSDGSHLMPIVNTSLGWPNGLAIDWSA
SRLYWVDAFFDKIEHSTLDGLDRKRLGHVDQMTHPFGLTVFKDNVFITDWRLGAIIRVRKSDGGDMTVIRRGISSVMHVK
AYDADLQTGSNYCSQTTHANGDCSHFCFPVPNFQRVCGCPYGMKLQRDQMTCEGDPAREPPTQQCGSLSFPCNNGKCVPS
FFRCDGVDDCHDNSDEHQCGVFNNTCSPSAFACVRGGQCIPGQWHCDRQNDCLDGSDEQNCPTHATSSTCPSTSFTCDNH
VCIPKDWVCDTDNDCSDGSDEKNCQASGTCQPTQFRCPDHRCISPLYVCDGDKDCADGSDEAGCVLNCTSAQFKCADGSS
CINSRYRCDGVYDCRDNSDEAGCPTRPPGMCHLDEFQCQGDGTCIPNTWECDGHPDCIHGSDEHTGCVPKTCSPTHFLCD
NGNCIYKAWICDGDNDCRDMSDEKDCPTQPFHCPSTQWQCPGYSTCINLSALCDGVFDCPNGTDESPLCNQDSCSHFNGG
CTHQCMQGPFGATCLCPLGYQLANDTKTCEDINECDIPGFCSQHCVNMRGSFRCACDPEYTLESDGRTCKVTGSENPLLV
VASRDKIIVDNITAHTHNLYSLVQDVSFVVALDFDSVTGRVFWSDLLQGKTWSVFQNGTDKRVVHDSGLSVTEMIAVDWI
GRNLYWTDYALETIEVSKIDGSHRTVLISKNVTKPRGLALDPRMGDNVMFWSDWGHHPRIERASMDGTMRTVIVQEKIYW
PCGLSIDYPNRLIYFMDAYLDYIEFCDYDGHNRRQVIASDLVLHHPHALTLFEDFVYWTDRGTRQVMQANKWHGGNQSVV
MYSVHQPLGITAIHPSRQPPSRNPCASASCSHLCLLSAQAPRHYSCACPSGWNLSDDSVNCVRGDQPFLMSVRDNIIFGI
SLDPEVKSNDAMVPISGIQHGYDVEFDDSEQFIYWVENPGEIHRVKTDGSNRTVFAPLSLLGSSLGLALDWVSRNIYYTT
PASRSIEVLTLKGDTRYGKTLIANDGTPLGVGFPVGIAVDPARGKLYWSDHGTDSGVPAKIASANMDGTSLKILFTGNLQ
HLEVVTLDIQEQKLYWAVTSRGVIERGNVDGTERMILVHHLAHPWGLVVYGSFLYYSDEQYEVIERVDKSSGNNKVVLRD
NVPYLRGLRVYHRRNAADSSNGCSNNPNACQQICLPVPGGMFSCACASGFKLSPDGRSCSPYNSFMVVSMLPAVRGFSLE
LSDHSEAMVPVAGQGRNVLHADVDVANGFIYWCDFSSSVRSSNGIRRIKPDGSNFTNVVTYGIGANGIRGVALDWAAGNL
YFTNAFVYETLIEVLRINTTYRRVLLKVSVDMPRHIIVDPKHRYLFWADYGQKPKIERSFLDCTNRTVLVSEGIVTPRGL
AMDHDTGYIYWVDDSLDLIARIHLDGGESQVVRYGSRYPTPYGITVFGESIIWVDRNLKKVFQASKQPGNTDPPVVIRDK
INLLRDVTIFDEHAQPLSPAELNNNPCLQSNGGCSHFCFALPELPTPRCGCAFGTLGNDGKSCATSQEDFLIYSLNNSLR
SLHFDPRDHSLPFQVISVAGTAIALDYDRRNNRIFFTQKLNSLRGQISYVSLYSGSSSPTVLLSNIGVTDGIAFDWINRR
IYYSDFSNQTINSMAEDGSNRAVIARVSKPRAIVLDPCRGYMYWTDWGTNAKIERATLGGNFRVPIVNTSLVWPNGLALD
LETDLLYWADASLQKIERSTLTGTNREVVVSTAFHSFGLTVYGQYIYWTDLYTRKIYRANKYDGSDLVAMTTRLPTQPSG
ISTVVKTQRQQCSNPCDQFNGGCSHICAPGPNGAECQCPHEGNWYLANDNKYCVVDTGTRCNQLQFTCLNGHCINQDWKC
DNDNDCGDGSDELPTVCAFHTCRSTAFTCGNGRCVPYHYRCDYYNDCGDNSDEAGCLFRNCNSTTEFTCSNGRCIPLSYV
CNGINNCHDNDTSDEKNCPPHTCPPDFTKCQTTNICVPRAFLCDGDNDCGDGSDENPIYCASHTCRSNEFQCLSPQRCIP
SYWFCDGEADCADGSDEPDTCGHSVNTCRASQFQCDNGRCISGNWVCDGDNDCGDMSDEDQRHHCELQNCSSTQFTCVNS
RPPNRRCIPQYWVCDGDADCSDALDELQNCTMRTCSAGEFSCANGRCVRQSFRCDRRNDCGDYSDERGCSYPPCHANQFT
CQNGRCIPRFFVCDEDNDCGDGSDEQEHLCHTPEPTCPLHQFRCDNGHCIEMGRVCNHVDDCSDNSDEKGCGINECLDSS
ISRCDHNCTDTITSFYCSCLPGYKLMSDKRSCVDIDECKESPQLCSQKCENVVGSYICKCAPGYIREPDGKSCRQNSNIE
PYLIFSNRYYIRNLTTDGSSYSLILQGLGNVVALDFDRVEKRLYWIDAEKQIIERMFLNKTNRETIINHRLRRAESLAVD
WVSRKLYWLDAILDCLFVSDLEGRHRKMIAQHCVDANNTFCFEHPRGIVLHPQRGHVYWADWGVHAYIGRIGMDGTNKSV
IISTKIEWPNAITIDYTNDLLYWADAHLGYIEFSDLEGHHRHTVYDGSLPHPFALTIFEDTVFWTDWNTRTVEKGNKYDG
SGRVVLVNTTHKPFDIHVYHPYRQPIMSNPCGTNNGGCSHLCLIKAGGRGFTCACPDDFQTVQLRDRTLCMPMCSSTQFL
CGNNEKCIPIWWKCDGQKDCSDGSDEPDLCPHRFCRLGQFQCRDGNCTSPQALCNARQDCADGSDEDRVLCEHHRCESNE
WQCANKRCIPQSWQCDSVNDCLDNSDEDTSHCASRTCRPGQFKCNNGRCIPQSWKCDVDNDCGDYSDEPIDECTTAAYNC
DNHTEFSCKTNYRCIPQWAVCNGFDDCRDNSDEQGCESVPCHPSGDFRCANHHCIPLRWKCDGTDDCGDNSDEENCVPRE
CSESEFRCADQQCIPSRWVCDQENDCGDNSDERDCEMKTCHPEHFQCTSGHCVPKALACDGRADCLDASDESACPTRFPN
GTYCPAAMFECKNHVCIQSFWICDGENDCVDGSDEEIHLCFNIPCESPQRFRCDNSRCVYGHQLCNGVDDCGDGSDEKEE
HCRKPTHKPCTDTEYKCSNGNCISQHYVCDNVNDCGDLSDETGCNLGDNRTCAENICEQNCTQLSSGGFICSCRPGFKPS
TLDKNSCQDINECEEFGICPQSCRNSKGSYECFCVDGFKSMSTHYGERCAADGSPPLLLLPENVRIRKYNTSSEKFSEYL
EEEEHIQTIDYDWDPEHIGLSVVYYTVLAQGSQFGAIKRAYIPNFESGSNNPIREVDLGLKYLMQPDGLAVDWVGRHIYW
SDAKSQRIEVATLDGRYRKWLITTQLDQPAAIAVNPKLGLMFWTDQGKQPKIESAWMNGEHRSVLVSENLGWPNGLSIDY
LNDDRVYWSDSKEDVIEAIKYDGTDRRLIINEAMKPFSLDIFEDKLYWVAKEKGEVWRQNKFGKENKEKVLVVNPWLTQV
RIFHQLRYNQSVSNPCKQVCSHLCLLRPGGYSCACPQGSDFVTGSTVQCDAASELPVTMPPPCRCMHGGNCYFDENELPK
CKCSSGYSGEYCEVGLSRGIPPGTTMAVLLTFVIVIIVGALVLVGLFHYRKTGSLLPTLPKLPSLSSLAKPSENGNGVTF
RSGADVNMDIGVSPFGPETIIDRSMAMNEHFVMEVGKQPVIFENPMYAAKDNTSKVALAVQGPSTGAQVTVPENVENQNY
GRPIDPSEIVPEPKPASPGADEIQGKKWNIFKRKPKQTTNFENPIYAEMDSEVKDAVAVAPPPSPSLPAKASKRNLTPGY
TATEDTFKDTANLVKEDSDV
;
A,B
2 'polypeptide(L)' (UNK)(UNK)(UNK)(UNK)(UNK)(UNK) Q
3 'polypeptide(L)' (UNK)N(UNK)(UNK)(UNK) R
#
# COMPACT_ATOMS: atom_id res chain seq x y z
N ASP A 2696 11.20 53.07 45.75
CA ASP A 2696 11.55 52.07 46.74
C ASP A 2696 10.55 52.07 47.90
N THR A 2697 9.95 50.90 48.15
CA THR A 2697 8.98 50.76 49.24
C THR A 2697 9.29 49.55 50.13
N GLY A 2698 10.39 48.85 49.89
CA GLY A 2698 10.70 47.68 50.69
C GLY A 2698 10.14 46.38 50.16
N THR A 2699 9.94 46.28 48.85
CA THR A 2699 9.45 45.05 48.25
C THR A 2699 9.99 44.94 46.83
N ARG A 2700 10.03 43.71 46.32
CA ARG A 2700 10.54 43.43 44.99
C ARG A 2700 9.60 42.47 44.27
N CYS A 2701 9.38 42.73 42.98
CA CYS A 2701 8.47 41.92 42.18
C CYS A 2701 9.11 40.59 41.82
N ASN A 2702 8.28 39.67 41.34
CA ASN A 2702 8.78 38.41 40.83
C ASN A 2702 9.48 38.62 39.50
N GLN A 2703 10.35 37.67 39.14
CA GLN A 2703 11.26 37.88 38.02
C GLN A 2703 10.53 38.01 36.69
N LEU A 2704 9.31 37.44 36.59
CA LEU A 2704 8.59 37.51 35.31
C LEU A 2704 7.67 38.72 35.23
N GLN A 2705 7.65 39.60 36.23
CA GLN A 2705 6.78 40.76 36.19
C GLN A 2705 7.61 42.02 35.95
N PHE A 2706 7.18 42.81 34.97
CA PHE A 2706 7.77 44.12 34.77
C PHE A 2706 7.36 45.04 35.92
N THR A 2707 8.34 45.74 36.47
CA THR A 2707 8.12 46.61 37.63
C THR A 2707 7.95 48.04 37.14
N CYS A 2708 6.78 48.61 37.42
CA CYS A 2708 6.47 49.96 36.97
C CYS A 2708 7.17 51.00 37.85
N LEU A 2709 7.27 52.22 37.33
CA LEU A 2709 7.81 53.31 38.13
C LEU A 2709 6.95 53.60 39.36
N ASN A 2710 5.65 53.30 39.31
CA ASN A 2710 4.80 53.52 40.46
C ASN A 2710 4.90 52.40 41.48
N GLY A 2711 5.59 51.31 41.17
CA GLY A 2711 5.80 50.24 42.12
C GLY A 2711 4.97 48.99 41.90
N HIS A 2712 3.91 49.05 41.10
CA HIS A 2712 3.16 47.84 40.81
C HIS A 2712 3.95 46.91 39.91
N CYS A 2713 3.56 45.64 39.91
CA CYS A 2713 4.21 44.61 39.12
C CYS A 2713 3.20 44.03 38.14
N ILE A 2714 3.53 44.05 36.86
CA ILE A 2714 2.66 43.53 35.81
C ILE A 2714 3.46 42.55 34.96
N ASN A 2715 2.75 41.61 34.35
CA ASN A 2715 3.39 40.58 33.55
C ASN A 2715 4.10 41.20 32.34
N GLN A 2716 5.25 40.64 31.97
CA GLN A 2716 6.03 41.18 30.88
C GLN A 2716 5.25 41.20 29.57
N ASP A 2717 4.27 40.30 29.43
CA ASP A 2717 3.49 40.25 28.19
C ASP A 2717 2.63 41.49 28.00
N TRP A 2718 2.46 42.31 29.03
CA TRP A 2718 1.71 43.55 28.91
C TRP A 2718 2.61 44.76 28.67
N LYS A 2719 3.91 44.55 28.57
CA LYS A 2719 4.83 45.66 28.33
C LYS A 2719 4.82 46.05 26.85
N CYS A 2720 4.72 47.36 26.59
CA CYS A 2720 4.75 47.91 25.24
C CYS A 2720 3.70 47.27 24.34
N ASP A 2721 2.49 47.12 24.87
CA ASP A 2721 1.38 46.55 24.11
C ASP A 2721 0.28 47.56 23.82
N ASN A 2722 0.63 48.85 23.74
CA ASN A 2722 -0.32 49.93 23.49
C ASN A 2722 -1.43 49.98 24.54
N ASP A 2723 -1.12 49.54 25.75
CA ASP A 2723 -2.09 49.47 26.84
C ASP A 2723 -1.45 50.01 28.11
N ASN A 2724 -2.09 51.00 28.73
CA ASN A 2724 -1.58 51.62 29.95
C ASN A 2724 -1.90 50.69 31.13
N ASP A 2725 -1.10 49.64 31.26
CA ASP A 2725 -1.34 48.63 32.28
C ASP A 2725 -0.91 49.12 33.66
N CYS A 2726 0.20 49.86 33.75
CA CYS A 2726 0.70 50.28 35.04
C CYS A 2726 -0.17 51.35 35.69
N GLY A 2727 -1.12 51.92 34.96
CA GLY A 2727 -1.90 53.02 35.47
C GLY A 2727 -1.29 54.39 35.25
N ASP A 2728 -0.11 54.47 34.66
CA ASP A 2728 0.49 55.76 34.38
C ASP A 2728 1.19 55.83 33.02
N GLY A 2729 1.18 54.77 32.21
CA GLY A 2729 1.91 54.78 30.97
C GLY A 2729 3.40 54.56 31.11
N SER A 2730 3.87 54.17 32.30
CA SER A 2730 5.30 53.93 32.48
C SER A 2730 5.78 52.75 31.67
N ASP A 2731 4.95 51.73 31.50
CA ASP A 2731 5.29 50.55 30.72
C ASP A 2731 5.19 50.77 29.23
N GLU A 2732 4.68 51.92 28.79
CA GLU A 2732 4.57 52.20 27.37
C GLU A 2732 5.44 53.36 26.93
N LEU A 2733 6.43 53.75 27.73
CA LEU A 2733 7.28 54.88 27.37
C LEU A 2733 8.17 54.52 26.18
N PRO A 2734 8.43 55.46 25.28
CA PRO A 2734 9.38 55.18 24.20
C PRO A 2734 10.79 54.88 24.69
N THR A 2735 11.10 55.25 25.94
CA THR A 2735 12.41 54.92 26.49
C THR A 2735 12.61 53.41 26.60
N VAL A 2736 11.54 52.67 26.88
CA VAL A 2736 11.64 51.22 27.02
C VAL A 2736 11.27 50.51 25.73
N CYS A 2737 10.20 50.94 25.08
CA CYS A 2737 9.73 50.27 23.87
C CYS A 2737 10.70 50.39 22.70
N ALA A 2738 11.66 51.32 22.74
CA ALA A 2738 12.63 51.41 21.67
C ALA A 2738 13.73 50.37 21.78
N PHE A 2739 13.83 49.68 22.91
CA PHE A 2739 14.83 48.65 23.10
C PHE A 2739 14.17 47.33 23.47
N HIS A 2740 13.10 46.98 22.75
CA HIS A 2740 12.29 45.82 23.07
C HIS A 2740 11.78 45.20 21.78
N THR A 2741 11.78 43.87 21.75
CA THR A 2741 11.25 43.12 20.62
C THR A 2741 10.13 42.22 21.11
N CYS A 2742 9.06 42.14 20.31
CA CYS A 2742 7.92 41.32 20.67
C CYS A 2742 8.33 39.86 20.77
N ARG A 2743 7.73 39.15 21.71
CA ARG A 2743 7.96 37.72 21.81
C ARG A 2743 7.56 37.03 20.51
N SER A 2744 8.08 35.82 20.31
CA SER A 2744 7.88 35.15 19.02
C SER A 2744 6.41 34.92 18.72
N THR A 2745 5.63 34.53 19.72
CA THR A 2745 4.25 34.13 19.51
C THR A 2745 3.31 35.30 19.23
N ALA A 2746 3.77 36.53 19.38
CA ALA A 2746 2.88 37.67 19.28
C ALA A 2746 3.16 38.49 18.01
N PHE A 2747 2.14 39.22 17.58
CA PHE A 2747 2.26 40.12 16.44
C PHE A 2747 3.22 41.25 16.79
N THR A 2748 3.61 42.00 15.76
CA THR A 2748 4.39 43.22 15.91
C THR A 2748 3.76 44.30 15.06
N CYS A 2749 3.13 45.28 15.71
CA CYS A 2749 2.52 46.37 14.96
C CYS A 2749 3.59 47.21 14.27
N GLY A 2750 3.16 48.04 13.34
CA GLY A 2750 4.10 48.88 12.61
C GLY A 2750 4.89 49.80 13.50
N ASN A 2751 4.25 50.35 14.54
CA ASN A 2751 4.95 51.26 15.45
C ASN A 2751 5.88 50.53 16.40
N GLY A 2752 5.83 49.20 16.45
CA GLY A 2752 6.68 48.43 17.33
C GLY A 2752 5.99 47.83 18.54
N ARG A 2753 4.76 48.21 18.82
CA ARG A 2753 4.05 47.64 19.96
C ARG A 2753 3.64 46.20 19.65
N CYS A 2754 3.41 45.44 20.71
CA CYS A 2754 3.14 44.02 20.60
C CYS A 2754 1.68 43.72 20.94
N VAL A 2755 1.04 42.90 20.12
CA VAL A 2755 -0.31 42.46 20.42
C VAL A 2755 -0.39 40.95 20.25
N PRO A 2756 -1.26 40.31 21.03
CA PRO A 2756 -1.53 38.89 20.82
C PRO A 2756 -2.07 38.66 19.42
N TYR A 2757 -1.70 37.52 18.84
CA TYR A 2757 -2.00 37.29 17.43
C TYR A 2757 -3.51 37.27 17.17
N HIS A 2758 -4.30 36.90 18.18
CA HIS A 2758 -5.73 36.80 17.96
C HIS A 2758 -6.38 38.18 17.90
N TYR A 2759 -5.57 39.24 18.02
CA TYR A 2759 -6.05 40.58 17.77
C TYR A 2759 -5.91 41.00 16.31
N ARG A 2760 -5.50 40.09 15.44
CA ARG A 2760 -5.42 40.40 14.01
C ARG A 2760 -6.75 40.18 13.32
N CYS A 2761 -7.15 41.17 12.52
CA CYS A 2761 -8.40 41.11 11.76
C CYS A 2761 -9.58 40.81 12.68
N ASP A 2762 -9.60 41.46 13.84
CA ASP A 2762 -10.60 41.22 14.87
C ASP A 2762 -11.73 42.23 14.89
N TYR A 2763 -11.79 43.12 13.90
CA TYR A 2763 -12.78 44.21 13.85
C TYR A 2763 -12.64 45.16 15.02
N TYR A 2764 -11.50 45.14 15.71
CA TYR A 2764 -11.19 46.07 16.80
C TYR A 2764 -9.76 46.54 16.58
N ASN A 2765 -9.59 47.77 16.13
CA ASN A 2765 -8.24 48.29 15.93
C ASN A 2765 -7.57 48.54 17.27
N ASP A 2766 -6.61 47.68 17.62
CA ASP A 2766 -5.88 47.83 18.88
C ASP A 2766 -4.38 47.86 18.72
N CYS A 2767 -3.86 47.77 17.49
CA CYS A 2767 -2.43 48.00 17.28
C CYS A 2767 -2.10 49.49 17.27
N GLY A 2768 -3.12 50.35 17.20
CA GLY A 2768 -2.90 51.78 17.07
C GLY A 2768 -2.90 52.25 15.64
N ASP A 2769 -1.95 51.74 14.84
CA ASP A 2769 -1.80 52.12 13.44
C ASP A 2769 -2.75 51.39 12.52
N ASN A 2770 -3.73 50.67 13.07
CA ASN A 2770 -4.62 49.81 12.30
C ASN A 2770 -3.83 48.69 11.63
N SER A 2771 -2.62 48.42 12.12
CA SER A 2771 -1.81 47.35 11.55
C SER A 2771 -2.39 45.98 11.80
N ASP A 2772 -3.13 45.80 12.89
CA ASP A 2772 -3.78 44.52 13.11
C ASP A 2772 -4.94 44.30 12.16
N GLU A 2773 -5.44 45.37 11.52
CA GLU A 2773 -6.49 45.25 10.53
C GLU A 2773 -5.99 45.45 9.10
N ALA A 2774 -4.78 45.97 8.92
CA ALA A 2774 -4.28 46.24 7.58
C ALA A 2774 -4.02 44.95 6.83
N GLY A 2775 -4.44 44.91 5.57
CA GLY A 2775 -4.20 43.76 4.72
C GLY A 2775 -5.16 42.61 4.90
N CYS A 2776 -6.11 42.71 5.80
CA CYS A 2776 -7.04 41.61 6.04
C CYS A 2776 -8.04 41.52 4.90
N LEU A 2777 -8.25 40.31 4.38
CA LEU A 2777 -9.17 40.07 3.27
C LEU A 2777 -10.47 39.52 3.86
N PHE A 2778 -11.36 40.43 4.25
CA PHE A 2778 -12.59 40.05 4.93
C PHE A 2778 -13.60 39.46 3.95
N ARG A 2779 -14.56 38.72 4.50
CA ARG A 2779 -15.56 38.04 3.68
C ARG A 2779 -16.58 39.03 3.15
N ASN A 2780 -17.38 38.57 2.19
CA ASN A 2780 -18.44 39.39 1.63
C ASN A 2780 -19.49 39.72 2.67
N CYS A 2781 -20.08 40.90 2.55
CA CYS A 2781 -21.15 41.35 3.42
C CYS A 2781 -22.46 41.37 2.65
N ASN A 2782 -23.46 40.68 3.17
CA ASN A 2782 -24.74 40.47 2.49
C ASN A 2782 -25.61 41.69 2.76
N SER A 2783 -25.60 42.62 1.80
CA SER A 2783 -26.26 43.91 1.98
C SER A 2783 -27.75 43.77 2.28
N THR A 2784 -28.42 42.77 1.68
CA THR A 2784 -29.82 42.52 1.98
C THR A 2784 -30.03 42.01 3.40
N THR A 2785 -28.97 41.60 4.09
CA THR A 2785 -29.06 41.07 5.44
C THR A 2785 -28.25 41.84 6.46
N GLU A 2786 -27.03 42.25 6.13
CA GLU A 2786 -26.14 42.89 7.10
C GLU A 2786 -25.63 44.21 6.54
N PHE A 2787 -25.29 45.13 7.44
CA PHE A 2787 -24.84 46.46 7.08
C PHE A 2787 -23.32 46.55 7.19
N THR A 2788 -22.67 46.95 6.10
CA THR A 2788 -21.21 47.05 6.05
C THR A 2788 -20.76 48.17 6.98
N CYS A 2789 -20.19 47.80 8.13
CA CYS A 2789 -19.65 48.80 9.04
C CYS A 2789 -18.44 49.47 8.43
N SER A 2790 -17.99 50.59 9.01
CA SER A 2790 -16.85 51.31 8.46
C SER A 2790 -15.55 50.51 8.56
N ASN A 2791 -15.47 49.55 9.47
CA ASN A 2791 -14.28 48.75 9.67
C ASN A 2791 -14.30 47.45 8.87
N GLY A 2792 -15.34 47.21 8.09
CA GLY A 2792 -15.49 45.95 7.38
C GLY A 2792 -16.45 44.97 8.01
N ARG A 2793 -16.83 45.18 9.27
CA ARG A 2793 -17.83 44.32 9.90
C ARG A 2793 -19.19 44.50 9.24
N CYS A 2794 -20.00 43.46 9.33
CA CYS A 2794 -21.37 43.54 8.86
C CYS A 2794 -22.28 42.68 9.74
N ILE A 2795 -23.32 43.31 10.24
CA ILE A 2795 -24.29 42.68 11.15
C ILE A 2795 -25.69 43.08 10.69
N PRO A 2796 -26.73 42.31 11.05
CA PRO A 2796 -28.08 42.66 10.61
C PRO A 2796 -28.47 44.06 11.07
N LEU A 2797 -29.24 44.74 10.21
CA LEU A 2797 -29.55 46.15 10.39
C LEU A 2797 -30.46 46.42 11.57
N SER A 2798 -31.02 45.38 12.19
CA SER A 2798 -31.83 45.58 13.39
C SER A 2798 -30.99 46.13 14.54
N TYR A 2799 -29.67 46.03 14.44
CA TYR A 2799 -28.77 46.54 15.47
C TYR A 2799 -28.30 47.96 15.20
N VAL A 2800 -28.71 48.57 14.09
CA VAL A 2800 -28.33 49.95 13.83
C VAL A 2800 -29.27 50.88 14.58
N CYS A 2801 -28.71 51.98 15.09
CA CYS A 2801 -29.45 52.94 15.93
C CYS A 2801 -30.04 52.26 17.16
N ASN A 2802 -29.60 51.04 17.47
CA ASN A 2802 -30.22 50.26 18.52
C ASN A 2802 -29.97 50.83 19.91
N GLY A 2803 -28.79 51.41 20.15
CA GLY A 2803 -28.48 51.94 21.46
C GLY A 2803 -27.02 51.75 21.86
N ILE A 2804 -26.27 51.02 21.04
CA ILE A 2804 -24.84 50.83 21.26
C ILE A 2804 -24.15 50.73 19.91
N ASN A 2805 -22.95 51.30 19.83
CA ASN A 2805 -22.16 51.26 18.60
C ASN A 2805 -21.61 49.84 18.42
N ASN A 2806 -22.45 48.98 17.85
CA ASN A 2806 -22.08 47.57 17.70
C ASN A 2806 -20.85 47.43 16.82
N CYS A 2807 -20.77 48.21 15.74
CA CYS A 2807 -19.65 48.05 14.80
C CYS A 2807 -18.33 48.47 15.43
N HIS A 2808 -18.37 49.29 16.48
CA HIS A 2808 -17.18 49.77 17.19
C HIS A 2808 -16.21 50.49 16.25
N ASP A 2809 -16.67 50.95 15.09
CA ASP A 2809 -15.81 51.68 14.18
C ASP A 2809 -15.50 53.06 14.74
N ASN A 2810 -14.40 53.64 14.24
CA ASN A 2810 -13.92 54.89 14.82
C ASN A 2810 -14.80 56.09 14.48
N ASP A 2811 -15.59 56.01 13.41
CA ASP A 2811 -16.56 57.04 13.08
C ASP A 2811 -17.94 56.75 13.63
N THR A 2812 -18.13 55.60 14.26
CA THR A 2812 -19.43 55.18 14.80
C THR A 2812 -20.53 55.26 13.74
N SER A 2813 -20.22 54.75 12.54
CA SER A 2813 -21.20 54.75 11.46
C SER A 2813 -22.46 53.98 11.84
N ASP A 2814 -22.31 52.92 12.64
CA ASP A 2814 -23.47 52.19 13.12
C ASP A 2814 -24.35 53.09 13.98
N GLU A 2815 -23.74 53.86 14.87
CA GLU A 2815 -24.48 54.64 15.86
C GLU A 2815 -24.64 56.10 15.47
N LYS A 2816 -24.89 56.37 14.18
CA LYS A 2816 -25.47 57.64 13.77
C LYS A 2816 -26.94 57.55 14.13
N ASN A 2817 -27.22 57.85 15.40
CA ASN A 2817 -28.45 57.39 16.04
C ASN A 2817 -29.70 57.92 15.35
N CYS A 2818 -30.67 57.03 15.17
CA CYS A 2818 -31.99 57.40 14.67
C CYS A 2818 -33.07 56.79 15.56
N PRO A 2819 -33.15 57.17 16.83
CA PRO A 2819 -34.14 56.56 17.72
C PRO A 2819 -35.41 57.41 17.78
N PRO A 2820 -36.46 56.91 18.45
CA PRO A 2820 -37.61 57.77 18.75
C PRO A 2820 -37.37 58.76 19.88
N HIS A 2821 -36.13 58.89 20.35
CA HIS A 2821 -35.74 59.88 21.36
C HIS A 2821 -36.49 59.69 22.67
N THR A 2822 -36.59 60.76 23.46
CA THR A 2822 -37.33 60.78 24.72
C THR A 2822 -36.83 59.71 25.69
N CYS A 2823 -35.50 59.61 25.84
CA CYS A 2823 -34.98 58.72 26.87
C CYS A 2823 -35.11 59.38 28.24
N PRO A 2824 -35.36 58.60 29.29
CA PRO A 2824 -35.55 59.16 30.63
C PRO A 2824 -34.25 59.74 31.17
N PRO A 2825 -34.32 60.62 32.17
CA PRO A 2825 -33.09 61.23 32.70
C PRO A 2825 -32.09 60.22 33.23
N ASP A 2826 -32.56 59.14 33.86
CA ASP A 2826 -31.63 58.12 34.37
C ASP A 2826 -30.91 57.43 33.22
N PHE A 2827 -31.66 57.05 32.18
CA PHE A 2827 -31.07 56.50 30.96
C PHE A 2827 -30.62 57.68 30.10
N THR A 2828 -29.50 58.28 30.50
CA THR A 2828 -29.04 59.53 29.92
C THR A 2828 -28.74 59.37 28.43
N LYS A 2829 -29.11 60.39 27.66
CA LYS A 2829 -28.77 60.43 26.24
C LYS A 2829 -27.36 60.97 26.09
N CYS A 2830 -26.44 60.12 25.63
CA CYS A 2830 -25.02 60.48 25.54
C CYS A 2830 -24.77 61.36 24.32
N GLN A 2831 -25.42 62.52 24.32
CA GLN A 2831 -25.29 63.53 23.27
C GLN A 2831 -25.67 62.95 21.92
N THR A 2832 -25.08 63.46 20.84
CA THR A 2832 -25.46 63.01 19.50
C THR A 2832 -25.18 61.53 19.29
N THR A 2833 -24.14 61.00 19.94
CA THR A 2833 -23.94 59.57 19.98
C THR A 2833 -24.91 58.99 21.00
N ASN A 2834 -26.19 58.88 20.63
CA ASN A 2834 -27.26 58.75 21.59
C ASN A 2834 -27.28 57.39 22.26
N ILE A 2835 -26.27 57.13 23.11
CA ILE A 2835 -26.30 55.93 23.95
C ILE A 2835 -27.11 56.23 25.20
N CYS A 2836 -28.26 55.59 25.33
CA CYS A 2836 -29.09 55.69 26.52
C CYS A 2836 -28.59 54.66 27.53
N VAL A 2837 -27.92 55.15 28.58
CA VAL A 2837 -27.17 54.28 29.48
C VAL A 2837 -27.46 54.69 30.92
N PRO A 2838 -27.41 53.73 31.84
CA PRO A 2838 -27.55 54.07 33.27
C PRO A 2838 -26.44 55.01 33.72
N ARG A 2839 -26.77 55.88 34.67
CA ARG A 2839 -25.90 56.97 35.07
C ARG A 2839 -24.65 56.50 35.81
N ALA A 2840 -24.61 55.21 36.17
CA ALA A 2840 -23.43 54.68 36.83
C ALA A 2840 -22.22 54.65 35.92
N PHE A 2841 -22.43 54.79 34.60
CA PHE A 2841 -21.35 54.76 33.63
C PHE A 2841 -20.85 56.15 33.24
N LEU A 2842 -21.12 57.17 34.06
CA LEU A 2842 -20.72 58.53 33.76
C LEU A 2842 -19.97 59.13 34.93
N CYS A 2843 -19.07 60.07 34.62
CA CYS A 2843 -18.11 60.61 35.58
C CYS A 2843 -17.34 59.48 36.26
N ASP A 2844 -16.93 58.50 35.44
CA ASP A 2844 -16.41 57.24 35.95
C ASP A 2844 -15.05 56.89 35.36
N GLY A 2845 -14.44 57.80 34.60
CA GLY A 2845 -13.08 57.63 34.15
C GLY A 2845 -12.84 56.67 33.01
N ASP A 2846 -13.75 55.73 32.77
CA ASP A 2846 -13.57 54.73 31.74
C ASP A 2846 -14.68 54.86 30.70
N ASN A 2847 -14.36 54.57 29.44
CA ASN A 2847 -15.26 54.84 28.33
C ASN A 2847 -16.44 53.89 28.31
N ASP A 2848 -17.64 54.45 28.15
CA ASP A 2848 -18.84 53.65 27.94
C ASP A 2848 -19.76 54.21 26.85
N CYS A 2849 -19.57 55.45 26.40
CA CYS A 2849 -20.42 56.07 25.38
C CYS A 2849 -19.63 56.52 24.17
N GLY A 2850 -18.35 56.19 24.09
CA GLY A 2850 -17.53 56.72 23.00
C GLY A 2850 -17.25 58.19 23.23
N ASP A 2851 -17.79 59.03 22.35
CA ASP A 2851 -17.68 60.48 22.49
C ASP A 2851 -18.92 61.10 23.11
N GLY A 2852 -19.78 60.29 23.73
CA GLY A 2852 -21.01 60.80 24.32
C GLY A 2852 -20.78 61.48 25.66
N SER A 2853 -21.83 61.46 26.48
CA SER A 2853 -21.76 62.08 27.79
C SER A 2853 -20.67 61.44 28.64
N ASP A 2854 -20.85 60.17 28.99
CA ASP A 2854 -19.83 59.32 29.60
C ASP A 2854 -19.16 60.03 30.78
N GLU A 2855 -17.86 59.78 30.96
CA GLU A 2855 -17.11 60.40 32.04
C GLU A 2855 -16.65 61.80 31.72
N ASN A 2856 -17.07 62.37 30.59
CA ASN A 2856 -16.57 63.67 30.17
C ASN A 2856 -16.92 64.73 31.21
N PRO A 2857 -15.98 65.64 31.50
CA PRO A 2857 -16.17 66.60 32.61
C PRO A 2857 -17.25 67.64 32.37
N ILE A 2858 -18.05 67.52 31.30
CA ILE A 2858 -19.11 68.50 31.06
C ILE A 2858 -20.08 68.54 32.22
N TYR A 2859 -20.46 67.37 32.74
CA TYR A 2859 -21.38 67.32 33.88
C TYR A 2859 -20.63 67.15 35.19
N CYS A 2860 -19.43 66.56 35.14
CA CYS A 2860 -18.64 66.37 36.36
C CYS A 2860 -18.10 67.69 36.89
N ALA A 2861 -18.17 68.76 36.09
CA ALA A 2861 -17.65 70.05 36.54
C ALA A 2861 -18.60 70.76 37.50
N SER A 2862 -19.82 70.25 37.66
CA SER A 2862 -20.80 70.92 38.52
C SER A 2862 -20.52 70.65 39.99
N HIS A 2863 -20.60 69.39 40.40
CA HIS A 2863 -20.45 69.02 41.81
C HIS A 2863 -19.60 67.77 41.94
N THR A 2864 -18.62 67.63 41.05
CA THR A 2864 -17.74 66.48 40.90
C THR A 2864 -18.51 65.31 40.29
N CYS A 2865 -19.83 65.48 40.19
CA CYS A 2865 -20.72 64.64 39.41
C CYS A 2865 -22.01 65.43 39.20
N ARG A 2866 -23.09 64.74 38.85
CA ARG A 2866 -24.38 65.42 38.79
C ARG A 2866 -24.76 65.96 40.17
N SER A 2867 -25.76 66.84 40.17
CA SER A 2867 -26.17 67.52 41.40
C SER A 2867 -26.70 66.56 42.44
N ASN A 2868 -27.23 65.41 42.02
CA ASN A 2868 -27.85 64.45 42.93
C ASN A 2868 -26.97 63.25 43.24
N GLU A 2869 -25.71 63.26 42.85
CA GLU A 2869 -24.87 62.08 42.95
C GLU A 2869 -23.48 62.44 43.50
N PHE A 2870 -22.84 61.48 44.16
CA PHE A 2870 -21.51 61.68 44.71
C PHE A 2870 -20.45 61.05 43.81
N GLN A 2871 -19.18 61.34 44.15
CA GLN A 2871 -18.03 60.83 43.42
C GLN A 2871 -17.08 60.15 44.39
N CYS A 2872 -16.33 59.17 43.87
CA CYS A 2872 -15.48 58.31 44.69
C CYS A 2872 -14.12 58.91 45.02
N LEU A 2873 -13.63 59.83 44.18
CA LEU A 2873 -12.38 60.57 44.35
C LEU A 2873 -11.15 59.70 44.10
N SER A 2874 -11.32 58.37 44.09
CA SER A 2874 -10.32 57.45 43.54
C SER A 2874 -10.90 56.04 43.45
N PRO A 2875 -10.89 55.42 42.27
CA PRO A 2875 -10.73 56.03 40.95
C PRO A 2875 -11.99 56.84 40.66
N GLN A 2876 -12.01 57.70 39.64
CA GLN A 2876 -13.20 58.49 39.36
C GLN A 2876 -14.37 57.55 39.07
N ARG A 2877 -15.48 57.77 39.77
CA ARG A 2877 -16.68 56.93 39.67
C ARG A 2877 -17.78 57.61 40.45
N CYS A 2878 -19.00 57.55 39.92
CA CYS A 2878 -20.11 58.31 40.46
C CYS A 2878 -21.29 57.39 40.77
N ILE A 2879 -21.85 57.53 41.97
CA ILE A 2879 -23.01 56.73 42.38
C ILE A 2879 -24.07 57.65 42.99
N PRO A 2880 -25.33 57.22 42.94
CA PRO A 2880 -26.41 58.04 43.49
C PRO A 2880 -26.42 58.07 45.01
N SER A 2881 -27.46 58.72 45.55
CA SER A 2881 -27.63 58.84 46.99
C SER A 2881 -27.97 57.51 47.63
N TYR A 2882 -28.91 56.76 47.05
CA TYR A 2882 -29.30 55.46 47.58
C TYR A 2882 -28.23 54.39 47.42
N TRP A 2883 -27.15 54.68 46.68
CA TRP A 2883 -25.99 53.80 46.64
C TRP A 2883 -24.85 54.27 47.53
N PHE A 2884 -24.90 55.52 48.00
CA PHE A 2884 -23.92 55.99 48.97
C PHE A 2884 -24.28 55.51 50.35
N CYS A 2885 -23.29 54.92 51.04
CA CYS A 2885 -23.51 54.25 52.33
C CYS A 2885 -24.66 53.25 52.23
N ASP A 2886 -24.62 52.41 51.20
CA ASP A 2886 -25.63 51.39 50.96
C ASP A 2886 -25.22 50.00 51.45
N GLY A 2887 -24.09 49.89 52.13
CA GLY A 2887 -23.65 48.61 52.65
C GLY A 2887 -22.67 47.86 51.78
N GLU A 2888 -22.41 48.32 50.57
CA GLU A 2888 -21.43 47.70 49.69
C GLU A 2888 -20.51 48.78 49.11
N ALA A 2889 -19.22 48.49 49.06
CA ALA A 2889 -18.22 49.46 48.63
C ALA A 2889 -18.16 49.51 47.11
N ASP A 2890 -18.97 50.38 46.50
CA ASP A 2890 -18.87 50.59 45.07
C ASP A 2890 -17.56 51.24 44.68
N CYS A 2891 -17.09 52.20 45.49
CA CYS A 2891 -15.81 52.86 45.25
C CYS A 2891 -14.68 51.94 45.70
N ALA A 2892 -13.67 51.77 44.86
CA ALA A 2892 -12.56 50.88 45.19
C ALA A 2892 -11.79 51.33 46.42
N ASP A 2893 -11.81 52.62 46.74
CA ASP A 2893 -11.15 53.11 47.94
C ASP A 2893 -12.03 53.06 49.17
N GLY A 2894 -13.30 52.68 49.02
CA GLY A 2894 -14.21 52.68 50.13
C GLY A 2894 -14.77 54.03 50.51
N SER A 2895 -14.68 55.02 49.63
CA SER A 2895 -15.20 56.35 49.91
C SER A 2895 -16.72 56.39 49.97
N ASP A 2896 -17.41 55.47 49.31
CA ASP A 2896 -18.85 55.37 49.44
C ASP A 2896 -19.28 54.71 50.74
N GLU A 2897 -18.37 53.97 51.37
CA GLU A 2897 -18.59 53.40 52.70
C GLU A 2897 -17.45 53.83 53.61
N PRO A 2898 -17.41 55.12 53.99
CA PRO A 2898 -16.21 55.68 54.61
C PRO A 2898 -15.93 55.14 56.00
N ASP A 2899 -14.81 55.57 56.59
CA ASP A 2899 -14.50 55.20 57.96
C ASP A 2899 -15.59 55.66 58.92
N THR A 2900 -16.21 56.80 58.63
CA THR A 2900 -17.27 57.36 59.46
C THR A 2900 -18.37 57.86 58.56
N CYS A 2901 -19.37 57.02 58.26
CA CYS A 2901 -20.56 57.50 57.57
C CYS A 2901 -21.33 58.41 58.52
N GLY A 2902 -21.52 59.66 58.10
CA GLY A 2902 -21.95 60.68 59.02
C GLY A 2902 -20.76 61.31 59.72
N HIS A 2903 -21.03 61.92 60.87
CA HIS A 2903 -19.98 62.54 61.65
C HIS A 2903 -19.28 61.58 62.60
N SER A 2904 -19.76 60.34 62.71
CA SER A 2904 -19.09 59.33 63.51
C SER A 2904 -19.18 58.01 62.78
N VAL A 2905 -18.75 56.94 63.46
CA VAL A 2905 -18.63 55.62 62.87
C VAL A 2905 -19.95 55.17 62.26
N ASN A 2906 -21.05 55.37 62.98
CA ASN A 2906 -22.37 54.98 62.51
C ASN A 2906 -23.38 56.11 62.57
N THR A 2907 -22.92 57.37 62.50
CA THR A 2907 -23.85 58.49 62.46
C THR A 2907 -24.71 58.49 61.21
N CYS A 2908 -24.13 58.15 60.05
CA CYS A 2908 -24.86 57.96 58.81
C CYS A 2908 -25.50 59.25 58.30
N ARG A 2909 -26.79 59.42 58.55
CA ARG A 2909 -27.53 60.53 57.98
C ARG A 2909 -28.63 60.95 58.94
N ALA A 2910 -29.15 62.16 58.72
CA ALA A 2910 -30.22 62.67 59.56
C ALA A 2910 -31.51 61.88 59.40
N SER A 2911 -31.63 61.07 58.37
CA SER A 2911 -32.83 60.27 58.13
C SER A 2911 -32.56 58.77 58.11
N GLN A 2912 -31.40 58.32 58.60
CA GLN A 2912 -31.04 56.91 58.55
C GLN A 2912 -30.65 56.41 59.93
N PHE A 2913 -31.00 55.15 60.21
CA PHE A 2913 -30.73 54.54 61.50
C PHE A 2913 -29.24 54.20 61.65
N GLN A 2914 -28.82 54.02 62.90
CA GLN A 2914 -27.42 53.80 63.23
C GLN A 2914 -27.21 52.34 63.62
N CYS A 2915 -26.46 51.61 62.81
CA CYS A 2915 -26.17 50.20 63.06
C CYS A 2915 -24.82 50.06 63.76
N ASP A 2916 -24.70 49.01 64.58
CA ASP A 2916 -23.47 48.82 65.34
C ASP A 2916 -22.26 48.60 64.43
N ASN A 2917 -22.41 47.85 63.35
CA ASN A 2917 -21.30 47.65 62.43
C ASN A 2917 -20.99 48.88 61.59
N GLY A 2918 -21.83 49.91 61.66
CA GLY A 2918 -21.61 51.13 60.91
C GLY A 2918 -22.45 51.29 59.66
N ARG A 2919 -23.36 50.36 59.39
CA ARG A 2919 -24.22 50.47 58.23
C ARG A 2919 -25.34 51.49 58.49
N CYS A 2920 -26.12 51.77 57.46
CA CYS A 2920 -27.17 52.77 57.52
C CYS A 2920 -28.41 52.26 56.81
N ILE A 2921 -29.57 52.39 57.48
CA ILE A 2921 -30.84 51.92 56.94
C ILE A 2921 -31.89 53.01 57.12
N SER A 2922 -32.96 52.88 56.34
CA SER A 2922 -34.01 53.90 56.34
C SER A 2922 -34.89 53.76 57.58
N GLY A 2923 -35.79 54.74 57.74
CA GLY A 2923 -36.63 54.77 58.93
C GLY A 2923 -37.59 53.59 59.02
N ASN A 2924 -38.16 53.19 57.87
CA ASN A 2924 -39.09 52.07 57.87
C ASN A 2924 -38.40 50.72 57.96
N TRP A 2925 -37.08 50.67 57.77
CA TRP A 2925 -36.37 49.40 57.76
C TRP A 2925 -36.11 48.85 59.15
N VAL A 2926 -36.22 49.68 60.19
CA VAL A 2926 -35.92 49.22 61.54
C VAL A 2926 -37.01 48.26 62.01
N CYS A 2927 -36.59 47.15 62.60
CA CYS A 2927 -37.48 46.17 63.23
C CYS A 2927 -38.53 45.63 62.28
N ASP A 2928 -38.26 45.63 60.98
CA ASP A 2928 -39.22 45.15 59.99
C ASP A 2928 -39.23 43.64 59.85
N GLY A 2929 -38.28 42.93 60.47
CA GLY A 2929 -38.20 41.48 60.40
C GLY A 2929 -37.20 40.95 59.40
N ASP A 2930 -36.52 41.81 58.65
CA ASP A 2930 -35.51 41.39 57.70
C ASP A 2930 -34.19 42.07 58.00
N ASN A 2931 -33.11 41.52 57.47
CA ASN A 2931 -31.76 42.02 57.71
C ASN A 2931 -31.51 43.27 56.86
N ASP A 2932 -31.43 44.41 57.52
CA ASP A 2932 -31.05 45.66 56.87
C ASP A 2932 -29.74 46.23 57.39
N CYS A 2933 -29.52 46.19 58.70
CA CYS A 2933 -28.23 46.61 59.25
C CYS A 2933 -27.14 45.56 59.04
N GLY A 2934 -27.51 44.32 58.73
CA GLY A 2934 -26.53 43.28 58.50
C GLY A 2934 -26.07 42.58 59.76
N ASP A 2935 -26.03 43.29 60.88
CA ASP A 2935 -25.57 42.73 62.14
C ASP A 2935 -26.68 42.66 63.18
N MET A 2936 -27.94 42.63 62.76
CA MET A 2936 -29.10 42.60 63.66
C MET A 2936 -29.17 43.80 64.60
N SER A 2937 -28.55 44.93 64.22
CA SER A 2937 -28.75 46.16 64.97
C SER A 2937 -30.19 46.63 64.92
N ASP A 2938 -30.83 46.55 63.74
CA ASP A 2938 -32.24 46.90 63.61
C ASP A 2938 -33.15 45.84 64.20
N GLU A 2939 -32.80 44.56 64.08
CA GLU A 2939 -33.62 43.49 64.59
C GLU A 2939 -33.14 43.05 65.97
N LYS B 186 -46.58 -24.55 5.39
CA LYS B 186 -46.86 -25.90 5.87
C LYS B 186 -46.10 -26.95 5.05
N GLU B 187 -45.79 -28.07 5.71
CA GLU B 187 -45.06 -29.14 5.05
C GLU B 187 -45.91 -29.74 3.93
N PHE B 188 -45.23 -30.29 2.92
CA PHE B 188 -45.92 -30.92 1.81
C PHE B 188 -46.34 -32.35 2.18
N GLU B 189 -47.54 -32.73 1.75
CA GLU B 189 -48.06 -34.07 2.02
C GLU B 189 -47.64 -34.99 0.88
N CYS B 190 -46.52 -35.67 1.04
CA CYS B 190 -46.09 -36.66 0.06
C CYS B 190 -47.07 -37.84 0.06
N GLY B 191 -47.10 -38.56 -1.06
CA GLY B 191 -48.00 -39.69 -1.19
C GLY B 191 -47.77 -40.77 -0.15
N SER B 192 -46.57 -40.87 0.39
CA SER B 192 -46.27 -41.83 1.44
C SER B 192 -46.84 -41.42 2.79
N GLY B 193 -47.31 -40.17 2.93
CA GLY B 193 -47.88 -39.69 4.16
C GLY B 193 -46.98 -38.81 5.00
N GLU B 194 -45.70 -38.71 4.65
CA GLU B 194 -44.76 -37.90 5.41
C GLU B 194 -45.02 -36.43 5.19
N CYS B 195 -44.85 -35.64 6.26
CA CYS B 195 -44.88 -34.19 6.15
C CYS B 195 -43.48 -33.69 5.77
N ILE B 196 -43.34 -33.25 4.53
CA ILE B 196 -42.03 -32.95 3.94
C ILE B 196 -41.87 -31.44 3.84
N LEU B 197 -40.71 -30.95 4.26
CA LEU B 197 -40.42 -29.53 4.18
C LEU B 197 -40.36 -29.08 2.72
N ARG B 198 -40.75 -27.83 2.49
CA ARG B 198 -40.92 -27.33 1.12
C ARG B 198 -39.59 -27.06 0.42
N ALA B 199 -38.49 -26.96 1.17
CA ALA B 199 -37.21 -26.61 0.56
C ALA B 199 -36.73 -27.66 -0.43
N TYR B 200 -37.26 -28.88 -0.36
CA TYR B 200 -36.83 -29.94 -1.25
C TYR B 200 -37.72 -30.09 -2.48
N VAL B 201 -38.76 -29.26 -2.62
CA VAL B 201 -39.65 -29.37 -3.77
C VAL B 201 -38.88 -29.05 -5.04
N CYS B 202 -38.76 -30.04 -5.93
CA CYS B 202 -37.91 -29.97 -7.12
C CYS B 202 -36.49 -29.54 -6.74
N ASP B 203 -35.90 -30.27 -5.80
CA ASP B 203 -34.47 -30.19 -5.55
C ASP B 203 -33.70 -31.27 -6.30
N HIS B 204 -34.35 -31.92 -7.27
CA HIS B 204 -33.78 -33.04 -8.01
C HIS B 204 -33.35 -34.16 -7.06
N ASP B 205 -34.19 -34.39 -6.05
CA ASP B 205 -34.02 -35.51 -5.13
C ASP B 205 -35.39 -36.11 -4.87
N ASN B 206 -35.41 -37.39 -4.51
CA ASN B 206 -36.69 -38.09 -4.33
C ASN B 206 -37.50 -37.51 -3.19
N ASP B 207 -36.90 -37.40 -2.00
CA ASP B 207 -37.47 -36.85 -0.77
C ASP B 207 -38.53 -37.77 -0.17
N CYS B 208 -39.00 -38.74 -0.96
CA CYS B 208 -39.92 -39.79 -0.53
C CYS B 208 -40.09 -40.75 -1.71
N GLU B 209 -41.01 -41.71 -1.57
CA GLU B 209 -41.17 -42.74 -2.58
C GLU B 209 -41.75 -42.21 -3.88
N ASP B 210 -42.75 -41.33 -3.81
CA ASP B 210 -43.54 -40.99 -4.98
C ASP B 210 -42.85 -40.06 -5.96
N ASN B 211 -41.90 -39.24 -5.50
CA ASN B 211 -41.28 -38.19 -6.30
C ASN B 211 -42.30 -37.20 -6.84
N SER B 212 -43.33 -36.91 -6.06
CA SER B 212 -44.32 -35.92 -6.48
C SER B 212 -43.77 -34.51 -6.42
N ASP B 213 -42.71 -34.29 -5.63
CA ASP B 213 -42.09 -32.97 -5.57
C ASP B 213 -41.38 -32.64 -6.88
N GLU B 214 -41.05 -33.65 -7.68
CA GLU B 214 -40.44 -33.45 -8.98
C GLU B 214 -41.45 -33.52 -10.12
N ARG B 215 -42.75 -33.58 -9.81
CA ARG B 215 -43.77 -33.65 -10.84
C ARG B 215 -43.74 -32.42 -11.73
N ASN B 216 -43.81 -31.24 -11.13
CA ASN B 216 -43.69 -29.97 -11.84
C ASN B 216 -42.53 -29.20 -11.23
N CYS B 217 -41.71 -28.61 -12.08
CA CYS B 217 -40.46 -27.98 -11.64
C CYS B 217 -40.41 -26.53 -12.10
N ASN B 218 -39.77 -25.70 -11.28
CA ASN B 218 -39.71 -24.27 -11.48
C ASN B 218 -38.28 -23.73 -11.50
N TYR B 219 -37.29 -24.59 -11.75
CA TYR B 219 -35.90 -24.17 -11.71
C TYR B 219 -35.56 -23.24 -12.88
N ASP B 220 -34.48 -22.48 -12.70
CA ASP B 220 -34.00 -21.57 -13.72
C ASP B 220 -32.81 -22.20 -14.47
N THR B 221 -32.14 -21.40 -15.28
CA THR B 221 -30.99 -21.86 -16.04
C THR B 221 -29.75 -22.07 -15.17
N CYS B 222 -29.87 -21.96 -13.84
CA CYS B 222 -28.77 -22.00 -12.90
C CYS B 222 -27.82 -20.81 -13.09
N GLY B 223 -27.10 -20.45 -12.04
CA GLY B 223 -26.21 -19.32 -12.12
C GLY B 223 -24.89 -19.66 -12.76
N GLY B 224 -24.10 -18.61 -13.02
CA GLY B 224 -22.75 -18.84 -13.50
C GLY B 224 -21.86 -19.51 -12.49
N HIS B 225 -22.16 -19.35 -11.19
CA HIS B 225 -21.40 -19.98 -10.13
C HIS B 225 -21.93 -21.35 -9.76
N GLN B 226 -22.73 -21.97 -10.61
CA GLN B 226 -23.30 -23.28 -10.34
C GLN B 226 -23.03 -24.24 -11.48
N PHE B 227 -22.97 -25.52 -11.15
CA PHE B 227 -22.83 -26.58 -12.13
C PHE B 227 -24.18 -27.27 -12.34
N THR B 228 -24.40 -27.74 -13.56
CA THR B 228 -25.65 -28.41 -13.93
C THR B 228 -25.38 -29.91 -14.02
N CYS B 229 -26.15 -30.69 -13.27
CA CYS B 229 -26.00 -32.13 -13.29
C CYS B 229 -26.70 -32.72 -14.51
N SER B 230 -26.65 -34.05 -14.61
CA SER B 230 -27.36 -34.73 -15.69
C SER B 230 -28.87 -34.56 -15.55
N ASN B 231 -29.37 -34.38 -14.33
CA ASN B 231 -30.79 -34.23 -14.08
C ASN B 231 -31.28 -32.81 -14.26
N GLY B 232 -30.39 -31.85 -14.50
CA GLY B 232 -30.76 -30.46 -14.54
C GLY B 232 -30.62 -29.73 -13.21
N GLN B 233 -30.01 -30.36 -12.22
CA GLN B 233 -29.88 -29.75 -10.90
C GLN B 233 -28.75 -28.73 -10.88
N CYS B 234 -28.99 -27.60 -10.25
CA CYS B 234 -27.95 -26.61 -10.07
C CYS B 234 -27.30 -26.78 -8.70
N ILE B 235 -26.02 -27.10 -8.69
CA ILE B 235 -25.27 -27.28 -7.44
C ILE B 235 -24.07 -26.35 -7.47
N ASN B 236 -23.48 -26.12 -6.30
CA ASN B 236 -22.40 -25.16 -6.18
C ASN B 236 -21.20 -25.57 -7.02
N GLN B 237 -20.50 -24.56 -7.57
CA GLN B 237 -19.40 -24.86 -8.48
C GLN B 237 -18.23 -25.50 -7.76
N ASN B 238 -18.02 -25.19 -6.48
CA ASN B 238 -16.90 -25.76 -5.76
C ASN B 238 -17.09 -27.24 -5.47
N TRP B 239 -18.32 -27.74 -5.54
CA TRP B 239 -18.57 -29.16 -5.30
C TRP B 239 -18.15 -30.02 -6.48
N VAL B 240 -17.84 -29.41 -7.63
CA VAL B 240 -17.39 -30.18 -8.77
C VAL B 240 -15.98 -30.68 -8.51
N CYS B 241 -15.77 -31.99 -8.74
CA CYS B 241 -14.46 -32.62 -8.59
C CYS B 241 -13.92 -32.45 -7.17
N ASP B 242 -14.81 -32.40 -6.19
CA ASP B 242 -14.39 -32.37 -4.79
C ASP B 242 -14.10 -33.76 -4.24
N GLY B 243 -14.49 -34.81 -4.96
CA GLY B 243 -14.37 -36.16 -4.46
C GLY B 243 -15.65 -36.79 -3.96
N ASP B 244 -16.77 -36.07 -4.01
CA ASP B 244 -18.05 -36.57 -3.54
C ASP B 244 -19.08 -36.45 -4.66
N ASP B 245 -19.80 -37.54 -4.92
CA ASP B 245 -20.71 -37.63 -6.06
C ASP B 245 -21.99 -36.86 -5.74
N ASP B 246 -21.90 -35.52 -5.86
CA ASP B 246 -23.01 -34.67 -5.50
C ASP B 246 -24.23 -34.90 -6.39
N CYS B 247 -24.01 -35.07 -7.69
CA CYS B 247 -25.11 -35.34 -8.62
C CYS B 247 -25.35 -36.84 -8.71
N GLN B 248 -26.60 -37.21 -8.99
CA GLN B 248 -26.92 -38.58 -9.32
C GLN B 248 -26.20 -38.97 -10.61
N ASP B 249 -25.75 -40.22 -10.67
CA ASP B 249 -24.86 -40.81 -11.67
C ASP B 249 -23.46 -40.24 -11.62
N SER B 250 -23.14 -39.42 -10.61
CA SER B 250 -21.83 -38.80 -10.44
C SER B 250 -21.38 -38.01 -11.66
N GLY B 251 -22.28 -37.22 -12.24
CA GLY B 251 -21.93 -36.42 -13.41
C GLY B 251 -20.95 -35.31 -13.08
N ASP B 252 -20.82 -35.01 -11.79
CA ASP B 252 -19.96 -33.92 -11.35
C ASP B 252 -18.50 -34.32 -11.19
N GLU B 253 -18.14 -35.58 -11.44
CA GLU B 253 -16.72 -35.91 -11.39
C GLU B 253 -16.21 -36.29 -12.77
N ASP B 254 -16.83 -37.32 -13.35
CA ASP B 254 -16.47 -37.75 -14.73
C ASP B 254 -14.95 -37.70 -14.92
N GLY B 255 -14.21 -38.49 -14.15
CA GLY B 255 -12.79 -38.56 -14.40
C GLY B 255 -12.02 -37.26 -14.24
N CYS B 256 -12.06 -36.64 -13.06
CA CYS B 256 -11.29 -35.43 -12.86
C CYS B 256 -9.79 -35.70 -12.95
N GLU B 257 -9.39 -36.93 -12.69
CA GLU B 257 -7.98 -37.30 -12.73
C GLU B 257 -7.59 -37.75 -14.13
N SER B 258 -6.30 -37.63 -14.43
CA SER B 258 -5.78 -37.99 -15.75
C SER B 258 -4.71 -39.05 -15.60
N ASN B 259 -4.23 -39.55 -16.73
CA ASN B 259 -3.28 -40.65 -16.79
C ASN B 259 -3.77 -41.83 -15.94
N GLN B 260 -5.03 -42.19 -16.14
CA GLN B 260 -5.64 -43.30 -15.42
C GLN B 260 -5.03 -44.62 -15.87
N SER B 261 -5.52 -45.73 -15.31
CA SER B 261 -5.09 -47.05 -15.76
C SER B 261 -5.49 -47.33 -17.21
N HIS B 262 -6.37 -46.51 -17.78
CA HIS B 262 -6.79 -46.61 -19.17
C HIS B 262 -7.45 -47.95 -19.46
N HIS B 263 -8.27 -48.42 -18.53
CA HIS B 263 -9.11 -49.58 -18.77
C HIS B 263 -10.26 -49.21 -19.70
N ARG B 264 -10.96 -50.24 -20.17
CA ARG B 264 -12.02 -50.13 -21.17
C ARG B 264 -11.65 -49.16 -22.29
N CYS B 265 -10.52 -49.45 -22.94
CA CYS B 265 -10.09 -48.65 -24.09
C CYS B 265 -11.18 -48.63 -25.15
N TYR B 266 -11.07 -47.67 -26.05
CA TYR B 266 -12.11 -47.44 -27.04
C TYR B 266 -12.19 -48.63 -28.01
N PRO B 267 -13.34 -48.85 -28.64
CA PRO B 267 -13.40 -49.80 -29.75
C PRO B 267 -12.44 -49.37 -30.85
N ARG B 268 -11.88 -50.36 -31.55
CA ARG B 268 -10.76 -50.20 -32.48
C ARG B 268 -9.47 -49.83 -31.77
N GLU B 269 -9.43 -49.95 -30.44
CA GLU B 269 -8.22 -49.76 -29.66
C GLU B 269 -8.07 -50.92 -28.69
N TRP B 270 -6.82 -51.26 -28.38
CA TRP B 270 -6.52 -52.41 -27.54
C TRP B 270 -5.62 -51.99 -26.38
N ALA B 271 -5.84 -52.61 -25.23
CA ALA B 271 -5.10 -52.29 -24.01
C ALA B 271 -3.89 -53.21 -23.91
N CYS B 272 -2.70 -52.61 -23.78
CA CYS B 272 -1.49 -53.38 -23.56
C CYS B 272 -1.48 -53.87 -22.11
N PRO B 273 -1.40 -55.19 -21.89
CA PRO B 273 -1.51 -55.71 -20.51
C PRO B 273 -0.43 -55.19 -19.58
N GLY B 274 0.79 -54.98 -20.07
CA GLY B 274 1.89 -54.57 -19.22
C GLY B 274 1.85 -53.12 -18.81
N SER B 275 1.87 -52.22 -19.78
CA SER B 275 1.92 -50.79 -19.49
C SER B 275 0.56 -50.16 -19.31
N GLY B 276 -0.53 -50.87 -19.66
CA GLY B 276 -1.84 -50.27 -19.63
C GLY B 276 -2.10 -49.25 -20.70
N ARG B 277 -1.37 -49.30 -21.81
CA ARG B 277 -1.46 -48.28 -22.85
C ARG B 277 -2.53 -48.67 -23.87
N CYS B 278 -3.52 -47.80 -24.07
CA CYS B 278 -4.48 -48.01 -25.13
C CYS B 278 -3.83 -47.68 -26.47
N ILE B 279 -3.77 -48.68 -27.35
CA ILE B 279 -3.15 -48.51 -28.67
C ILE B 279 -4.10 -49.05 -29.73
N SER B 280 -3.87 -48.63 -30.97
CA SER B 280 -4.73 -49.03 -32.07
C SER B 280 -4.64 -50.53 -32.30
N ILE B 281 -5.78 -51.14 -32.67
CA ILE B 281 -5.85 -52.59 -32.80
C ILE B 281 -4.99 -53.08 -33.96
N ASP B 282 -4.93 -52.29 -35.05
CA ASP B 282 -4.15 -52.70 -36.22
C ASP B 282 -2.65 -52.67 -35.95
N LYS B 283 -2.22 -52.09 -34.84
CA LYS B 283 -0.80 -52.05 -34.48
C LYS B 283 -0.37 -53.22 -33.61
N VAL B 284 -1.27 -54.15 -33.30
CA VAL B 284 -0.92 -55.32 -32.52
C VAL B 284 -0.31 -56.38 -33.43
N CYS B 285 0.86 -56.89 -33.05
CA CYS B 285 1.59 -57.88 -33.83
C CYS B 285 1.90 -57.38 -35.24
N ASP B 286 2.11 -56.07 -35.38
CA ASP B 286 2.47 -55.50 -36.66
C ASP B 286 3.97 -55.55 -36.92
N GLY B 287 4.76 -56.04 -35.97
CA GLY B 287 6.21 -56.02 -36.07
C GLY B 287 6.85 -54.90 -35.30
N VAL B 288 6.08 -54.00 -34.71
CA VAL B 288 6.58 -52.83 -34.00
C VAL B 288 6.25 -53.00 -32.52
N PRO B 289 7.24 -53.04 -31.63
CA PRO B 289 6.94 -53.04 -30.19
C PRO B 289 6.46 -51.67 -29.75
N ASP B 290 5.25 -51.29 -30.19
CA ASP B 290 4.78 -49.91 -30.00
C ASP B 290 4.63 -49.58 -28.53
N CYS B 291 4.06 -50.49 -27.73
CA CYS B 291 3.98 -50.24 -26.30
C CYS B 291 5.37 -50.31 -25.68
N PRO B 292 5.61 -49.54 -24.60
CA PRO B 292 6.94 -49.53 -23.99
C PRO B 292 7.41 -50.89 -23.51
N GLU B 293 6.50 -51.73 -23.02
CA GLU B 293 6.84 -53.05 -22.54
C GLU B 293 6.90 -54.10 -23.65
N GLY B 294 6.67 -53.71 -24.90
CA GLY B 294 6.56 -54.68 -25.97
C GLY B 294 5.31 -55.53 -25.92
N ASP B 295 4.27 -55.04 -25.24
CA ASP B 295 3.08 -55.86 -25.01
C ASP B 295 2.35 -56.17 -26.32
N ASP B 296 2.56 -55.35 -27.34
CA ASP B 296 1.94 -55.55 -28.64
C ASP B 296 2.87 -56.23 -29.64
N GLU B 297 3.83 -57.01 -29.16
CA GLU B 297 4.78 -57.69 -30.03
C GLU B 297 5.16 -59.02 -29.41
N ASN B 298 5.95 -59.79 -30.16
CA ASN B 298 6.32 -61.13 -29.74
C ASN B 298 7.52 -61.12 -28.80
N ASN B 299 7.49 -61.99 -27.79
CA ASN B 299 8.64 -62.26 -26.96
C ASN B 299 8.51 -63.65 -26.36
N VAL B 300 9.65 -64.27 -26.08
CA VAL B 300 9.65 -65.67 -25.66
C VAL B 300 9.84 -65.82 -24.16
N THR B 301 10.36 -64.77 -23.50
CA THR B 301 10.68 -64.88 -22.07
C THR B 301 9.45 -65.12 -21.20
N SER B 302 8.26 -64.76 -21.67
CA SER B 302 7.03 -64.99 -20.92
C SER B 302 5.96 -65.64 -21.79
N GLY B 303 6.38 -66.33 -22.85
CA GLY B 303 5.45 -67.08 -23.68
C GLY B 303 4.38 -66.26 -24.35
N ARG B 304 4.74 -65.13 -24.96
CA ARG B 304 3.78 -64.24 -25.59
C ARG B 304 4.25 -63.86 -26.99
N THR B 305 4.62 -64.86 -27.78
CA THR B 305 4.93 -64.65 -29.18
C THR B 305 3.65 -64.35 -29.97
N CYS B 306 3.83 -63.77 -31.16
CA CYS B 306 2.71 -63.40 -32.01
C CYS B 306 2.26 -64.61 -32.85
N GLY B 307 1.67 -65.57 -32.17
CA GLY B 307 1.13 -66.76 -32.80
C GLY B 307 -0.38 -66.82 -32.59
N MET B 308 -1.07 -67.34 -33.59
CA MET B 308 -2.54 -67.35 -33.57
C MET B 308 -3.01 -68.68 -32.99
N GLY B 309 -3.87 -68.61 -31.96
CA GLY B 309 -4.33 -69.84 -31.33
C GLY B 309 -5.81 -70.14 -31.27
N VAL B 310 -6.68 -69.13 -31.10
CA VAL B 310 -8.03 -69.41 -30.64
C VAL B 310 -9.12 -68.73 -31.45
N CYS B 311 -8.75 -67.80 -32.34
CA CYS B 311 -9.77 -67.05 -33.06
C CYS B 311 -10.58 -67.95 -34.00
N SER B 312 -10.02 -69.09 -34.39
CA SER B 312 -10.75 -70.00 -35.27
C SER B 312 -12.03 -70.50 -34.61
N VAL B 313 -12.01 -70.66 -33.28
CA VAL B 313 -13.21 -71.09 -32.57
C VAL B 313 -14.00 -69.91 -32.00
N LEU B 314 -13.32 -68.79 -31.72
CA LEU B 314 -14.04 -67.62 -31.21
C LEU B 314 -15.01 -67.04 -32.23
N ASN B 315 -14.60 -66.94 -33.49
CA ASN B 315 -15.48 -66.57 -34.60
C ASN B 315 -16.23 -65.27 -34.31
N CYS B 316 -15.46 -64.19 -34.23
CA CYS B 316 -16.05 -62.88 -34.01
C CYS B 316 -17.01 -62.53 -35.14
N GLU B 317 -18.12 -61.89 -34.78
CA GLU B 317 -19.15 -61.56 -35.76
C GLU B 317 -18.70 -60.53 -36.78
N TYR B 318 -17.60 -59.83 -36.57
CA TYR B 318 -17.09 -58.95 -37.60
C TYR B 318 -15.68 -59.35 -38.06
N GLN B 319 -14.74 -59.46 -37.11
CA GLN B 319 -13.35 -59.76 -37.43
C GLN B 319 -12.64 -60.21 -36.17
N CYS B 320 -11.92 -61.32 -36.27
CA CYS B 320 -11.09 -61.83 -35.18
C CYS B 320 -9.62 -61.71 -35.55
N HIS B 321 -8.84 -61.10 -34.65
CA HIS B 321 -7.44 -60.84 -34.93
C HIS B 321 -6.58 -61.42 -33.81
N GLN B 322 -5.36 -61.80 -34.18
CA GLN B 322 -4.45 -62.46 -33.27
C GLN B 322 -3.69 -61.44 -32.42
N THR B 323 -3.47 -61.80 -31.16
CA THR B 323 -2.71 -61.00 -30.21
C THR B 323 -1.74 -61.93 -29.50
N PRO B 324 -0.66 -61.38 -28.92
CA PRO B 324 0.28 -62.24 -28.18
C PRO B 324 -0.35 -62.95 -26.99
N PHE B 325 -1.49 -62.47 -26.49
CA PHE B 325 -2.14 -63.07 -25.33
C PHE B 325 -3.42 -63.83 -25.70
N GLY B 326 -3.68 -64.05 -26.98
CA GLY B 326 -4.82 -64.82 -27.42
C GLY B 326 -5.57 -64.12 -28.53
N GLY B 327 -6.68 -64.73 -28.95
CA GLY B 327 -7.49 -64.14 -30.00
C GLY B 327 -8.53 -63.18 -29.46
N GLU B 328 -8.80 -62.12 -30.22
CA GLU B 328 -9.70 -61.06 -29.79
C GLU B 328 -10.61 -60.68 -30.95
N CYS B 329 -11.75 -60.07 -30.62
CA CYS B 329 -12.77 -59.72 -31.60
C CYS B 329 -13.00 -58.23 -31.61
N PHE B 330 -13.30 -57.70 -32.79
CA PHE B 330 -13.58 -56.28 -32.98
C PHE B 330 -14.81 -56.15 -33.87
N CYS B 331 -15.49 -55.01 -33.76
CA CYS B 331 -16.77 -54.78 -34.40
C CYS B 331 -16.78 -53.46 -35.14
N PRO B 332 -17.69 -53.30 -36.11
CA PRO B 332 -17.76 -52.04 -36.88
C PRO B 332 -18.16 -50.88 -35.99
N PRO B 333 -18.08 -49.64 -36.50
CA PRO B 333 -18.41 -48.48 -35.66
C PRO B 333 -19.85 -48.51 -35.18
N GLY B 334 -20.04 -47.95 -33.99
CA GLY B 334 -21.33 -47.96 -33.33
C GLY B 334 -21.53 -49.10 -32.36
N HIS B 335 -20.49 -49.88 -32.07
CA HIS B 335 -20.59 -51.00 -31.17
C HIS B 335 -19.32 -51.11 -30.34
N ILE B 336 -19.44 -51.76 -29.19
CA ILE B 336 -18.31 -52.03 -28.30
C ILE B 336 -18.22 -53.54 -28.08
N ILE B 337 -17.00 -54.07 -28.22
CA ILE B 337 -16.80 -55.50 -27.99
C ILE B 337 -17.23 -55.87 -26.58
N ASN B 338 -18.03 -56.92 -26.47
CA ASN B 338 -18.56 -57.35 -25.18
C ASN B 338 -17.59 -58.32 -24.54
N SER B 339 -17.03 -57.93 -23.40
CA SER B 339 -16.13 -58.81 -22.66
C SER B 339 -16.88 -59.95 -21.99
N ASN B 340 -18.21 -59.92 -21.99
CA ASN B 340 -19.00 -60.98 -21.39
C ASN B 340 -18.72 -62.33 -22.04
N ASP B 341 -18.50 -62.34 -23.35
CA ASP B 341 -18.27 -63.59 -24.07
C ASP B 341 -17.09 -63.49 -25.02
N SER B 342 -16.58 -62.27 -25.21
CA SER B 342 -15.56 -61.97 -26.21
C SER B 342 -16.01 -62.29 -27.62
N ARG B 343 -17.31 -62.50 -27.81
CA ARG B 343 -17.89 -62.78 -29.12
C ARG B 343 -18.72 -61.62 -29.65
N THR B 344 -19.73 -61.20 -28.88
CA THR B 344 -20.71 -60.22 -29.32
C THR B 344 -20.19 -58.80 -29.09
N CYS B 345 -20.91 -57.84 -29.65
CA CYS B 345 -20.65 -56.43 -29.41
C CYS B 345 -21.98 -55.70 -29.29
N ILE B 346 -22.16 -55.00 -28.18
CA ILE B 346 -23.39 -54.24 -27.95
C ILE B 346 -23.21 -52.84 -28.53
N ASP B 347 -24.34 -52.20 -28.85
CA ASP B 347 -24.30 -50.87 -29.44
C ASP B 347 -23.66 -49.88 -28.49
N PHE B 348 -22.90 -48.94 -29.06
CA PHE B 348 -22.19 -47.94 -28.27
C PHE B 348 -22.01 -46.68 -29.10
N ASP B 349 -22.02 -45.54 -28.44
CA ASP B 349 -21.86 -44.25 -29.11
C ASP B 349 -20.37 -43.93 -29.18
N ASP B 350 -19.78 -44.16 -30.36
CA ASP B 350 -18.36 -43.85 -30.55
C ASP B 350 -18.10 -42.35 -30.57
N CYS B 351 -19.16 -41.55 -30.68
CA CYS B 351 -19.02 -40.10 -30.68
C CYS B 351 -18.43 -39.57 -29.38
N GLN B 352 -18.55 -40.34 -28.29
CA GLN B 352 -18.04 -39.88 -27.01
C GLN B 352 -16.51 -39.94 -26.94
N ILE B 353 -15.88 -40.77 -27.77
CA ILE B 353 -14.45 -40.98 -27.65
C ILE B 353 -13.70 -39.70 -27.97
N TRP B 354 -12.47 -39.60 -27.46
CA TRP B 354 -11.68 -38.40 -27.61
C TRP B 354 -11.11 -38.31 -29.02
N GLY B 355 -11.26 -37.13 -29.63
CA GLY B 355 -10.67 -36.89 -30.92
C GLY B 355 -11.38 -37.51 -32.10
N ILE B 356 -12.62 -37.96 -31.92
CA ILE B 356 -13.34 -38.59 -33.03
C ILE B 356 -13.59 -37.59 -34.14
N CYS B 357 -14.04 -36.38 -33.80
CA CYS B 357 -14.27 -35.33 -34.77
C CYS B 357 -13.90 -34.00 -34.14
N ASP B 358 -13.51 -33.06 -34.99
CA ASP B 358 -13.34 -31.69 -34.54
C ASP B 358 -14.68 -31.09 -34.20
N GLN B 359 -14.70 -30.27 -33.16
CA GLN B 359 -15.92 -29.58 -32.70
C GLN B 359 -16.95 -30.63 -32.27
N LYS B 360 -18.23 -30.32 -32.41
CA LYS B 360 -19.28 -31.19 -31.88
C LYS B 360 -19.55 -32.36 -32.81
N CYS B 361 -20.34 -33.31 -32.30
CA CYS B 361 -20.74 -34.49 -33.05
C CYS B 361 -22.01 -35.04 -32.44
N GLU B 362 -22.68 -35.92 -33.17
CA GLU B 362 -23.98 -36.43 -32.73
C GLU B 362 -24.21 -37.83 -33.25
N ASN B 363 -25.20 -38.50 -32.64
CA ASN B 363 -25.58 -39.87 -32.94
C ASN B 363 -26.98 -39.97 -33.52
N ARG B 364 -27.51 -38.87 -34.08
CA ARG B 364 -28.93 -38.79 -34.37
C ARG B 364 -29.36 -39.80 -35.44
N GLN B 365 -28.56 -40.00 -36.48
CA GLN B 365 -28.92 -40.94 -37.53
C GLN B 365 -27.65 -41.49 -38.16
N GLY B 366 -27.75 -42.74 -38.64
CA GLY B 366 -26.59 -43.40 -39.20
C GLY B 366 -25.45 -43.52 -38.21
N ARG B 367 -25.79 -43.77 -36.94
CA ARG B 367 -24.83 -43.72 -35.84
C ARG B 367 -24.14 -42.36 -35.79
N HIS B 368 -22.83 -42.35 -35.58
CA HIS B 368 -22.12 -41.09 -35.35
C HIS B 368 -22.11 -40.23 -36.60
N GLN B 369 -22.11 -38.91 -36.39
CA GLN B 369 -22.19 -37.95 -37.48
C GLN B 369 -21.55 -36.65 -37.01
N CYS B 370 -20.32 -36.40 -37.44
CA CYS B 370 -19.66 -35.16 -37.05
C CYS B 370 -20.36 -33.96 -37.69
N LEU B 371 -20.22 -32.81 -37.04
CA LEU B 371 -20.78 -31.57 -37.57
C LEU B 371 -19.85 -30.42 -37.20
N CYS B 372 -19.96 -29.33 -37.94
CA CYS B 372 -19.11 -28.17 -37.75
C CYS B 372 -19.96 -26.93 -37.48
N GLU B 373 -19.45 -26.07 -36.60
CA GLU B 373 -20.17 -24.87 -36.21
C GLU B 373 -20.26 -23.90 -37.39
N GLU B 374 -21.26 -23.03 -37.34
CA GLU B 374 -21.44 -22.02 -38.38
C GLU B 374 -20.19 -21.16 -38.51
N GLY B 375 -19.87 -20.81 -39.75
CA GLY B 375 -18.60 -20.20 -40.06
C GLY B 375 -17.52 -21.19 -40.45
N TYR B 376 -17.53 -22.38 -39.86
CA TYR B 376 -16.66 -23.47 -40.27
C TYR B 376 -17.36 -24.30 -41.34
N ILE B 377 -16.54 -24.96 -42.16
CA ILE B 377 -17.05 -25.87 -43.18
C ILE B 377 -16.35 -27.21 -43.03
N LEU B 378 -17.12 -28.28 -43.16
CA LEU B 378 -16.60 -29.62 -42.94
C LEU B 378 -15.75 -30.07 -44.11
N GLU B 379 -14.59 -30.65 -43.80
CA GLU B 379 -13.69 -31.16 -44.82
C GLU B 379 -13.20 -32.53 -44.39
N ARG B 380 -12.89 -33.37 -45.38
CA ARG B 380 -12.36 -34.72 -45.18
C ARG B 380 -13.38 -35.64 -44.50
N GLY B 381 -14.54 -35.11 -44.13
CA GLY B 381 -15.53 -35.89 -43.41
C GLY B 381 -15.41 -35.73 -41.91
N GLN B 382 -14.18 -35.59 -41.43
CA GLN B 382 -13.91 -35.53 -39.99
C GLN B 382 -13.44 -34.15 -39.53
N HIS B 383 -12.95 -33.32 -40.43
CA HIS B 383 -12.25 -32.09 -40.08
C HIS B 383 -13.10 -30.87 -40.37
N CYS B 384 -13.08 -29.92 -39.44
CA CYS B 384 -13.79 -28.65 -39.58
C CYS B 384 -12.79 -27.56 -39.89
N LYS B 385 -12.96 -26.90 -41.03
CA LYS B 385 -12.08 -25.83 -41.47
C LYS B 385 -12.84 -24.52 -41.55
N SER B 386 -12.13 -23.43 -41.31
CA SER B 386 -12.73 -22.11 -41.41
C SER B 386 -13.09 -21.80 -42.86
N SER B 387 -14.23 -21.16 -43.05
CA SER B 387 -14.64 -20.74 -44.39
C SER B 387 -13.66 -19.70 -44.92
N ASP B 388 -13.46 -19.73 -46.24
CA ASP B 388 -12.55 -18.77 -46.88
C ASP B 388 -13.16 -17.37 -46.97
N SER B 389 -14.34 -17.15 -46.39
CA SER B 389 -14.92 -15.82 -46.39
C SER B 389 -14.29 -14.92 -45.32
N PHE B 390 -13.51 -15.50 -44.41
CA PHE B 390 -12.95 -14.77 -43.27
C PHE B 390 -11.46 -14.47 -43.42
N SER B 391 -10.93 -14.46 -44.65
CA SER B 391 -9.52 -14.19 -44.90
C SER B 391 -8.62 -15.28 -44.33
N ALA B 392 -7.40 -15.36 -44.83
CA ALA B 392 -6.45 -16.34 -44.33
C ALA B 392 -6.06 -16.04 -42.89
N ALA B 393 -5.68 -17.09 -42.17
CA ALA B 393 -5.24 -16.91 -40.79
C ALA B 393 -3.75 -16.61 -40.73
N SER B 394 -3.34 -15.98 -39.63
CA SER B 394 -1.94 -15.71 -39.36
C SER B 394 -1.68 -15.96 -37.88
N VAL B 395 -0.43 -16.27 -37.55
CA VAL B 395 -0.04 -16.54 -36.18
C VAL B 395 1.10 -15.61 -35.81
N ILE B 396 0.91 -14.84 -34.75
CA ILE B 396 1.90 -13.90 -34.23
C ILE B 396 2.50 -14.49 -32.97
N PHE B 397 3.82 -14.52 -32.92
CA PHE B 397 4.51 -15.08 -31.77
C PHE B 397 5.72 -14.22 -31.45
N SER B 398 6.14 -14.26 -30.19
CA SER B 398 7.31 -13.52 -29.77
C SER B 398 8.56 -14.32 -30.09
N ASN B 399 9.44 -13.75 -30.91
CA ASN B 399 10.72 -14.38 -31.19
C ASN B 399 11.61 -14.45 -29.96
N GLY B 400 11.30 -13.70 -28.91
CA GLY B 400 12.17 -13.55 -27.77
C GLY B 400 12.83 -12.20 -27.68
N ARG B 401 12.91 -11.46 -28.78
CA ARG B 401 13.39 -10.09 -28.78
C ARG B 401 12.41 -9.18 -29.50
N ASP B 402 11.78 -9.70 -30.55
CA ASP B 402 10.88 -8.91 -31.37
C ASP B 402 9.67 -9.75 -31.78
N LEU B 403 8.55 -9.06 -31.99
CA LEU B 403 7.29 -9.70 -32.36
C LEU B 403 7.34 -10.07 -33.84
N LEU B 404 6.85 -11.27 -34.15
CA LEU B 404 6.82 -11.75 -35.53
C LEU B 404 5.39 -12.02 -35.98
N VAL B 405 5.26 -12.44 -37.24
CA VAL B 405 4.00 -12.89 -37.80
C VAL B 405 4.32 -13.82 -38.96
N GLY B 406 3.54 -14.88 -39.11
CA GLY B 406 3.80 -15.85 -40.15
C GLY B 406 2.54 -16.54 -40.62
N ASP B 407 2.67 -17.26 -41.72
CA ASP B 407 1.58 -18.04 -42.26
C ASP B 407 1.37 -19.32 -41.46
N LEU B 408 0.25 -19.99 -41.73
CA LEU B 408 -0.11 -21.21 -41.01
C LEU B 408 0.71 -22.42 -41.43
N HIS B 409 1.77 -22.24 -42.21
CA HIS B 409 2.64 -23.34 -42.60
C HIS B 409 4.12 -23.05 -42.37
N GLY B 410 4.49 -21.80 -42.11
CA GLY B 410 5.87 -21.47 -41.83
C GLY B 410 6.72 -21.20 -43.05
N ARG B 411 6.16 -20.56 -44.07
CA ARG B 411 6.93 -20.30 -45.28
C ARG B 411 7.63 -18.95 -45.21
N ASN B 412 6.93 -17.91 -44.76
CA ASN B 412 7.48 -16.54 -44.78
C ASN B 412 7.15 -15.86 -43.46
N PHE B 413 8.20 -15.43 -42.75
CA PHE B 413 8.04 -14.78 -41.46
C PHE B 413 8.45 -13.31 -41.58
N ARG B 414 7.56 -12.42 -41.13
CA ARG B 414 7.75 -10.98 -41.25
C ARG B 414 7.84 -10.36 -39.87
N ILE B 415 8.85 -9.53 -39.65
CA ILE B 415 9.01 -8.86 -38.37
C ILE B 415 8.01 -7.70 -38.30
N LEU B 416 6.93 -7.89 -37.55
CA LEU B 416 5.92 -6.86 -37.43
C LEU B 416 6.39 -5.69 -36.58
N ALA B 417 7.10 -5.96 -35.49
CA ALA B 417 7.57 -4.90 -34.61
C ALA B 417 8.85 -5.36 -33.92
N GLU B 418 9.82 -4.47 -33.86
CA GLU B 418 11.10 -4.74 -33.21
C GLU B 418 11.18 -3.95 -31.92
N SER B 419 11.56 -4.62 -30.84
CA SER B 419 11.67 -3.95 -29.54
C SER B 419 12.93 -3.09 -29.51
N LYS B 420 12.76 -1.83 -29.16
CA LYS B 420 13.86 -0.89 -29.07
C LYS B 420 14.31 -0.75 -27.61
N ASN B 421 15.42 -0.04 -27.41
CA ASN B 421 15.97 0.22 -26.07
C ASN B 421 16.20 -1.07 -25.30
N ARG B 422 16.68 -2.11 -25.98
CA ARG B 422 16.99 -3.39 -25.36
C ARG B 422 15.75 -4.01 -24.70
N GLY B 423 14.59 -3.89 -25.31
CA GLY B 423 13.38 -4.50 -24.79
C GLY B 423 13.22 -5.93 -25.25
N MET B 424 12.06 -6.50 -24.93
CA MET B 424 11.78 -7.88 -25.30
C MET B 424 10.28 -8.13 -25.22
N VAL B 425 9.70 -8.62 -26.31
CA VAL B 425 8.26 -8.88 -26.37
C VAL B 425 7.95 -10.17 -25.63
N MET B 426 7.07 -10.08 -24.63
CA MET B 426 6.75 -11.25 -23.82
C MET B 426 5.34 -11.74 -24.12
N GLY B 427 4.32 -10.92 -23.92
CA GLY B 427 2.97 -11.38 -24.19
C GLY B 427 2.44 -10.76 -25.47
N VAL B 428 1.56 -11.49 -26.15
CA VAL B 428 0.95 -10.98 -27.37
C VAL B 428 -0.55 -11.27 -27.35
N ASP B 429 -1.31 -10.32 -27.88
CA ASP B 429 -2.74 -10.53 -28.07
C ASP B 429 -3.20 -9.55 -29.13
N PHE B 430 -4.38 -9.83 -29.68
CA PHE B 430 -4.87 -9.09 -30.84
C PHE B 430 -6.35 -8.80 -30.67
N HIS B 431 -6.80 -7.74 -31.33
CA HIS B 431 -8.22 -7.41 -31.45
C HIS B 431 -8.55 -7.34 -32.93
N TYR B 432 -9.30 -8.32 -33.42
CA TYR B 432 -9.44 -8.46 -34.87
C TYR B 432 -10.21 -7.29 -35.48
N GLN B 433 -11.35 -6.93 -34.90
CA GLN B 433 -12.18 -5.89 -35.50
C GLN B 433 -11.44 -4.55 -35.58
N LYS B 434 -10.66 -4.23 -34.55
CA LYS B 434 -9.88 -3.00 -34.56
C LYS B 434 -8.57 -3.15 -35.31
N HIS B 435 -8.29 -4.34 -35.87
CA HIS B 435 -7.05 -4.59 -36.60
C HIS B 435 -5.83 -4.23 -35.77
N ARG B 436 -5.83 -4.65 -34.50
CA ARG B 436 -4.85 -4.20 -33.54
C ARG B 436 -4.08 -5.38 -32.98
N VAL B 437 -2.80 -5.19 -32.70
CA VAL B 437 -1.96 -6.18 -32.05
C VAL B 437 -1.29 -5.54 -30.85
N PHE B 438 -1.42 -6.18 -29.69
CA PHE B 438 -0.89 -5.67 -28.44
C PHE B 438 0.27 -6.56 -27.99
N TRP B 439 1.21 -5.97 -27.27
CA TRP B 439 2.26 -6.76 -26.65
C TRP B 439 2.84 -6.03 -25.45
N THR B 440 3.49 -6.79 -24.58
CA THR B 440 4.07 -6.28 -23.35
C THR B 440 5.58 -6.43 -23.40
N ASP B 441 6.27 -5.48 -22.75
CA ASP B 441 7.73 -5.42 -22.79
C ASP B 441 8.26 -5.30 -21.36
N PRO B 442 8.48 -6.43 -20.68
CA PRO B 442 8.88 -6.38 -19.27
C PRO B 442 10.23 -5.73 -19.04
N MET B 443 11.17 -5.82 -19.98
CA MET B 443 12.47 -5.19 -19.77
C MET B 443 12.42 -3.67 -19.98
N GLN B 444 11.45 -3.18 -20.73
CA GLN B 444 11.16 -1.76 -20.76
C GLN B 444 10.05 -1.36 -19.81
N GLU B 445 9.38 -2.33 -19.19
CA GLU B 445 8.29 -2.09 -18.25
C GLU B 445 7.16 -1.30 -18.91
N LYS B 446 6.89 -1.63 -20.18
CA LYS B 446 5.87 -0.94 -20.97
C LYS B 446 5.04 -1.98 -21.71
N VAL B 447 3.84 -1.57 -22.14
CA VAL B 447 3.03 -2.34 -23.07
C VAL B 447 2.76 -1.46 -24.28
N PHE B 448 2.46 -2.09 -25.42
CA PHE B 448 2.35 -1.36 -26.67
C PHE B 448 1.12 -1.81 -27.44
N SER B 449 1.00 -1.33 -28.67
CA SER B 449 -0.11 -1.65 -29.55
C SER B 449 0.19 -1.11 -30.94
N THR B 450 -0.09 -1.94 -31.96
CA THR B 450 0.08 -1.54 -33.35
C THR B 450 -1.06 -2.08 -34.19
N ASP B 451 -1.03 -1.75 -35.47
CA ASP B 451 -1.80 -2.46 -36.46
C ASP B 451 -0.98 -3.62 -37.02
N ILE B 452 -1.65 -4.55 -37.70
CA ILE B 452 -0.96 -5.67 -38.30
C ILE B 452 -0.08 -5.22 -39.46
N ASN B 453 -0.35 -4.02 -40.01
CA ASN B 453 0.51 -3.47 -41.04
C ASN B 453 1.87 -3.08 -40.49
N GLY B 454 1.99 -2.91 -39.18
CA GLY B 454 3.24 -2.48 -38.59
C GLY B 454 3.35 -0.99 -38.35
N LEU B 455 2.26 -0.25 -38.48
CA LEU B 455 2.24 1.19 -38.32
C LEU B 455 1.34 1.57 -37.15
N ASN B 456 1.39 2.87 -36.79
CA ASN B 456 0.53 3.41 -35.74
C ASN B 456 0.80 2.76 -34.39
N THR B 457 2.02 2.91 -33.89
CA THR B 457 2.38 2.33 -32.59
C THR B 457 2.13 3.33 -31.48
N GLN B 458 1.45 2.89 -30.43
CA GLN B 458 1.19 3.72 -29.26
C GLN B 458 1.65 2.99 -28.00
N GLU B 459 2.25 3.75 -27.08
CA GLU B 459 2.66 3.24 -25.78
C GLU B 459 1.48 3.38 -24.83
N ILE B 460 0.83 2.26 -24.55
CA ILE B 460 -0.41 2.28 -23.78
C ILE B 460 -0.12 2.64 -22.32
N LEU B 461 0.62 1.78 -21.63
CA LEU B 461 0.83 1.91 -20.20
C LEU B 461 2.31 1.96 -19.88
N ASN B 462 2.68 2.83 -18.96
CA ASN B 462 4.06 2.83 -18.48
C ASN B 462 4.19 3.09 -16.98
N VAL B 463 3.10 3.16 -16.23
CA VAL B 463 3.14 3.42 -14.80
C VAL B 463 2.74 2.14 -14.06
N SER B 464 3.57 1.74 -13.10
CA SER B 464 3.32 0.61 -12.22
C SER B 464 3.30 -0.73 -12.94
N VAL B 465 3.42 -0.74 -14.26
CA VAL B 465 3.55 -2.00 -15.00
C VAL B 465 5.03 -2.36 -15.14
N ASP B 466 5.58 -3.00 -14.12
CA ASP B 466 7.02 -3.19 -14.06
C ASP B 466 7.46 -4.59 -14.46
N THR B 467 6.53 -5.54 -14.57
CA THR B 467 6.82 -6.86 -15.13
C THR B 467 5.51 -7.47 -15.62
N PRO B 468 5.00 -7.00 -16.74
CA PRO B 468 3.80 -7.63 -17.30
C PRO B 468 4.12 -8.97 -17.93
N GLU B 469 3.43 -10.02 -17.50
CA GLU B 469 3.75 -11.36 -18.00
C GLU B 469 2.94 -11.69 -19.25
N ASN B 470 1.62 -11.64 -19.16
CA ASN B 470 0.76 -12.09 -20.25
C ASN B 470 -0.38 -11.10 -20.40
N LEU B 471 -1.24 -11.37 -21.38
CA LEU B 471 -2.22 -10.39 -21.81
C LEU B 471 -3.46 -11.09 -22.35
N ALA B 472 -4.56 -10.36 -22.39
CA ALA B 472 -5.81 -10.85 -22.97
C ALA B 472 -6.74 -9.68 -23.22
N VAL B 473 -7.39 -9.67 -24.39
CA VAL B 473 -8.30 -8.60 -24.77
C VAL B 473 -9.73 -9.09 -24.65
N ASP B 474 -10.64 -8.17 -24.35
CA ASP B 474 -12.07 -8.46 -24.32
C ASP B 474 -12.70 -7.83 -25.54
N TRP B 475 -12.72 -8.58 -26.65
CA TRP B 475 -13.20 -8.04 -27.91
C TRP B 475 -14.67 -7.66 -27.88
N ILE B 476 -15.43 -8.15 -26.90
CA ILE B 476 -16.84 -7.79 -26.78
C ILE B 476 -17.02 -6.44 -26.12
N ASN B 477 -16.24 -6.14 -25.08
CA ASN B 477 -16.34 -4.87 -24.38
C ASN B 477 -15.18 -3.93 -24.70
N ASN B 478 -14.31 -4.31 -25.63
CA ASN B 478 -13.15 -3.50 -26.03
C ASN B 478 -12.28 -3.13 -24.83
N LYS B 479 -11.88 -4.15 -24.07
CA LYS B 479 -11.05 -3.97 -22.88
C LYS B 479 -9.86 -4.90 -22.93
N LEU B 480 -8.84 -4.54 -22.16
CA LEU B 480 -7.55 -5.24 -22.14
C LEU B 480 -7.27 -5.71 -20.72
N TYR B 481 -7.12 -7.01 -20.55
CA TYR B 481 -6.81 -7.60 -19.25
C TYR B 481 -5.32 -7.89 -19.17
N LEU B 482 -4.69 -7.45 -18.09
CA LEU B 482 -3.23 -7.51 -17.97
C LEU B 482 -2.84 -8.22 -16.69
N VAL B 483 -1.67 -8.86 -16.71
CA VAL B 483 -1.12 -9.56 -15.56
C VAL B 483 0.18 -8.89 -15.17
N GLU B 484 0.29 -8.49 -13.91
CA GLU B 484 1.50 -7.86 -13.38
C GLU B 484 2.07 -8.73 -12.28
N THR B 485 3.41 -8.84 -12.23
CA THR B 485 4.04 -9.74 -11.28
C THR B 485 5.17 -9.11 -10.46
N LYS B 486 5.29 -7.79 -10.41
CA LYS B 486 6.06 -7.19 -9.34
C LYS B 486 5.21 -7.09 -8.08
N VAL B 487 3.99 -6.57 -8.22
CA VAL B 487 2.93 -6.75 -7.24
C VAL B 487 1.84 -7.54 -7.93
N ASN B 488 1.61 -8.76 -7.45
CA ASN B 488 0.80 -9.73 -8.17
C ASN B 488 -0.65 -9.25 -8.23
N ARG B 489 -1.12 -8.92 -9.42
CA ARG B 489 -2.50 -8.48 -9.60
C ARG B 489 -2.88 -8.72 -11.05
N ILE B 490 -4.18 -8.66 -11.30
CA ILE B 490 -4.74 -8.75 -12.65
C ILE B 490 -5.58 -7.51 -12.88
N ASP B 491 -5.26 -6.75 -13.91
CA ASP B 491 -5.87 -5.45 -14.16
C ASP B 491 -6.71 -5.49 -15.42
N VAL B 492 -7.52 -4.45 -15.60
CA VAL B 492 -8.29 -4.27 -16.82
C VAL B 492 -8.25 -2.79 -17.20
N VAL B 493 -8.04 -2.54 -18.48
CA VAL B 493 -7.85 -1.19 -18.99
C VAL B 493 -8.39 -1.13 -20.41
N ASN B 494 -8.85 0.06 -20.81
CA ASN B 494 -9.34 0.24 -22.16
C ASN B 494 -8.20 0.15 -23.17
N LEU B 495 -8.56 -0.04 -24.44
CA LEU B 495 -7.56 -0.18 -25.48
C LEU B 495 -6.71 1.07 -25.67
N GLU B 496 -7.16 2.21 -25.18
CA GLU B 496 -6.34 3.42 -25.20
C GLU B 496 -5.59 3.65 -23.90
N GLY B 497 -5.75 2.76 -22.92
CA GLY B 497 -4.95 2.80 -21.71
C GLY B 497 -5.49 3.65 -20.59
N ASN B 498 -6.75 4.05 -20.63
CA ASN B 498 -7.32 4.87 -19.57
C ASN B 498 -8.22 4.05 -18.67
N GLN B 499 -8.68 4.68 -17.59
CA GLN B 499 -9.57 4.09 -16.60
C GLN B 499 -9.14 2.67 -16.22
N ARG B 500 -7.96 2.61 -15.61
CA ARG B 500 -7.42 1.35 -15.09
C ARG B 500 -8.06 1.00 -13.76
N VAL B 501 -8.50 -0.25 -13.62
CA VAL B 501 -9.07 -0.75 -12.38
C VAL B 501 -8.56 -2.16 -12.13
N THR B 502 -8.25 -2.46 -10.88
CA THR B 502 -7.74 -3.77 -10.50
C THR B 502 -8.89 -4.71 -10.17
N LEU B 503 -8.80 -5.94 -10.66
CA LEU B 503 -9.87 -6.92 -10.46
C LEU B 503 -9.52 -7.99 -9.42
N ILE B 504 -8.41 -8.70 -9.59
CA ILE B 504 -8.02 -9.75 -8.67
C ILE B 504 -6.63 -9.43 -8.12
N THR B 505 -6.52 -9.37 -6.81
CA THR B 505 -5.21 -9.17 -6.17
C THR B 505 -5.00 -10.06 -4.96
N GLU B 506 -5.93 -10.93 -4.63
CA GLU B 506 -5.79 -11.77 -3.43
C GLU B 506 -5.14 -13.10 -3.78
N ASN B 507 -4.06 -13.42 -3.08
CA ASN B 507 -3.48 -14.76 -3.02
C ASN B 507 -2.87 -15.21 -4.34
N LEU B 508 -2.58 -14.32 -5.28
CA LEU B 508 -2.12 -14.77 -6.59
C LEU B 508 -0.73 -15.39 -6.52
N GLY B 509 0.24 -14.72 -5.91
CA GLY B 509 1.55 -15.31 -5.73
C GLY B 509 2.44 -15.31 -6.95
N HIS B 510 2.02 -15.93 -8.06
CA HIS B 510 2.84 -16.03 -9.26
C HIS B 510 1.95 -16.25 -10.48
N PRO B 511 1.06 -15.31 -10.79
CA PRO B 511 0.20 -15.48 -11.97
C PRO B 511 1.01 -15.39 -13.25
N ARG B 512 0.71 -16.30 -14.17
CA ARG B 512 1.46 -16.34 -15.43
C ARG B 512 0.58 -16.34 -16.66
N GLY B 513 -0.54 -17.04 -16.62
CA GLY B 513 -1.39 -17.21 -17.78
C GLY B 513 -2.75 -16.57 -17.60
N ILE B 514 -3.39 -16.23 -18.73
CA ILE B 514 -4.71 -15.62 -18.69
C ILE B 514 -5.40 -15.87 -20.03
N ALA B 515 -6.71 -16.02 -19.98
CA ALA B 515 -7.52 -16.24 -21.17
C ALA B 515 -8.94 -15.80 -20.85
N LEU B 516 -9.71 -15.50 -21.89
CA LEU B 516 -11.04 -14.96 -21.74
C LEU B 516 -12.03 -15.66 -22.65
N ASP B 517 -13.29 -15.71 -22.22
CA ASP B 517 -14.41 -16.13 -23.06
C ASP B 517 -15.53 -15.13 -22.86
N PRO B 518 -15.46 -13.96 -23.51
CA PRO B 518 -16.50 -12.94 -23.31
C PRO B 518 -17.89 -13.40 -23.70
N THR B 519 -18.03 -14.32 -24.67
CA THR B 519 -19.35 -14.78 -25.05
C THR B 519 -20.09 -15.41 -23.88
N VAL B 520 -19.37 -16.17 -23.05
CA VAL B 520 -19.95 -16.74 -21.84
C VAL B 520 -19.76 -15.83 -20.64
N GLY B 521 -18.61 -15.17 -20.54
CA GLY B 521 -18.34 -14.28 -19.44
C GLY B 521 -17.40 -14.83 -18.39
N TYR B 522 -16.47 -15.69 -18.78
CA TYR B 522 -15.54 -16.31 -17.85
C TYR B 522 -14.15 -15.73 -18.03
N LEU B 523 -13.37 -15.73 -16.95
CA LEU B 523 -11.97 -15.36 -16.97
C LEU B 523 -11.16 -16.49 -16.36
N PHE B 524 -10.23 -17.05 -17.14
CA PHE B 524 -9.39 -18.15 -16.72
C PHE B 524 -7.96 -17.65 -16.54
N PHE B 525 -7.32 -18.06 -15.46
CA PHE B 525 -5.93 -17.70 -15.24
C PHE B 525 -5.27 -18.76 -14.38
N SER B 526 -3.94 -18.79 -14.43
CA SER B 526 -3.17 -19.78 -13.71
C SER B 526 -1.99 -19.12 -13.01
N ASP B 527 -1.63 -19.68 -11.86
CA ASP B 527 -0.44 -19.28 -11.14
C ASP B 527 0.30 -20.53 -10.68
N TRP B 528 1.63 -20.45 -10.68
CA TRP B 528 2.46 -21.59 -10.30
C TRP B 528 2.86 -21.55 -8.84
N GLY B 529 1.96 -21.10 -7.98
CA GLY B 529 2.18 -21.03 -6.56
C GLY B 529 1.58 -19.77 -5.99
N SER B 530 0.69 -19.93 -5.02
CA SER B 530 0.00 -18.81 -4.43
C SER B 530 0.82 -18.27 -3.27
N LEU B 531 0.23 -17.37 -2.48
CA LEU B 531 0.85 -17.02 -1.22
C LEU B 531 0.93 -18.25 -0.31
N SER B 532 -0.14 -19.05 -0.29
CA SER B 532 -0.07 -20.38 0.28
C SER B 532 0.74 -21.29 -0.66
N GLY B 533 0.84 -22.56 -0.27
CA GLY B 533 1.75 -23.45 -0.96
C GLY B 533 1.23 -24.05 -2.25
N GLN B 534 -0.07 -23.96 -2.51
CA GLN B 534 -0.68 -24.79 -3.54
C GLN B 534 -0.69 -24.07 -4.90
N PRO B 535 0.00 -24.58 -5.91
CA PRO B 535 -0.23 -24.12 -7.28
C PRO B 535 -1.59 -24.57 -7.77
N LYS B 536 -2.16 -23.80 -8.69
CA LYS B 536 -3.52 -24.09 -9.13
C LYS B 536 -3.79 -23.38 -10.45
N VAL B 537 -4.94 -23.72 -11.04
CA VAL B 537 -5.49 -23.01 -12.19
C VAL B 537 -6.90 -22.58 -11.82
N GLU B 538 -7.17 -21.29 -11.92
CA GLU B 538 -8.40 -20.71 -11.40
C GLU B 538 -9.35 -20.33 -12.51
N ARG B 539 -10.63 -20.27 -12.18
CA ARG B 539 -11.67 -19.76 -13.04
C ARG B 539 -12.49 -18.74 -12.27
N ALA B 540 -12.87 -17.67 -12.94
CA ALA B 540 -13.66 -16.62 -12.30
C ALA B 540 -14.50 -15.91 -13.34
N PHE B 541 -15.51 -15.19 -12.86
CA PHE B 541 -16.27 -14.32 -13.74
C PHE B 541 -15.35 -13.27 -14.33
N MET B 542 -15.81 -12.63 -15.39
CA MET B 542 -14.87 -11.76 -16.09
C MET B 542 -14.66 -10.43 -15.41
N ASP B 543 -15.03 -10.31 -14.12
CA ASP B 543 -14.66 -9.18 -13.31
C ASP B 543 -14.10 -9.59 -11.95
N GLY B 544 -13.72 -10.84 -11.79
CA GLY B 544 -13.28 -11.36 -10.49
C GLY B 544 -14.38 -12.19 -9.82
N SER B 545 -14.89 -11.68 -8.70
CA SER B 545 -16.06 -12.24 -8.04
C SER B 545 -15.88 -13.70 -7.66
N ASN B 546 -16.60 -14.59 -8.35
CA ASN B 546 -16.71 -15.99 -7.94
C ASN B 546 -15.51 -16.79 -8.44
N ARG B 547 -14.38 -16.62 -7.75
CA ARG B 547 -13.21 -17.41 -8.03
C ARG B 547 -13.44 -18.87 -7.66
N LYS B 548 -12.84 -19.77 -8.42
CA LYS B 548 -12.94 -21.19 -8.16
C LYS B 548 -11.69 -21.88 -8.65
N ASP B 549 -11.15 -22.78 -7.82
CA ASP B 549 -10.01 -23.59 -8.24
C ASP B 549 -10.47 -24.64 -9.24
N LEU B 550 -10.06 -24.48 -10.49
CA LEU B 550 -10.54 -25.38 -11.54
C LEU B 550 -9.76 -26.68 -11.54
N VAL B 551 -8.44 -26.61 -11.58
CA VAL B 551 -7.59 -27.80 -11.53
C VAL B 551 -6.58 -27.62 -10.40
N THR B 552 -6.52 -28.60 -9.50
CA THR B 552 -5.70 -28.49 -8.31
C THR B 552 -4.73 -29.64 -8.10
N THR B 553 -4.91 -30.78 -8.77
CA THR B 553 -4.11 -31.97 -8.53
C THR B 553 -3.12 -32.19 -9.66
N LYS B 554 -1.89 -32.52 -9.29
CA LYS B 554 -0.81 -32.80 -10.27
C LYS B 554 -0.61 -31.61 -11.20
N VAL B 555 -0.44 -30.43 -10.61
CA VAL B 555 -0.47 -29.19 -11.39
C VAL B 555 0.92 -28.69 -11.73
N GLY B 556 1.80 -28.53 -10.74
CA GLY B 556 3.15 -28.09 -11.05
C GLY B 556 3.22 -26.59 -11.27
N TRP B 557 3.59 -26.20 -12.49
CA TRP B 557 3.75 -24.79 -12.87
C TRP B 557 2.93 -24.51 -14.12
N PRO B 558 1.64 -24.23 -13.98
CA PRO B 558 0.83 -23.88 -15.15
C PRO B 558 1.29 -22.58 -15.78
N ALA B 559 1.79 -22.63 -17.00
CA ALA B 559 2.51 -21.52 -17.60
C ALA B 559 1.74 -20.78 -18.68
N GLY B 560 0.57 -21.26 -19.08
CA GLY B 560 -0.16 -20.56 -20.13
C GLY B 560 -1.50 -21.19 -20.43
N ILE B 561 -2.51 -20.39 -20.74
CA ILE B 561 -3.87 -20.88 -20.91
C ILE B 561 -4.43 -20.36 -22.22
N THR B 562 -5.16 -21.22 -22.92
CA THR B 562 -5.94 -20.83 -24.08
C THR B 562 -7.27 -21.57 -24.04
N LEU B 563 -8.24 -21.07 -24.79
CA LEU B 563 -9.58 -21.63 -24.79
C LEU B 563 -10.00 -22.05 -26.19
N ASP B 564 -10.67 -23.20 -26.26
CA ASP B 564 -11.38 -23.60 -27.47
C ASP B 564 -12.81 -23.09 -27.36
N LEU B 565 -13.15 -22.08 -28.14
CA LEU B 565 -14.38 -21.33 -27.90
C LEU B 565 -15.63 -22.06 -28.37
N VAL B 566 -15.51 -23.03 -29.27
CA VAL B 566 -16.66 -23.78 -29.73
C VAL B 566 -16.82 -25.11 -29.00
N SER B 567 -15.73 -25.75 -28.58
CA SER B 567 -15.83 -26.96 -27.79
C SER B 567 -15.94 -26.68 -26.30
N LYS B 568 -15.77 -25.42 -25.90
CA LYS B 568 -15.86 -25.00 -24.50
C LYS B 568 -14.91 -25.81 -23.61
N ARG B 569 -13.62 -25.72 -23.92
CA ARG B 569 -12.58 -26.38 -23.15
C ARG B 569 -11.41 -25.42 -22.95
N VAL B 570 -10.67 -25.62 -21.89
CA VAL B 570 -9.46 -24.84 -21.64
C VAL B 570 -8.25 -25.72 -21.87
N TYR B 571 -7.16 -25.11 -22.33
CA TYR B 571 -5.91 -25.81 -22.58
C TYR B 571 -4.80 -25.08 -21.85
N TRP B 572 -4.01 -25.80 -21.07
CA TRP B 572 -2.91 -25.19 -20.35
C TRP B 572 -1.71 -26.12 -20.38
N VAL B 573 -0.54 -25.55 -20.15
CA VAL B 573 0.72 -26.27 -20.18
C VAL B 573 1.37 -26.16 -18.80
N ASP B 574 2.42 -26.93 -18.61
CA ASP B 574 3.14 -26.93 -17.34
C ASP B 574 4.63 -27.10 -17.62
N SER B 575 5.45 -26.40 -16.85
CA SER B 575 6.89 -26.39 -17.07
C SER B 575 7.67 -27.32 -16.13
N ARG B 576 7.01 -27.88 -15.11
CA ARG B 576 7.67 -28.81 -14.22
C ARG B 576 7.27 -30.26 -14.47
N TYR B 577 5.97 -30.55 -14.49
CA TYR B 577 5.52 -31.88 -14.86
C TYR B 577 5.52 -32.07 -16.38
N ASP B 578 5.67 -31.00 -17.14
CA ASP B 578 5.93 -31.06 -18.58
C ASP B 578 4.82 -31.82 -19.32
N TYR B 579 3.63 -31.24 -19.32
CA TYR B 579 2.50 -31.81 -20.04
C TYR B 579 1.63 -30.69 -20.59
N ILE B 580 0.74 -31.05 -21.52
CA ILE B 580 -0.28 -30.16 -22.05
C ILE B 580 -1.62 -30.84 -21.84
N GLU B 581 -2.49 -30.21 -21.06
CA GLU B 581 -3.73 -30.84 -20.65
C GLU B 581 -4.91 -30.00 -21.09
N THR B 582 -6.10 -30.60 -21.04
CA THR B 582 -7.32 -29.90 -21.38
C THR B 582 -8.44 -30.37 -20.46
N VAL B 583 -9.23 -29.41 -19.97
CA VAL B 583 -10.41 -29.68 -19.17
C VAL B 583 -11.53 -28.82 -19.71
N THR B 584 -12.77 -29.24 -19.46
CA THR B 584 -13.89 -28.43 -19.87
C THR B 584 -13.98 -27.19 -18.97
N TYR B 585 -14.95 -26.33 -19.27
CA TYR B 585 -15.10 -25.10 -18.50
C TYR B 585 -15.36 -25.36 -17.03
N ASP B 586 -15.94 -26.51 -16.69
CA ASP B 586 -16.14 -26.90 -15.31
C ASP B 586 -15.01 -27.76 -14.76
N GLY B 587 -13.97 -27.99 -15.56
CA GLY B 587 -12.85 -28.81 -15.12
C GLY B 587 -13.14 -30.28 -14.98
N ILE B 588 -14.14 -30.80 -15.70
CA ILE B 588 -14.62 -32.16 -15.50
C ILE B 588 -13.71 -33.17 -16.19
N GLN B 589 -13.64 -33.11 -17.51
CA GLN B 589 -12.97 -34.17 -18.28
C GLN B 589 -11.53 -33.75 -18.55
N ARG B 590 -10.61 -34.29 -17.76
CA ARG B 590 -9.20 -33.93 -17.86
C ARG B 590 -8.49 -34.94 -18.75
N LYS B 591 -7.97 -34.48 -19.88
CA LYS B 591 -7.31 -35.34 -20.85
C LYS B 591 -5.97 -34.75 -21.24
N THR B 592 -4.92 -35.56 -21.22
CA THR B 592 -3.62 -35.13 -21.69
C THR B 592 -3.56 -35.19 -23.20
N VAL B 593 -2.92 -34.19 -23.81
CA VAL B 593 -2.67 -34.20 -25.24
C VAL B 593 -1.20 -34.35 -25.57
N ALA B 594 -0.30 -34.20 -24.61
CA ALA B 594 1.12 -34.45 -24.80
C ALA B 594 1.77 -34.53 -23.42
N ARG B 595 2.69 -35.48 -23.28
CA ARG B 595 3.33 -35.68 -21.98
C ARG B 595 4.70 -36.28 -22.22
N GLY B 596 5.68 -35.81 -21.47
CA GLY B 596 7.03 -36.35 -21.56
C GLY B 596 8.10 -35.29 -21.70
N GLY B 597 9.23 -35.51 -21.04
CA GLY B 597 10.33 -34.57 -21.10
C GLY B 597 10.99 -34.51 -22.46
N SER B 598 10.65 -35.46 -23.33
CA SER B 598 11.21 -35.46 -24.67
C SER B 598 10.35 -34.67 -25.64
N LEU B 599 9.06 -34.52 -25.35
CA LEU B 599 8.15 -33.86 -26.27
C LEU B 599 7.88 -32.41 -25.91
N VAL B 600 7.57 -32.12 -24.65
CA VAL B 600 7.21 -30.77 -24.24
C VAL B 600 8.07 -30.37 -23.04
N PRO B 601 9.39 -30.20 -23.23
CA PRO B 601 10.27 -30.05 -22.06
C PRO B 601 10.00 -28.83 -21.21
N HIS B 602 9.60 -27.71 -21.79
CA HIS B 602 9.38 -26.47 -21.03
C HIS B 602 8.49 -25.53 -21.81
N PRO B 603 7.21 -25.81 -21.87
CA PRO B 603 6.29 -24.91 -22.58
C PRO B 603 6.09 -23.62 -21.81
N PHE B 604 5.86 -22.53 -22.56
CA PHE B 604 5.46 -21.29 -21.93
C PHE B 604 4.06 -20.84 -22.37
N GLY B 605 3.88 -20.63 -23.66
CA GLY B 605 2.65 -20.09 -24.19
C GLY B 605 1.91 -21.11 -25.02
N ILE B 606 0.65 -20.81 -25.33
CA ILE B 606 -0.19 -21.76 -26.04
C ILE B 606 -1.36 -21.02 -26.66
N SER B 607 -1.70 -21.41 -27.89
CA SER B 607 -2.94 -20.99 -28.51
C SER B 607 -3.29 -21.97 -29.61
N LEU B 608 -4.58 -22.16 -29.82
CA LEU B 608 -5.08 -23.20 -30.71
C LEU B 608 -5.85 -22.58 -31.86
N PHE B 609 -5.95 -23.35 -32.95
CA PHE B 609 -6.75 -22.96 -34.09
C PHE B 609 -7.12 -24.22 -34.88
N GLU B 610 -8.42 -24.41 -35.12
CA GLU B 610 -8.92 -25.56 -35.85
C GLU B 610 -8.46 -26.87 -35.21
N GLU B 611 -7.63 -27.63 -35.92
CA GLU B 611 -7.17 -28.93 -35.44
C GLU B 611 -5.82 -28.87 -34.74
N HIS B 612 -5.22 -27.69 -34.61
CA HIS B 612 -3.87 -27.55 -34.09
C HIS B 612 -3.85 -26.73 -32.82
N VAL B 613 -2.85 -26.99 -31.99
CA VAL B 613 -2.51 -26.12 -30.86
C VAL B 613 -1.06 -25.67 -31.04
N PHE B 614 -0.83 -24.37 -30.93
CA PHE B 614 0.50 -23.80 -31.08
C PHE B 614 1.03 -23.44 -29.71
N PHE B 615 2.12 -24.06 -29.30
CA PHE B 615 2.71 -23.81 -28.01
C PHE B 615 4.20 -23.54 -28.19
N THR B 616 4.75 -22.77 -27.27
CA THR B 616 6.15 -22.39 -27.29
C THR B 616 6.97 -23.28 -26.38
N ASP B 617 8.26 -23.01 -26.30
CA ASP B 617 9.16 -23.93 -25.62
C ASP B 617 10.47 -23.22 -25.32
N TRP B 618 10.83 -23.12 -24.04
CA TRP B 618 12.09 -22.51 -23.67
C TRP B 618 13.28 -23.46 -23.80
N THR B 619 13.02 -24.76 -23.92
CA THR B 619 14.08 -25.76 -23.99
C THR B 619 14.38 -26.23 -25.40
N LYS B 620 13.36 -26.55 -26.19
CA LYS B 620 13.55 -26.80 -27.60
C LYS B 620 13.72 -25.51 -28.40
N MET B 621 13.48 -24.36 -27.76
CA MET B 621 13.74 -23.04 -28.31
C MET B 621 12.94 -22.74 -29.57
N ALA B 622 11.70 -23.19 -29.65
CA ALA B 622 10.93 -23.03 -30.87
C ALA B 622 9.45 -22.95 -30.59
N VAL B 623 8.72 -22.40 -31.53
CA VAL B 623 7.27 -22.50 -31.54
C VAL B 623 6.88 -23.83 -32.13
N MET B 624 6.05 -24.59 -31.41
CA MET B 624 5.70 -25.94 -31.81
C MET B 624 4.25 -26.01 -32.26
N LYS B 625 3.98 -26.85 -33.25
CA LYS B 625 2.64 -27.11 -33.73
C LYS B 625 2.26 -28.53 -33.36
N ALA B 626 1.09 -28.69 -32.74
CA ALA B 626 0.65 -30.00 -32.28
C ALA B 626 -0.85 -30.13 -32.47
N SER B 627 -1.30 -31.38 -32.62
CA SER B 627 -2.73 -31.65 -32.71
C SER B 627 -3.39 -31.41 -31.35
N LYS B 628 -4.68 -31.08 -31.40
CA LYS B 628 -5.39 -30.71 -30.18
C LYS B 628 -5.94 -31.91 -29.42
N PHE B 629 -5.89 -33.11 -29.99
CA PHE B 629 -6.53 -34.28 -29.40
C PHE B 629 -5.53 -35.23 -28.77
N THR B 630 -4.54 -35.69 -29.53
CA THR B 630 -3.50 -36.56 -28.99
C THR B 630 -2.30 -36.46 -29.90
N GLU B 631 -1.14 -36.18 -29.32
CA GLU B 631 0.07 -35.86 -30.07
C GLU B 631 1.24 -36.64 -29.49
N THR B 632 2.07 -37.19 -30.38
CA THR B 632 3.23 -37.99 -29.96
C THR B 632 4.52 -37.49 -30.58
N ASN B 633 4.49 -36.45 -31.40
CA ASN B 633 5.72 -35.89 -31.94
C ASN B 633 5.51 -34.43 -32.30
N PRO B 634 6.24 -33.51 -31.67
CA PRO B 634 6.10 -32.10 -32.01
C PRO B 634 6.82 -31.76 -33.31
N GLN B 635 6.27 -30.79 -34.03
CA GLN B 635 6.87 -30.29 -35.25
C GLN B 635 7.35 -28.87 -35.02
N VAL B 636 8.60 -28.61 -35.38
CA VAL B 636 9.17 -27.28 -35.20
C VAL B 636 8.53 -26.34 -36.22
N TYR B 637 7.64 -25.48 -35.75
CA TYR B 637 7.06 -24.47 -36.64
C TYR B 637 8.12 -23.43 -37.01
N HIS B 638 8.67 -22.73 -36.01
CA HIS B 638 9.76 -21.80 -36.25
C HIS B 638 10.74 -21.89 -35.09
N GLN B 639 12.01 -22.15 -35.39
CA GLN B 639 13.01 -22.33 -34.36
C GLN B 639 13.77 -21.02 -34.15
N SER B 640 13.74 -20.52 -32.93
CA SER B 640 14.43 -19.29 -32.58
C SER B 640 15.82 -19.59 -32.05
N SER B 641 16.62 -18.54 -31.92
CA SER B 641 17.87 -18.62 -31.17
C SER B 641 17.74 -18.06 -29.77
N LEU B 642 16.54 -17.59 -29.39
CA LEU B 642 16.27 -17.04 -28.07
C LEU B 642 14.95 -17.60 -27.59
N ARG B 643 14.74 -17.55 -26.28
CA ARG B 643 13.56 -18.14 -25.66
C ARG B 643 12.28 -17.51 -26.21
N PRO B 644 11.38 -18.29 -26.81
CA PRO B 644 10.13 -17.72 -27.31
C PRO B 644 9.14 -17.46 -26.18
N HIS B 645 8.04 -16.82 -26.54
CA HIS B 645 7.05 -16.38 -25.56
C HIS B 645 5.65 -16.52 -26.14
N GLY B 646 4.67 -15.85 -25.54
CA GLY B 646 3.28 -16.10 -25.86
C GLY B 646 3.00 -16.09 -27.35
N VAL B 647 2.06 -16.95 -27.77
CA VAL B 647 1.65 -17.12 -29.15
C VAL B 647 0.14 -16.98 -29.22
N THR B 648 -0.35 -16.32 -30.27
CA THR B 648 -1.78 -16.26 -30.55
C THR B 648 -1.98 -16.41 -32.05
N VAL B 649 -3.12 -16.96 -32.45
CA VAL B 649 -3.45 -17.12 -33.85
C VAL B 649 -4.37 -15.98 -34.26
N TYR B 650 -3.92 -15.16 -35.21
CA TYR B 650 -4.68 -13.99 -35.65
C TYR B 650 -5.70 -14.45 -36.69
N HIS B 651 -6.97 -14.50 -36.29
CA HIS B 651 -8.03 -14.92 -37.19
C HIS B 651 -9.35 -14.40 -36.66
N ALA B 652 -10.34 -14.34 -37.56
CA ALA B 652 -11.64 -13.82 -37.18
C ALA B 652 -12.39 -14.79 -36.27
N LEU B 653 -12.35 -16.08 -36.60
CA LEU B 653 -13.09 -17.07 -35.83
C LEU B 653 -12.55 -17.20 -34.41
N ARG B 654 -11.32 -16.79 -34.17
CA ARG B 654 -10.76 -16.80 -32.82
C ARG B 654 -11.48 -15.86 -31.88
N GLN B 655 -12.26 -14.92 -32.41
CA GLN B 655 -13.03 -13.96 -31.63
C GLN B 655 -14.45 -13.90 -32.17
N PRO B 656 -15.29 -14.87 -31.82
CA PRO B 656 -16.66 -14.88 -32.34
C PRO B 656 -17.46 -13.69 -31.84
N ASN B 657 -18.48 -13.34 -32.62
CA ASN B 657 -19.32 -12.20 -32.30
C ASN B 657 -20.26 -12.53 -31.14
N ALA B 658 -20.68 -11.47 -30.44
CA ALA B 658 -21.68 -11.57 -29.39
C ALA B 658 -22.17 -10.16 -29.09
N THR B 659 -23.32 -10.10 -28.41
CA THR B 659 -23.85 -8.81 -27.99
C THR B 659 -23.08 -8.28 -26.78
N ASN B 660 -23.02 -6.95 -26.68
CA ASN B 660 -22.27 -6.30 -25.60
C ASN B 660 -23.24 -5.71 -24.60
N PRO B 661 -23.38 -6.29 -23.41
CA PRO B 661 -24.31 -5.71 -22.42
C PRO B 661 -24.00 -4.27 -22.04
N CYS B 662 -22.72 -3.90 -21.95
CA CYS B 662 -22.36 -2.52 -21.65
C CYS B 662 -22.43 -1.63 -22.88
N GLY B 663 -23.04 -2.09 -23.96
CA GLY B 663 -22.98 -1.41 -25.25
C GLY B 663 -23.68 -0.08 -25.33
N SER B 664 -24.52 0.26 -24.36
CA SER B 664 -25.20 1.54 -24.36
C SER B 664 -25.23 2.08 -22.93
N ASN B 665 -25.20 3.40 -22.81
CA ASN B 665 -25.23 4.11 -21.54
C ASN B 665 -24.10 3.69 -20.61
N ASN B 666 -23.06 3.05 -21.14
CA ASN B 666 -22.01 2.43 -20.33
C ASN B 666 -22.60 1.49 -19.29
N GLY B 667 -23.76 0.91 -19.60
CA GLY B 667 -24.47 0.07 -18.67
C GLY B 667 -25.02 0.78 -17.45
N GLY B 668 -25.11 2.10 -17.49
CA GLY B 668 -25.49 2.86 -16.32
C GLY B 668 -24.38 3.07 -15.32
N CYS B 669 -23.23 2.43 -15.52
CA CYS B 669 -22.10 2.63 -14.63
C CYS B 669 -21.52 4.02 -14.79
N ALA B 670 -21.13 4.62 -13.67
CA ALA B 670 -20.62 5.99 -13.71
C ALA B 670 -19.31 6.10 -14.47
N GLN B 671 -18.35 5.20 -14.22
CA GLN B 671 -17.03 5.36 -14.81
C GLN B 671 -16.66 4.24 -15.77
N VAL B 672 -16.67 3.00 -15.31
CA VAL B 672 -16.17 1.87 -16.07
C VAL B 672 -17.13 0.70 -15.94
N CYS B 673 -17.52 0.12 -17.07
CA CYS B 673 -18.43 -1.01 -17.13
C CYS B 673 -17.64 -2.25 -17.52
N VAL B 674 -17.59 -3.22 -16.62
CA VAL B 674 -16.83 -4.46 -16.83
C VAL B 674 -17.82 -5.61 -16.87
N LEU B 675 -17.71 -6.44 -17.91
CA LEU B 675 -18.64 -7.56 -18.07
C LEU B 675 -18.43 -8.60 -16.99
N SER B 676 -19.52 -9.09 -16.45
CA SER B 676 -19.53 -10.25 -15.57
C SER B 676 -20.01 -11.46 -16.37
N HIS B 677 -20.25 -12.56 -15.67
CA HIS B 677 -20.87 -13.71 -16.32
C HIS B 677 -22.26 -13.33 -16.83
N ARG B 678 -22.70 -14.01 -17.89
CA ARG B 678 -23.95 -13.63 -18.54
C ARG B 678 -25.13 -13.67 -17.58
N THR B 679 -25.07 -14.51 -16.54
CA THR B 679 -26.19 -14.65 -15.63
C THR B 679 -26.02 -13.82 -14.37
N ASP B 680 -24.88 -13.17 -14.17
CA ASP B 680 -24.65 -12.43 -12.93
C ASP B 680 -25.34 -11.07 -12.96
N ASN B 681 -25.38 -10.42 -11.80
CA ASN B 681 -26.01 -9.12 -11.62
C ASN B 681 -27.50 -9.17 -12.00
N GLY B 682 -28.15 -10.28 -11.64
CA GLY B 682 -29.56 -10.43 -11.92
C GLY B 682 -29.93 -10.44 -13.38
N GLY B 683 -29.13 -11.08 -14.22
CA GLY B 683 -29.42 -11.19 -15.63
C GLY B 683 -28.92 -10.06 -16.50
N LEU B 684 -28.35 -9.01 -15.91
CA LEU B 684 -27.80 -7.92 -16.71
C LEU B 684 -26.46 -8.28 -17.32
N GLY B 685 -25.63 -9.07 -16.63
CA GLY B 685 -24.38 -9.53 -17.21
C GLY B 685 -23.22 -8.57 -17.10
N TYR B 686 -23.31 -7.55 -16.25
CA TYR B 686 -22.21 -6.62 -16.04
C TYR B 686 -22.25 -6.09 -14.63
N ARG B 687 -21.09 -5.66 -14.14
CA ARG B 687 -20.99 -5.05 -12.82
C ARG B 687 -20.11 -3.81 -12.92
N CYS B 688 -20.55 -2.75 -12.24
CA CYS B 688 -19.87 -1.47 -12.30
C CYS B 688 -18.68 -1.43 -11.35
N LYS B 689 -17.59 -0.82 -11.81
CA LYS B 689 -16.42 -0.58 -11.00
C LYS B 689 -16.14 0.91 -10.97
N CYS B 690 -15.17 1.30 -10.15
CA CYS B 690 -14.76 2.70 -10.05
C CYS B 690 -13.26 2.80 -10.12
N GLU B 691 -12.76 3.85 -10.76
CA GLU B 691 -11.33 4.02 -10.92
C GLU B 691 -10.66 4.22 -9.55
N PHE B 692 -9.33 4.18 -9.56
CA PHE B 692 -8.59 4.06 -8.31
C PHE B 692 -8.81 5.24 -7.36
N GLY B 693 -9.19 6.39 -7.87
CA GLY B 693 -9.42 7.52 -6.99
C GLY B 693 -10.76 7.54 -6.31
N PHE B 694 -11.64 6.58 -6.61
CA PHE B 694 -13.01 6.62 -6.15
C PHE B 694 -13.45 5.22 -5.73
N GLU B 695 -14.71 5.11 -5.33
CA GLU B 695 -15.30 3.84 -4.95
C GLU B 695 -16.81 3.93 -5.09
N LEU B 696 -17.44 2.76 -5.20
CA LEU B 696 -18.86 2.70 -5.53
C LEU B 696 -19.73 3.32 -4.44
N ASP B 697 -20.87 3.87 -4.86
CA ASP B 697 -21.81 4.45 -3.92
C ASP B 697 -22.62 3.36 -3.24
N ASP B 698 -23.41 3.77 -2.24
CA ASP B 698 -24.31 2.83 -1.58
C ASP B 698 -25.36 2.28 -2.53
N ASP B 699 -25.88 3.12 -3.41
CA ASP B 699 -26.89 2.71 -4.39
C ASP B 699 -26.27 2.22 -5.69
N GLU B 700 -24.97 2.01 -5.73
CA GLU B 700 -24.24 1.55 -6.92
C GLU B 700 -24.36 2.54 -8.06
N HIS B 701 -23.71 2.25 -9.19
CA HIS B 701 -23.75 3.08 -10.39
C HIS B 701 -23.18 4.48 -10.18
N ARG B 702 -22.69 4.78 -8.98
CA ARG B 702 -22.11 6.09 -8.72
C ARG B 702 -20.77 5.95 -8.02
N CYS B 703 -19.78 6.68 -8.52
CA CYS B 703 -18.42 6.60 -8.00
C CYS B 703 -18.11 7.89 -7.25
N VAL B 704 -17.89 7.77 -5.95
CA VAL B 704 -17.57 8.91 -5.10
C VAL B 704 -16.15 8.73 -4.58
N ALA B 705 -15.52 9.85 -4.23
CA ALA B 705 -14.12 9.82 -3.82
C ALA B 705 -13.94 8.98 -2.57
N VAL B 706 -12.82 8.26 -2.51
CA VAL B 706 -12.55 7.38 -1.37
C VAL B 706 -12.19 8.23 -0.16
N LYS B 707 -12.70 7.86 1.02
CA LYS B 707 -12.45 8.68 2.22
C LYS B 707 -11.23 8.15 2.96
N ASN B 708 -11.13 6.83 3.14
CA ASN B 708 -10.06 6.29 3.95
C ASN B 708 -9.66 4.91 3.45
N PHE B 709 -8.39 4.56 3.69
CA PHE B 709 -7.87 3.24 3.39
C PHE B 709 -6.54 3.07 4.11
N LEU B 710 -6.12 1.83 4.25
CA LEU B 710 -4.84 1.53 4.88
C LEU B 710 -3.73 1.69 3.85
N LEU B 711 -2.69 2.44 4.20
CA LEU B 711 -1.57 2.69 3.32
C LEU B 711 -0.32 2.10 3.97
N PHE B 712 0.36 1.21 3.26
CA PHE B 712 1.54 0.56 3.80
C PHE B 712 2.65 0.54 2.75
N SER B 713 3.86 0.33 3.22
CA SER B 713 5.06 0.42 2.39
C SER B 713 5.94 -0.80 2.60
N SER B 714 6.59 -1.23 1.53
CA SER B 714 7.53 -2.35 1.59
C SER B 714 8.65 -2.08 0.60
N LYS B 715 9.60 -3.03 0.52
CA LYS B 715 10.77 -2.80 -0.31
C LYS B 715 10.42 -2.82 -1.79
N THR B 716 9.31 -3.46 -2.16
CA THR B 716 8.94 -3.52 -3.57
C THR B 716 7.93 -2.45 -3.96
N ALA B 717 6.97 -2.15 -3.11
CA ALA B 717 5.91 -1.26 -3.54
C ALA B 717 5.26 -0.55 -2.37
N VAL B 718 4.69 0.62 -2.67
CA VAL B 718 3.83 1.36 -1.75
C VAL B 718 2.40 1.17 -2.20
N ARG B 719 1.56 0.60 -1.33
CA ARG B 719 0.23 0.17 -1.74
C ARG B 719 -0.81 0.76 -0.80
N GLY B 720 -2.06 0.75 -1.27
CA GLY B 720 -3.17 1.20 -0.45
C GLY B 720 -4.33 0.23 -0.49
N ILE B 721 -4.75 -0.26 0.68
CA ILE B 721 -5.77 -1.30 0.75
C ILE B 721 -6.91 -0.83 1.65
N PRO B 722 -8.14 -1.27 1.41
CA PRO B 722 -9.25 -0.84 2.27
C PRO B 722 -9.18 -1.51 3.63
N PHE B 723 -9.79 -0.86 4.62
CA PHE B 723 -9.83 -1.45 5.95
C PHE B 723 -10.71 -2.69 5.99
N THR B 724 -11.82 -2.70 5.28
CA THR B 724 -12.69 -3.86 5.20
C THR B 724 -11.93 -5.02 4.57
N LEU B 725 -11.82 -6.13 5.30
CA LEU B 725 -10.98 -7.23 4.83
C LEU B 725 -11.60 -7.93 3.63
N SER B 726 -12.93 -7.89 3.50
CA SER B 726 -13.59 -8.55 2.37
C SER B 726 -13.19 -7.93 1.03
N THR B 727 -13.11 -6.60 0.96
CA THR B 727 -12.66 -5.92 -0.26
C THR B 727 -11.13 -5.84 -0.27
N GLN B 728 -10.53 -6.99 -0.60
CA GLN B 728 -9.07 -7.11 -0.52
C GLN B 728 -8.35 -6.44 -1.69
N GLU B 729 -9.08 -5.84 -2.62
CA GLU B 729 -8.47 -5.22 -3.79
C GLU B 729 -7.95 -3.82 -3.45
N ASP B 730 -6.83 -3.46 -4.07
CA ASP B 730 -6.18 -2.19 -3.79
C ASP B 730 -7.04 -1.02 -4.27
N VAL B 731 -6.80 0.16 -3.69
CA VAL B 731 -7.58 1.34 -4.00
C VAL B 731 -6.66 2.49 -4.41
N MET B 732 -5.48 2.16 -4.91
CA MET B 732 -4.53 3.14 -5.42
C MET B 732 -3.46 2.40 -6.20
N VAL B 733 -3.04 2.96 -7.32
CA VAL B 733 -2.06 2.28 -8.16
C VAL B 733 -0.78 2.11 -7.35
N PRO B 734 -0.27 0.88 -7.25
CA PRO B 734 0.95 0.67 -6.45
C PRO B 734 2.11 1.46 -7.01
N VAL B 735 2.95 1.97 -6.12
CA VAL B 735 4.15 2.68 -6.55
C VAL B 735 5.32 1.71 -6.58
N THR B 736 5.93 1.56 -7.75
CA THR B 736 7.04 0.65 -7.93
C THR B 736 8.15 1.34 -8.71
N GLY B 737 9.38 0.89 -8.49
CA GLY B 737 10.52 1.38 -9.23
C GLY B 737 11.43 0.23 -9.62
N SER B 738 12.36 0.53 -10.53
CA SER B 738 13.25 -0.54 -10.96
C SER B 738 14.31 -0.83 -9.90
N PRO B 739 15.00 0.16 -9.31
CA PRO B 739 15.49 -0.04 -7.95
C PRO B 739 14.54 0.60 -6.96
N SER B 740 14.29 -0.08 -5.85
CA SER B 740 13.33 0.46 -4.90
C SER B 740 13.55 -0.13 -3.53
N PHE B 741 13.46 0.74 -2.52
CA PHE B 741 13.33 0.33 -1.13
C PHE B 741 12.57 1.47 -0.45
N PHE B 742 11.26 1.32 -0.37
CA PHE B 742 10.43 2.38 0.18
C PHE B 742 10.30 2.23 1.69
N VAL B 743 10.56 3.32 2.41
CA VAL B 743 10.60 3.25 3.86
C VAL B 743 9.55 4.16 4.49
N GLY B 744 9.67 5.46 4.25
CA GLY B 744 8.80 6.41 4.91
C GLY B 744 7.75 6.97 3.97
N ILE B 745 6.51 7.00 4.45
CA ILE B 745 5.37 7.41 3.65
C ILE B 745 4.45 8.29 4.47
N ASP B 746 3.85 9.27 3.80
CA ASP B 746 2.72 10.02 4.35
C ASP B 746 1.98 10.65 3.19
N PHE B 747 0.74 11.05 3.45
CA PHE B 747 -0.19 11.45 2.41
C PHE B 747 -0.49 12.94 2.48
N ASP B 748 -1.38 13.37 1.60
CA ASP B 748 -1.84 14.76 1.50
C ASP B 748 -3.26 14.72 0.95
N ALA B 749 -4.25 14.77 1.84
CA ALA B 749 -5.63 14.53 1.42
C ALA B 749 -6.18 15.65 0.56
N GLN B 750 -5.70 16.89 0.73
CA GLN B 750 -6.27 18.02 -0.01
C GLN B 750 -5.97 17.98 -1.50
N HIS B 751 -5.07 17.10 -1.94
CA HIS B 751 -4.77 16.95 -3.36
C HIS B 751 -4.74 15.48 -3.79
N SER B 752 -5.20 14.58 -2.92
CA SER B 752 -5.17 13.14 -3.18
C SER B 752 -3.76 12.69 -3.55
N THR B 753 -2.78 13.25 -2.85
CA THR B 753 -1.37 13.03 -3.14
C THR B 753 -0.73 12.30 -1.98
N VAL B 754 0.20 11.40 -2.28
CA VAL B 754 0.97 10.71 -1.27
C VAL B 754 2.43 11.09 -1.43
N PHE B 755 3.16 11.06 -0.32
CA PHE B 755 4.61 11.20 -0.31
C PHE B 755 5.22 9.89 0.12
N TYR B 756 6.40 9.59 -0.42
CA TYR B 756 7.10 8.37 -0.05
C TYR B 756 8.58 8.56 -0.29
N SER B 757 9.39 8.00 0.59
CA SER B 757 10.84 8.02 0.45
C SER B 757 11.30 6.69 -0.10
N ASP B 758 12.31 6.73 -0.97
CA ASP B 758 12.95 5.52 -1.48
C ASP B 758 14.37 5.51 -0.94
N LEU B 759 14.78 4.37 -0.38
CA LEU B 759 16.08 4.30 0.26
C LEU B 759 17.21 3.99 -0.70
N SER B 760 16.92 3.65 -1.95
CA SER B 760 17.95 3.38 -2.94
C SER B 760 18.23 4.58 -3.84
N LYS B 761 17.20 5.33 -4.21
CA LYS B 761 17.40 6.58 -4.93
C LYS B 761 17.93 7.66 -4.00
N ASP B 762 17.59 7.58 -2.71
CA ASP B 762 17.74 8.67 -1.76
C ASP B 762 17.00 9.92 -2.26
N ILE B 763 15.70 9.74 -2.50
CA ILE B 763 14.84 10.76 -3.10
C ILE B 763 13.46 10.63 -2.46
N ILE B 764 12.76 11.77 -2.36
CA ILE B 764 11.40 11.83 -1.86
C ILE B 764 10.48 12.26 -2.99
N TYR B 765 9.41 11.51 -3.20
CA TYR B 765 8.50 11.74 -4.32
C TYR B 765 7.12 12.15 -3.81
N LYS B 766 6.35 12.76 -4.69
CA LYS B 766 4.93 13.00 -4.48
C LYS B 766 4.16 12.43 -5.64
N GLN B 767 3.03 11.80 -5.35
CA GLN B 767 2.29 11.10 -6.40
C GLN B 767 0.83 11.02 -6.00
N LYS B 768 -0.04 11.14 -7.00
CA LYS B 768 -1.47 11.09 -6.73
C LYS B 768 -1.93 9.65 -6.56
N ILE B 769 -3.17 9.51 -6.09
CA ILE B 769 -3.76 8.19 -5.90
C ILE B 769 -3.93 7.47 -7.23
N ASP B 770 -4.26 8.21 -8.29
CA ASP B 770 -4.47 7.61 -9.59
C ASP B 770 -3.17 7.32 -10.34
N GLY B 771 -2.02 7.69 -9.79
CA GLY B 771 -0.75 7.40 -10.40
C GLY B 771 -0.16 8.47 -11.28
N THR B 772 -0.80 9.64 -11.35
CA THR B 772 -0.29 10.68 -12.23
C THR B 772 0.41 11.77 -11.41
N GLY B 773 1.47 12.32 -12.00
CA GLY B 773 2.16 13.44 -11.38
C GLY B 773 3.26 13.07 -10.42
N LYS B 774 4.19 12.22 -10.82
CA LYS B 774 5.33 11.89 -9.96
C LYS B 774 6.39 12.96 -10.09
N GLU B 775 6.62 13.70 -9.01
CA GLU B 775 7.58 14.79 -8.99
C GLU B 775 8.41 14.68 -7.73
N VAL B 776 9.72 14.94 -7.85
CA VAL B 776 10.57 14.86 -6.68
C VAL B 776 10.26 16.03 -5.75
N ILE B 777 10.04 15.74 -4.48
CA ILE B 777 9.95 16.79 -3.48
C ILE B 777 11.35 17.30 -3.15
N THR B 778 12.29 16.40 -2.95
CA THR B 778 13.66 16.75 -2.60
C THR B 778 14.56 15.59 -2.93
N ALA B 779 15.76 15.91 -3.40
CA ALA B 779 16.79 14.89 -3.59
C ALA B 779 18.16 15.33 -3.14
N ASN B 780 18.31 16.52 -2.55
CA ASN B 780 19.61 17.00 -2.14
C ASN B 780 19.88 16.64 -0.68
N ARG B 781 21.04 16.05 -0.42
CA ARG B 781 21.54 15.78 0.92
C ARG B 781 20.55 14.93 1.73
N LEU B 782 20.34 13.71 1.24
CA LEU B 782 19.61 12.69 1.96
C LEU B 782 20.48 11.45 2.07
N GLU B 783 20.58 10.89 3.27
CA GLU B 783 21.37 9.69 3.47
C GLU B 783 20.53 8.46 3.74
N SER B 784 19.68 8.48 4.75
CA SER B 784 18.65 7.45 4.89
C SER B 784 17.44 8.03 5.60
N VAL B 785 16.47 8.53 4.85
CA VAL B 785 15.29 9.12 5.45
C VAL B 785 14.37 7.99 5.90
N GLU B 786 14.21 7.84 7.21
CA GLU B 786 13.50 6.69 7.77
C GLU B 786 12.03 6.96 8.05
N CYS B 787 11.56 8.19 7.86
CA CYS B 787 10.15 8.45 8.10
C CYS B 787 9.78 9.81 7.50
N LEU B 788 8.48 9.97 7.25
CA LEU B 788 7.91 11.25 6.83
C LEU B 788 6.65 11.51 7.65
N THR B 789 6.27 12.78 7.70
CA THR B 789 4.97 13.16 8.25
C THR B 789 4.59 14.51 7.65
N PHE B 790 3.31 14.82 7.73
CA PHE B 790 2.78 16.01 7.08
C PHE B 790 2.05 16.88 8.09
N ASP B 791 2.51 18.13 8.22
CA ASP B 791 1.81 19.16 8.99
C ASP B 791 0.85 19.84 8.03
N TRP B 792 -0.28 19.19 7.79
CA TRP B 792 -1.12 19.53 6.65
C TRP B 792 -1.67 20.95 6.71
N ILE B 793 -1.89 21.47 7.91
CA ILE B 793 -2.50 22.80 8.01
C ILE B 793 -1.53 23.88 7.53
N SER B 794 -0.26 23.75 7.89
CA SER B 794 0.74 24.73 7.49
C SER B 794 1.57 24.29 6.29
N ARG B 795 1.30 23.10 5.75
CA ARG B 795 1.99 22.60 4.55
C ARG B 795 3.49 22.42 4.79
N ASN B 796 3.86 21.68 5.83
CA ASN B 796 5.25 21.34 6.10
C ASN B 796 5.44 19.83 6.08
N LEU B 797 6.61 19.39 5.62
CA LEU B 797 6.96 17.98 5.56
C LEU B 797 8.21 17.75 6.40
N TYR B 798 8.10 16.87 7.40
CA TYR B 798 9.21 16.55 8.28
C TYR B 798 9.76 15.18 7.91
N TRP B 799 11.07 15.02 8.00
CA TRP B 799 11.69 13.72 7.81
C TRP B 799 12.92 13.60 8.69
N THR B 800 13.29 12.35 8.96
CA THR B 800 14.36 12.00 9.88
C THR B 800 15.44 11.24 9.12
N ASP B 801 16.68 11.69 9.25
CA ASP B 801 17.79 11.14 8.48
C ASP B 801 18.71 10.37 9.41
N GLY B 802 18.93 9.09 9.10
CA GLY B 802 19.77 8.26 9.94
C GLY B 802 21.24 8.37 9.69
N GLY B 803 21.66 8.98 8.59
CA GLY B 803 23.06 9.14 8.29
C GLY B 803 23.58 10.49 8.71
N LEU B 804 22.76 11.52 8.52
CA LEU B 804 23.10 12.85 9.03
C LEU B 804 22.78 12.97 10.52
N LYS B 805 21.99 12.05 11.05
CA LYS B 805 21.55 12.07 12.44
C LYS B 805 20.81 13.37 12.75
N SER B 806 19.68 13.60 12.09
CA SER B 806 18.93 14.83 12.28
C SER B 806 17.53 14.64 11.74
N VAL B 807 16.68 15.63 12.00
CA VAL B 807 15.36 15.73 11.39
C VAL B 807 15.24 17.07 10.68
N THR B 808 14.78 17.04 9.44
CA THR B 808 14.64 18.23 8.62
C THR B 808 13.16 18.49 8.35
N VAL B 809 12.83 19.77 8.17
CA VAL B 809 11.48 20.19 7.84
C VAL B 809 11.54 20.94 6.52
N LEU B 810 10.57 20.69 5.65
CA LEU B 810 10.53 21.35 4.35
C LEU B 810 9.12 21.81 4.04
N ARG B 811 9.01 23.01 3.50
CA ARG B 811 7.73 23.58 3.08
C ARG B 811 7.46 23.24 1.62
N LEU B 812 6.19 23.17 1.27
CA LEU B 812 5.82 22.79 -0.09
C LEU B 812 5.43 23.97 -0.96
N ALA B 813 4.95 25.08 -0.36
CA ALA B 813 4.70 26.28 -1.14
C ALA B 813 5.98 26.80 -1.77
N ASP B 814 7.07 26.83 -1.00
CA ASP B 814 8.39 27.09 -1.53
C ASP B 814 9.34 26.09 -0.90
N LYS B 815 10.43 25.77 -1.61
CA LYS B 815 11.33 24.73 -1.14
C LYS B 815 12.21 25.24 0.00
N SER B 816 11.56 25.64 1.09
CA SER B 816 12.28 26.01 2.30
C SER B 816 12.65 24.76 3.08
N ARG B 817 13.87 24.71 3.62
CA ARG B 817 14.25 23.59 4.46
C ARG B 817 15.33 24.00 5.44
N ARG B 818 15.26 23.42 6.64
CA ARG B 818 16.24 23.65 7.70
C ARG B 818 16.23 22.53 8.72
N GLN B 819 17.41 22.01 9.06
CA GLN B 819 17.52 21.00 10.10
C GLN B 819 17.13 21.59 11.45
N ILE B 820 15.95 21.23 11.96
CA ILE B 820 15.52 21.85 13.21
C ILE B 820 16.10 21.13 14.42
N ILE B 821 16.36 19.83 14.32
CA ILE B 821 17.09 19.09 15.33
C ILE B 821 18.31 18.48 14.65
N SER B 822 19.45 18.44 15.35
CA SER B 822 20.71 18.27 14.66
C SER B 822 21.57 17.09 15.11
N ASN B 823 21.50 16.65 16.35
CA ASN B 823 22.51 15.73 16.88
C ASN B 823 21.87 14.53 17.59
N LEU B 824 20.92 13.89 16.93
CA LEU B 824 20.36 12.64 17.41
C LEU B 824 21.37 11.51 17.20
N ASN B 825 21.00 10.31 17.60
CA ASN B 825 21.88 9.15 17.51
C ASN B 825 21.37 8.10 16.53
N ASN B 826 20.16 7.60 16.73
CA ASN B 826 19.51 6.67 15.79
C ASN B 826 18.04 7.00 15.71
N PRO B 827 17.69 8.17 15.18
CA PRO B 827 16.28 8.57 15.16
C PRO B 827 15.47 7.70 14.21
N ARG B 828 14.18 7.55 14.53
CA ARG B 828 13.25 6.77 13.75
C ARG B 828 11.92 7.51 13.71
N SER B 829 10.83 6.79 13.41
CA SER B 829 9.56 7.37 13.04
C SER B 829 9.23 8.64 13.82
N ILE B 830 8.79 9.65 13.09
CA ILE B 830 8.37 10.95 13.62
C ILE B 830 6.86 11.07 13.42
N VAL B 831 6.27 11.98 14.18
CA VAL B 831 4.85 12.31 14.01
C VAL B 831 4.65 13.75 14.48
N VAL B 832 3.71 14.44 13.85
CA VAL B 832 3.46 15.85 14.11
C VAL B 832 1.98 16.04 14.39
N HIS B 833 1.68 16.79 15.46
CA HIS B 833 0.31 17.13 15.84
C HIS B 833 0.09 18.59 15.49
N PRO B 834 -0.48 18.88 14.31
CA PRO B 834 -0.57 20.28 13.87
C PRO B 834 -1.37 21.19 14.79
N THR B 835 -2.47 20.71 15.36
CA THR B 835 -3.28 21.58 16.20
C THR B 835 -2.61 21.83 17.55
N ALA B 836 -2.07 20.78 18.16
CA ALA B 836 -1.43 20.93 19.46
C ALA B 836 -0.06 21.60 19.37
N GLY B 837 0.56 21.58 18.20
CA GLY B 837 1.86 22.22 18.03
C GLY B 837 3.06 21.37 18.40
N TYR B 838 2.86 20.11 18.76
CA TYR B 838 3.93 19.25 19.19
C TYR B 838 4.40 18.34 18.06
N MET B 839 5.63 17.86 18.18
CA MET B 839 6.15 16.81 17.32
C MET B 839 6.90 15.81 18.19
N PHE B 840 6.82 14.53 17.82
CA PHE B 840 7.36 13.45 18.63
C PHE B 840 8.22 12.55 17.77
N LEU B 841 9.39 12.19 18.28
CA LEU B 841 10.29 11.32 17.53
C LEU B 841 11.05 10.43 18.49
N SER B 842 11.42 9.25 18.01
CA SER B 842 11.99 8.20 18.84
C SER B 842 13.44 7.96 18.47
N ASP B 843 14.30 7.88 19.47
CA ASP B 843 15.69 7.49 19.30
C ASP B 843 15.90 6.16 20.00
N TRP B 844 16.44 5.18 19.28
CA TRP B 844 16.60 3.84 19.84
C TRP B 844 18.04 3.49 20.16
N PHE B 845 18.92 4.48 20.30
CA PHE B 845 20.24 4.21 20.85
C PHE B 845 20.10 3.64 22.26
N ARG B 846 21.19 3.14 22.83
CA ARG B 846 21.11 2.37 24.08
C ARG B 846 20.35 3.09 25.19
N PRO B 847 20.58 4.36 25.48
CA PRO B 847 19.63 5.08 26.35
C PRO B 847 18.43 5.57 25.56
N ALA B 848 17.61 4.63 25.09
CA ALA B 848 16.52 4.96 24.18
C ALA B 848 15.51 5.88 24.84
N LYS B 849 14.92 6.76 24.06
CA LYS B 849 14.01 7.76 24.58
C LYS B 849 13.05 8.20 23.49
N ILE B 850 11.97 8.85 23.91
CA ILE B 850 11.00 9.47 23.02
C ILE B 850 10.90 10.93 23.38
N MET B 851 11.20 11.80 22.43
CA MET B 851 11.29 13.22 22.72
C MET B 851 10.09 13.97 22.18
N ARG B 852 9.81 15.11 22.81
CA ARG B 852 8.77 16.02 22.38
C ARG B 852 9.36 17.41 22.19
N ALA B 853 8.90 18.11 21.16
CA ALA B 853 9.36 19.47 20.90
C ALA B 853 8.27 20.22 20.16
N TRP B 854 8.36 21.55 20.25
CA TRP B 854 7.49 22.40 19.45
C TRP B 854 7.69 22.10 17.97
N SER B 855 6.67 22.39 17.16
CA SER B 855 6.83 22.16 15.74
C SER B 855 7.95 23.01 15.15
N ASP B 856 8.37 24.07 15.85
CA ASP B 856 9.55 24.82 15.49
C ASP B 856 10.82 23.97 15.57
N GLY B 857 10.94 23.13 16.59
CA GLY B 857 12.18 22.44 16.86
C GLY B 857 12.86 22.88 18.13
N SER B 858 12.24 23.75 18.91
CA SER B 858 12.75 24.13 20.21
C SER B 858 12.09 23.31 21.30
N HIS B 859 12.57 23.48 22.52
CA HIS B 859 12.04 22.80 23.70
C HIS B 859 12.08 21.29 23.56
N LEU B 860 13.10 20.75 22.90
CA LEU B 860 13.24 19.31 22.75
C LEU B 860 13.58 18.65 24.08
N MET B 861 12.60 18.03 24.72
CA MET B 861 12.84 17.37 26.00
C MET B 861 12.37 15.94 25.87
N PRO B 862 12.95 15.02 26.64
CA PRO B 862 12.39 13.66 26.69
C PRO B 862 11.07 13.64 27.43
N ILE B 863 10.18 12.74 27.02
CA ILE B 863 8.96 12.50 27.76
C ILE B 863 8.85 11.05 28.24
N VAL B 864 9.45 10.10 27.53
CA VAL B 864 9.48 8.70 27.95
C VAL B 864 10.87 8.16 27.72
N ASN B 865 11.59 7.84 28.79
CA ASN B 865 12.91 7.26 28.61
C ASN B 865 13.24 6.16 29.63
N THR B 866 12.25 5.60 30.31
CA THR B 866 12.46 4.54 31.28
C THR B 866 11.79 3.27 30.79
N SER B 867 12.54 2.18 30.76
CA SER B 867 12.05 0.88 30.29
C SER B 867 11.58 0.98 28.84
N LEU B 868 12.51 1.36 27.97
CA LEU B 868 12.26 1.42 26.54
C LEU B 868 13.39 0.70 25.80
N GLY B 869 13.02 -0.15 24.86
CA GLY B 869 13.99 -0.75 23.98
C GLY B 869 13.51 -0.73 22.55
N TRP B 870 14.27 -0.05 21.69
CA TRP B 870 13.98 0.05 20.27
C TRP B 870 12.56 0.54 20.00
N PRO B 871 12.25 1.80 20.31
CA PRO B 871 10.90 2.34 20.01
C PRO B 871 10.73 2.64 18.52
N ASN B 872 10.36 1.61 17.76
CA ASN B 872 10.32 1.74 16.31
C ASN B 872 9.19 2.66 15.85
N GLY B 873 7.98 2.45 16.34
CA GLY B 873 6.80 3.07 15.77
C GLY B 873 6.20 4.13 16.68
N LEU B 874 5.52 5.11 16.06
CA LEU B 874 4.81 6.14 16.78
C LEU B 874 3.48 6.41 16.09
N ALA B 875 2.50 6.82 16.88
CA ALA B 875 1.22 7.24 16.34
C ALA B 875 0.49 8.08 17.37
N ILE B 876 -0.51 8.82 16.92
CA ILE B 876 -1.34 9.66 17.77
C ILE B 876 -2.78 9.25 17.58
N ASP B 877 -3.49 9.05 18.69
CA ASP B 877 -4.90 8.67 18.65
C ASP B 877 -5.72 9.96 18.63
N TRP B 878 -6.09 10.39 17.42
CA TRP B 878 -6.74 11.68 17.25
C TRP B 878 -8.07 11.78 17.98
N SER B 879 -8.72 10.64 18.25
CA SER B 879 -9.98 10.69 18.98
C SER B 879 -9.79 11.07 20.44
N ALA B 880 -8.60 10.85 21.00
CA ALA B 880 -8.38 11.19 22.40
C ALA B 880 -7.03 11.87 22.65
N SER B 881 -6.28 12.24 21.63
CA SER B 881 -4.99 12.93 21.78
C SER B 881 -4.05 12.15 22.68
N ARG B 882 -3.91 10.85 22.40
CA ARG B 882 -3.00 9.99 23.12
C ARG B 882 -1.95 9.43 22.17
N LEU B 883 -0.71 9.40 22.62
CA LEU B 883 0.41 8.94 21.79
C LEU B 883 0.64 7.45 21.98
N TYR B 884 0.76 6.74 20.87
CA TYR B 884 0.99 5.29 20.87
C TYR B 884 2.39 5.00 20.33
N TRP B 885 3.07 4.03 20.95
CA TRP B 885 4.38 3.60 20.48
C TRP B 885 4.53 2.11 20.73
N VAL B 886 5.51 1.51 20.05
CA VAL B 886 5.78 0.08 20.16
C VAL B 886 7.27 -0.10 20.43
N ASP B 887 7.64 -1.27 20.96
CA ASP B 887 9.03 -1.62 21.21
C ASP B 887 9.37 -2.90 20.47
N ALA B 888 10.64 -3.07 20.15
CA ALA B 888 11.11 -4.30 19.55
C ALA B 888 11.99 -5.11 20.50
N PHE B 889 12.44 -4.52 21.60
CA PHE B 889 13.22 -5.28 22.58
C PHE B 889 12.30 -6.01 23.55
N PHE B 890 11.28 -5.31 24.04
CA PHE B 890 10.28 -5.92 24.93
C PHE B 890 9.05 -6.39 24.18
N ASP B 891 8.98 -6.15 22.87
CA ASP B 891 7.87 -6.62 22.03
C ASP B 891 6.52 -6.17 22.58
N LYS B 892 6.46 -4.93 23.07
CA LYS B 892 5.29 -4.42 23.76
C LYS B 892 4.71 -3.22 23.00
N ILE B 893 3.46 -2.91 23.31
CA ILE B 893 2.77 -1.74 22.78
C ILE B 893 2.28 -0.91 23.96
N GLU B 894 2.53 0.39 23.90
CA GLU B 894 2.19 1.28 25.00
C GLU B 894 1.48 2.52 24.45
N HIS B 895 0.81 3.24 25.33
CA HIS B 895 0.18 4.48 24.94
C HIS B 895 0.11 5.43 26.13
N SER B 896 0.32 6.71 25.86
CA SER B 896 0.39 7.73 26.89
C SER B 896 -0.17 9.03 26.36
N THR B 897 -0.32 10.01 27.24
CA THR B 897 -0.73 11.33 26.82
C THR B 897 0.45 12.06 26.19
N LEU B 898 0.18 13.26 25.67
CA LEU B 898 1.20 14.02 24.96
C LEU B 898 2.29 14.50 25.91
N ASP B 899 2.05 14.43 27.21
CA ASP B 899 3.03 14.85 28.20
C ASP B 899 3.90 13.70 28.69
N GLY B 900 3.60 12.46 28.29
CA GLY B 900 4.26 11.31 28.86
C GLY B 900 3.63 10.79 30.13
N LEU B 901 2.53 11.38 30.58
CA LEU B 901 1.85 10.96 31.80
C LEU B 901 0.80 9.90 31.47
N ASP B 902 0.43 9.13 32.49
CA ASP B 902 -0.53 8.04 32.35
C ASP B 902 -0.05 7.01 31.33
N ARG B 903 1.07 6.36 31.64
CA ARG B 903 1.67 5.38 30.75
C ARG B 903 1.08 4.01 31.02
N LYS B 904 0.46 3.41 30.00
CA LYS B 904 -0.21 2.13 30.12
C LYS B 904 0.25 1.19 29.02
N ARG B 905 0.37 -0.09 29.34
CA ARG B 905 0.78 -1.08 28.36
C ARG B 905 -0.43 -1.87 27.85
N LEU B 906 -0.45 -2.14 26.55
CA LEU B 906 -1.48 -2.98 25.97
C LEU B 906 -1.19 -4.45 26.28
N GLY B 907 -2.17 -5.30 26.00
CA GLY B 907 -2.06 -6.70 26.33
C GLY B 907 -1.03 -7.42 25.47
N HIS B 908 -0.77 -8.65 25.86
CA HIS B 908 0.21 -9.47 25.14
C HIS B 908 -0.35 -9.87 23.79
N VAL B 909 0.44 -9.64 22.74
CA VAL B 909 0.05 -9.98 21.37
C VAL B 909 0.91 -11.15 20.93
N ASP B 910 0.25 -12.29 20.69
CA ASP B 910 0.99 -13.48 20.28
C ASP B 910 1.66 -13.28 18.94
N GLN B 911 2.84 -13.88 18.77
CA GLN B 911 3.60 -13.80 17.54
C GLN B 911 3.97 -12.36 17.19
N MET B 912 4.04 -11.49 18.18
CA MET B 912 4.61 -10.16 17.99
C MET B 912 6.05 -10.16 18.46
N THR B 913 6.98 -10.19 17.52
CA THR B 913 8.39 -10.29 17.88
C THR B 913 9.22 -9.05 17.55
N HIS B 914 8.92 -8.32 16.48
CA HIS B 914 9.76 -7.21 16.04
C HIS B 914 8.91 -6.20 15.29
N PRO B 915 7.99 -5.52 15.98
CA PRO B 915 7.13 -4.55 15.31
C PRO B 915 7.90 -3.30 14.93
N PHE B 916 7.63 -2.80 13.72
CA PHE B 916 8.31 -1.60 13.25
C PHE B 916 7.26 -0.51 13.10
N GLY B 917 6.24 -0.71 12.28
CA GLY B 917 5.29 0.36 12.03
C GLY B 917 4.02 0.16 12.83
N LEU B 918 3.39 1.28 13.19
CA LEU B 918 2.14 1.24 13.92
C LEU B 918 1.32 2.46 13.56
N THR B 919 0.01 2.26 13.42
CA THR B 919 -0.93 3.33 13.18
C THR B 919 -2.21 3.03 13.95
N VAL B 920 -3.05 4.05 14.09
CA VAL B 920 -4.27 3.95 14.86
C VAL B 920 -5.43 4.46 14.01
N PHE B 921 -6.50 3.68 13.94
CA PHE B 921 -7.69 4.09 13.22
C PHE B 921 -8.93 3.57 13.95
N LYS B 922 -9.92 4.43 14.11
CA LYS B 922 -11.17 4.08 14.79
C LYS B 922 -10.92 3.42 16.14
N ASP B 923 -11.13 2.10 16.21
CA ASP B 923 -10.90 1.35 17.43
C ASP B 923 -9.95 0.17 17.23
N ASN B 924 -9.01 0.29 16.29
CA ASN B 924 -8.07 -0.77 16.01
C ASN B 924 -6.67 -0.19 15.81
N VAL B 925 -5.67 -1.03 16.06
CA VAL B 925 -4.27 -0.65 15.94
C VAL B 925 -3.61 -1.57 14.92
N PHE B 926 -3.30 -1.03 13.74
CA PHE B 926 -2.67 -1.79 12.67
C PHE B 926 -1.15 -1.68 12.81
N ILE B 927 -0.49 -2.82 12.94
CA ILE B 927 0.93 -2.86 13.26
C ILE B 927 1.66 -3.72 12.23
N THR B 928 2.76 -3.18 11.72
CA THR B 928 3.67 -3.90 10.85
C THR B 928 4.66 -4.67 11.70
N ASP B 929 5.05 -5.86 11.25
CA ASP B 929 5.99 -6.69 11.98
C ASP B 929 7.06 -7.20 11.03
N TRP B 930 8.27 -7.41 11.54
CA TRP B 930 9.38 -7.83 10.72
C TRP B 930 9.62 -9.34 10.73
N ARG B 931 9.50 -9.99 11.88
CA ARG B 931 9.68 -11.44 11.91
C ARG B 931 8.61 -12.14 11.08
N LEU B 932 7.35 -11.70 11.22
CA LEU B 932 6.29 -12.27 10.40
C LEU B 932 6.36 -11.73 8.98
N GLY B 933 6.76 -10.48 8.82
CA GLY B 933 6.62 -9.83 7.53
C GLY B 933 5.15 -9.71 7.17
N ALA B 934 4.34 -9.27 8.13
CA ALA B 934 2.89 -9.25 7.96
C ALA B 934 2.32 -8.06 8.70
N ILE B 935 1.08 -7.72 8.35
CA ILE B 935 0.35 -6.62 8.97
C ILE B 935 -0.79 -7.22 9.79
N ILE B 936 -0.79 -6.93 11.09
CA ILE B 936 -1.78 -7.50 12.01
C ILE B 936 -2.58 -6.37 12.61
N ARG B 937 -3.81 -6.68 13.03
CA ARG B 937 -4.72 -5.70 13.60
C ARG B 937 -5.13 -6.15 15.01
N VAL B 938 -5.06 -5.22 15.97
CA VAL B 938 -5.42 -5.49 17.35
C VAL B 938 -6.32 -4.38 17.84
N ARG B 939 -7.09 -4.67 18.89
CA ARG B 939 -8.01 -3.69 19.43
C ARG B 939 -7.25 -2.56 20.10
N LYS B 940 -7.85 -1.36 20.07
CA LYS B 940 -7.19 -0.18 20.61
C LYS B 940 -7.29 -0.09 22.13
N SER B 941 -8.23 -0.81 22.75
CA SER B 941 -8.48 -0.69 24.17
C SER B 941 -7.83 -1.76 25.01
N ASP B 942 -7.31 -2.82 24.41
CA ASP B 942 -6.58 -3.86 25.14
C ASP B 942 -5.68 -4.58 24.15
N GLY B 943 -5.17 -5.74 24.54
CA GLY B 943 -4.41 -6.57 23.62
C GLY B 943 -5.19 -6.95 22.39
N GLY B 944 -6.46 -7.28 22.55
CA GLY B 944 -7.34 -7.49 21.42
C GLY B 944 -7.12 -8.83 20.75
N ASP B 945 -7.94 -9.08 19.73
CA ASP B 945 -7.87 -10.30 18.94
C ASP B 945 -6.96 -10.03 17.73
N MET B 946 -5.79 -10.68 17.70
CA MET B 946 -4.88 -10.47 16.60
C MET B 946 -5.43 -11.09 15.33
N THR B 947 -5.97 -10.25 14.44
CA THR B 947 -6.47 -10.70 13.14
C THR B 947 -5.52 -10.20 12.06
N VAL B 948 -5.01 -11.12 11.26
CA VAL B 948 -4.01 -10.79 10.25
C VAL B 948 -4.69 -10.16 9.06
N ILE B 949 -4.15 -9.04 8.59
CA ILE B 949 -4.70 -8.35 7.43
C ILE B 949 -3.97 -8.80 6.18
N ARG B 950 -2.64 -8.90 6.26
CA ARG B 950 -1.83 -9.29 5.13
C ARG B 950 -0.68 -10.15 5.64
N ARG B 951 -0.07 -10.90 4.73
CA ARG B 951 1.02 -11.79 5.10
C ARG B 951 1.89 -12.03 3.88
N GLY B 952 3.17 -12.30 4.13
CA GLY B 952 4.10 -12.55 3.05
C GLY B 952 4.28 -11.37 2.14
N ILE B 953 4.49 -10.18 2.71
CA ILE B 953 4.50 -8.95 1.93
C ILE B 953 5.96 -8.47 1.95
N SER B 954 6.88 -9.43 2.01
CA SER B 954 8.30 -9.13 1.94
C SER B 954 8.73 -8.18 3.06
N SER B 955 9.79 -7.42 2.82
CA SER B 955 10.33 -6.52 3.84
C SER B 955 9.40 -5.32 3.97
N VAL B 956 8.27 -5.56 4.66
CA VAL B 956 7.30 -4.51 4.90
C VAL B 956 7.83 -3.58 5.98
N MET B 957 7.70 -2.27 5.74
CA MET B 957 8.35 -1.29 6.61
C MET B 957 7.35 -0.47 7.41
N HIS B 958 6.49 0.27 6.74
CA HIS B 958 5.67 1.27 7.43
C HIS B 958 4.19 1.05 7.17
N VAL B 959 3.38 1.90 7.80
CA VAL B 959 1.94 1.88 7.64
C VAL B 959 1.38 3.22 8.11
N LYS B 960 0.43 3.74 7.35
CA LYS B 960 -0.29 4.96 7.72
C LYS B 960 -1.77 4.75 7.48
N ALA B 961 -2.59 5.44 8.25
CA ALA B 961 -4.03 5.37 8.08
C ALA B 961 -4.48 6.58 7.27
N TYR B 962 -4.58 6.41 5.97
CA TYR B 962 -5.10 7.48 5.12
C TYR B 962 -6.54 7.75 5.49
N ASP B 963 -6.87 9.02 5.71
CA ASP B 963 -8.26 9.41 6.04
C ASP B 963 -8.46 10.83 5.52
N ALA B 964 -9.54 11.08 4.78
CA ALA B 964 -9.69 12.41 4.17
C ALA B 964 -10.35 13.37 5.17
N ASP B 965 -10.72 12.87 6.34
CA ASP B 965 -11.32 13.74 7.38
C ASP B 965 -10.22 14.16 8.37
N LEU B 966 -9.48 13.20 8.92
CA LEU B 966 -8.43 13.53 9.92
C LEU B 966 -7.65 14.75 9.44
N GLN B 967 -7.27 14.75 8.15
CA GLN B 967 -6.44 15.86 7.62
C GLN B 967 -7.35 17.08 7.44
N THR B 968 -7.76 17.70 8.54
CA THR B 968 -8.66 18.87 8.49
C THR B 968 -8.54 19.65 9.79
N GLY B 969 -8.96 20.91 9.78
CA GLY B 969 -8.87 21.76 10.94
C GLY B 969 -8.28 23.09 10.55
N SER B 970 -8.06 23.93 11.56
CA SER B 970 -7.48 25.25 11.32
C SER B 970 -6.75 25.72 12.57
N ASN B 971 -5.78 26.59 12.34
CA ASN B 971 -5.09 27.29 13.42
C ASN B 971 -4.52 28.57 12.83
N TYR B 972 -3.74 29.28 13.66
CA TYR B 972 -3.26 30.60 13.25
C TYR B 972 -2.31 30.55 12.07
N CYS B 973 -1.78 29.38 11.73
CA CYS B 973 -0.94 29.26 10.54
C CYS B 973 -1.73 29.11 9.25
N SER B 974 -3.02 28.80 9.33
CA SER B 974 -3.87 28.76 8.13
C SER B 974 -5.21 29.34 8.54
N GLN B 975 -5.35 30.65 8.37
CA GLN B 975 -6.52 31.38 8.79
C GLN B 975 -6.92 32.35 7.70
N THR B 976 -8.22 32.40 7.38
CA THR B 976 -8.70 33.38 6.43
C THR B 976 -8.48 34.79 6.98
N THR B 977 -8.33 35.74 6.06
CA THR B 977 -7.84 37.10 6.23
C THR B 977 -6.34 37.12 6.47
N HIS B 978 -5.65 35.97 6.40
CA HIS B 978 -4.23 35.89 6.69
C HIS B 978 -3.53 35.05 5.64
N ALA B 979 -2.26 35.33 5.46
CA ALA B 979 -1.40 34.58 4.54
C ALA B 979 -0.43 33.75 5.36
N ASN B 980 -0.65 32.44 5.40
CA ASN B 980 0.20 31.46 6.07
C ASN B 980 0.68 31.96 7.43
N GLY B 981 -0.23 32.59 8.16
CA GLY B 981 0.09 33.09 9.48
C GLY B 981 1.00 34.30 9.47
N ASP B 982 1.05 35.01 8.34
CA ASP B 982 1.65 36.33 8.27
C ASP B 982 3.18 36.27 8.34
N CYS B 983 3.73 35.06 8.36
CA CYS B 983 5.16 34.86 8.42
C CYS B 983 5.70 34.65 7.00
N SER B 984 6.75 35.37 6.66
CA SER B 984 7.45 35.09 5.41
C SER B 984 8.20 33.78 5.55
N HIS B 985 7.81 32.80 4.72
CA HIS B 985 8.38 31.45 4.63
C HIS B 985 7.71 30.51 5.61
N PHE B 986 8.41 30.11 6.66
CA PHE B 986 7.94 29.08 7.58
C PHE B 986 7.05 29.70 8.63
N CYS B 987 5.95 29.03 8.96
CA CYS B 987 5.22 29.32 10.18
C CYS B 987 4.93 28.00 10.88
N PHE B 988 5.16 27.96 12.19
CA PHE B 988 5.09 26.74 12.96
C PHE B 988 4.05 26.87 14.06
N PRO B 989 3.17 25.89 14.22
CA PRO B 989 2.26 25.91 15.36
C PRO B 989 3.00 25.65 16.66
N VAL B 990 2.46 26.20 17.74
CA VAL B 990 3.09 26.11 19.05
C VAL B 990 2.01 25.80 20.08
N PRO B 991 2.32 25.07 21.15
CA PRO B 991 1.27 24.67 22.10
C PRO B 991 0.55 25.88 22.68
N ASN B 992 -0.73 25.68 23.01
CA ASN B 992 -1.64 26.72 23.49
C ASN B 992 -1.98 27.71 22.38
N PHE B 993 -2.20 27.18 21.18
CA PHE B 993 -2.84 27.90 20.07
C PHE B 993 -2.11 29.19 19.74
N GLN B 994 -0.86 29.06 19.31
CA GLN B 994 -0.05 30.19 18.91
C GLN B 994 0.83 29.79 17.74
N ARG B 995 1.31 30.78 17.01
CA ARG B 995 2.16 30.56 15.85
C ARG B 995 3.52 31.18 16.07
N VAL B 996 4.57 30.49 15.64
CA VAL B 996 5.94 30.97 15.72
C VAL B 996 6.58 30.83 14.35
N CYS B 997 7.09 31.93 13.82
CA CYS B 997 7.63 31.91 12.48
C CYS B 997 9.12 31.54 12.49
N GLY B 998 9.55 30.90 11.42
CA GLY B 998 10.94 30.56 11.20
C GLY B 998 11.21 30.68 9.73
N CYS B 999 12.44 30.40 9.27
CA CYS B 999 12.71 30.45 7.84
C CYS B 999 14.08 29.85 7.51
N PRO B 1000 14.38 29.54 6.22
CA PRO B 1000 15.35 28.48 5.92
C PRO B 1000 16.79 28.78 6.26
N TYR B 1001 17.66 27.84 5.90
CA TYR B 1001 19.10 27.98 6.08
C TYR B 1001 19.62 29.21 5.36
N GLY B 1002 20.51 29.95 6.01
CA GLY B 1002 21.10 31.13 5.42
C GLY B 1002 20.25 32.37 5.56
N MET B 1003 19.15 32.27 6.30
CA MET B 1003 18.29 33.42 6.55
C MET B 1003 17.90 33.46 8.02
N LYS B 1004 18.13 34.60 8.65
CA LYS B 1004 17.74 34.83 10.03
C LYS B 1004 16.43 35.60 10.08
N LEU B 1005 15.93 35.79 11.29
CA LEU B 1005 14.64 36.44 11.51
C LEU B 1005 14.83 37.94 11.66
N GLN B 1006 13.92 38.71 11.07
CA GLN B 1006 13.99 40.15 11.10
C GLN B 1006 13.71 40.67 12.51
N ARG B 1007 14.00 41.96 12.71
CA ARG B 1007 13.76 42.61 14.00
C ARG B 1007 12.31 42.45 14.45
N ASP B 1008 11.36 42.50 13.51
CA ASP B 1008 9.96 42.38 13.88
C ASP B 1008 9.56 40.95 14.20
N GLN B 1009 10.49 39.99 14.12
CA GLN B 1009 10.23 38.60 14.44
C GLN B 1009 9.20 37.98 13.50
N MET B 1010 9.02 38.55 12.31
CA MET B 1010 8.04 38.04 11.37
C MET B 1010 8.64 37.70 10.01
N THR B 1011 9.51 38.56 9.50
CA THR B 1011 10.11 38.34 8.19
C THR B 1011 11.58 37.95 8.34
N CYS B 1012 12.24 37.73 7.21
CA CYS B 1012 13.63 37.31 7.22
C CYS B 1012 14.52 38.18 6.36
N GLU B 1013 15.81 38.02 6.57
CA GLU B 1013 16.86 38.84 6.01
C GLU B 1013 18.03 37.92 5.68
N GLY B 1014 18.81 38.30 4.68
CA GLY B 1014 19.98 37.50 4.34
C GLY B 1014 20.90 37.34 5.54
N ASP B 1015 21.43 36.14 5.70
CA ASP B 1015 22.34 35.86 6.80
C ASP B 1015 23.61 35.23 6.27
N PRO B 1016 24.40 35.93 5.46
CA PRO B 1016 25.59 35.30 4.87
C PRO B 1016 26.72 35.10 5.87
N ALA B 1017 26.75 35.87 6.96
CA ALA B 1017 27.89 35.80 7.87
C ALA B 1017 27.85 34.52 8.71
N ARG B 1018 26.68 34.15 9.22
CA ARG B 1018 26.57 33.00 10.11
C ARG B 1018 26.32 31.71 9.35
N GLU B 1019 25.51 31.75 8.30
CA GLU B 1019 25.14 30.58 7.52
C GLU B 1019 25.40 30.87 6.05
N PRO B 1020 26.66 30.78 5.61
CA PRO B 1020 26.97 31.12 4.24
C PRO B 1020 26.34 30.12 3.28
N PRO B 1021 26.00 30.55 2.07
CA PRO B 1021 25.52 29.60 1.06
C PRO B 1021 26.63 28.63 0.66
N THR B 1022 26.23 27.41 0.34
CA THR B 1022 27.16 26.40 -0.15
C THR B 1022 26.54 25.68 -1.34
N GLN B 1023 27.39 25.03 -2.11
CA GLN B 1023 27.01 24.47 -3.39
C GLN B 1023 26.03 23.31 -3.23
N GLN B 1024 25.57 22.79 -4.37
CA GLN B 1024 24.68 21.63 -4.35
C GLN B 1024 25.36 20.43 -3.71
N CYS B 1025 26.59 20.13 -4.15
CA CYS B 1025 27.43 19.19 -3.43
C CYS B 1025 28.87 19.43 -3.84
N GLY B 1026 29.78 18.94 -3.01
CA GLY B 1026 31.18 19.32 -3.11
C GLY B 1026 31.88 18.69 -4.30
N SER B 1027 33.19 18.90 -4.34
CA SER B 1027 34.00 18.37 -5.42
C SER B 1027 34.04 16.85 -5.37
N LEU B 1028 34.69 16.25 -6.37
CA LEU B 1028 34.69 14.81 -6.56
C LEU B 1028 33.26 14.28 -6.69
N SER B 1029 32.39 15.05 -7.34
CA SER B 1029 30.99 14.68 -7.48
C SER B 1029 30.35 15.57 -8.54
N PHE B 1030 29.75 14.97 -9.55
CA PHE B 1030 29.08 15.74 -10.57
C PHE B 1030 27.72 16.19 -10.06
N PRO B 1031 27.46 17.49 -9.97
CA PRO B 1031 26.15 17.96 -9.50
C PRO B 1031 25.10 17.83 -10.59
N CYS B 1032 24.19 16.87 -10.42
CA CYS B 1032 23.19 16.63 -11.43
C CYS B 1032 22.24 17.83 -11.53
N ASN B 1033 21.52 17.89 -12.65
CA ASN B 1033 20.49 18.92 -12.79
C ASN B 1033 19.39 18.71 -11.77
N ASN B 1034 19.03 17.46 -11.51
CA ASN B 1034 18.20 17.12 -10.37
C ASN B 1034 18.99 17.40 -9.10
N GLY B 1035 18.32 17.47 -7.95
CA GLY B 1035 19.03 17.81 -6.72
C GLY B 1035 20.16 16.87 -6.37
N LYS B 1036 19.98 15.57 -6.60
CA LYS B 1036 20.99 14.58 -6.25
C LYS B 1036 22.30 14.86 -6.99
N CYS B 1037 23.38 14.23 -6.50
CA CYS B 1037 24.64 14.26 -7.22
C CYS B 1037 25.40 12.97 -6.97
N VAL B 1038 26.20 12.60 -7.96
CA VAL B 1038 26.89 11.30 -7.97
C VAL B 1038 28.38 11.55 -8.21
N PRO B 1039 29.23 10.59 -7.86
CA PRO B 1039 30.66 10.75 -8.09
C PRO B 1039 30.99 10.96 -9.56
N SER B 1040 32.02 11.76 -9.81
CA SER B 1040 32.38 12.13 -11.18
C SER B 1040 32.75 10.92 -12.01
N PHE B 1041 33.12 9.81 -11.37
CA PHE B 1041 33.38 8.58 -12.11
C PHE B 1041 32.13 8.06 -12.79
N PHE B 1042 30.96 8.46 -12.31
CA PHE B 1042 29.70 7.99 -12.87
C PHE B 1042 29.20 8.83 -14.03
N ARG B 1043 29.84 9.95 -14.34
CA ARG B 1043 29.42 10.76 -15.47
C ARG B 1043 29.83 10.08 -16.77
N CYS B 1044 28.90 10.06 -17.73
CA CYS B 1044 29.13 9.49 -19.05
C CYS B 1044 29.69 8.07 -18.96
N ASP B 1045 28.85 7.19 -18.44
CA ASP B 1045 29.22 5.78 -18.34
C ASP B 1045 28.09 4.86 -18.79
N GLY B 1046 26.97 5.41 -19.25
CA GLY B 1046 25.91 4.63 -19.84
C GLY B 1046 24.78 4.23 -18.93
N VAL B 1047 24.95 4.33 -17.61
CA VAL B 1047 23.90 3.98 -16.66
C VAL B 1047 23.33 5.26 -16.07
N ASP B 1048 22.01 5.33 -16.01
CA ASP B 1048 21.28 6.50 -15.53
C ASP B 1048 21.36 6.53 -14.01
N ASP B 1049 22.31 7.31 -13.49
CA ASP B 1049 22.57 7.34 -12.06
C ASP B 1049 21.84 8.46 -11.33
N CYS B 1050 21.79 9.66 -11.90
CA CYS B 1050 21.10 10.77 -11.26
C CYS B 1050 19.59 10.59 -11.25
N HIS B 1051 19.08 9.59 -11.97
CA HIS B 1051 17.65 9.32 -12.10
C HIS B 1051 16.90 10.44 -12.80
N ASP B 1052 17.63 11.27 -13.54
CA ASP B 1052 17.02 12.22 -14.47
C ASP B 1052 17.79 12.33 -15.77
N ASN B 1053 18.75 11.44 -16.02
CA ASN B 1053 19.58 11.35 -17.22
C ASN B 1053 20.58 12.49 -17.35
N SER B 1054 20.82 13.27 -16.30
CA SER B 1054 21.76 14.38 -16.41
C SER B 1054 23.19 13.89 -16.56
N ASP B 1055 23.57 12.83 -15.84
CA ASP B 1055 24.95 12.36 -15.90
C ASP B 1055 25.32 11.77 -17.24
N GLU B 1056 24.34 11.53 -18.11
CA GLU B 1056 24.59 11.01 -19.45
C GLU B 1056 24.29 12.01 -20.55
N HIS B 1057 24.14 13.29 -20.22
CA HIS B 1057 23.66 14.26 -21.19
C HIS B 1057 24.80 14.75 -22.08
N GLN B 1058 24.70 14.45 -23.38
CA GLN B 1058 25.66 14.89 -24.38
C GLN B 1058 27.08 14.41 -24.05
N CYS B 1059 27.26 13.10 -24.11
CA CYS B 1059 28.59 12.53 -23.90
C CYS B 1059 29.30 12.35 -25.24
N GLY B 1060 30.59 12.02 -25.16
CA GLY B 1060 31.36 11.67 -26.33
C GLY B 1060 32.03 12.80 -27.06
N VAL B 1061 31.77 14.06 -26.69
CA VAL B 1061 32.41 15.20 -27.34
C VAL B 1061 33.86 15.27 -26.90
N PHE B 1062 34.64 16.14 -27.54
CA PHE B 1062 36.09 16.13 -27.42
C PHE B 1062 36.56 16.35 -25.98
N ASN B 1063 35.74 16.94 -25.11
CA ASN B 1063 36.10 17.10 -23.72
C ASN B 1063 35.29 16.21 -22.79
N ASN B 1064 33.97 16.16 -22.96
CA ASN B 1064 33.12 15.29 -22.15
C ASN B 1064 33.26 13.84 -22.59
N THR B 1065 34.46 13.31 -22.36
CA THR B 1065 34.74 11.92 -22.66
C THR B 1065 33.92 11.00 -21.76
N CYS B 1066 33.71 9.77 -22.22
CA CYS B 1066 33.08 8.78 -21.36
C CYS B 1066 34.09 8.11 -20.44
N SER B 1067 33.59 7.60 -19.32
CA SER B 1067 34.43 6.95 -18.34
C SER B 1067 35.01 5.67 -18.92
N PRO B 1068 36.21 5.26 -18.46
CA PRO B 1068 36.80 4.02 -18.98
C PRO B 1068 35.96 2.78 -18.71
N SER B 1069 35.04 2.82 -17.74
CA SER B 1069 34.15 1.69 -17.51
C SER B 1069 33.07 1.56 -18.55
N ALA B 1070 33.11 2.34 -19.62
CA ALA B 1070 32.07 2.32 -20.64
C ALA B 1070 32.71 2.24 -22.02
N PHE B 1071 31.94 1.72 -22.97
CA PHE B 1071 32.39 1.55 -24.34
C PHE B 1071 31.88 2.71 -25.19
N ALA B 1072 32.80 3.42 -25.83
CA ALA B 1072 32.46 4.60 -26.60
C ALA B 1072 32.28 4.23 -28.07
N CYS B 1073 31.10 4.54 -28.61
CA CYS B 1073 30.87 4.31 -30.03
C CYS B 1073 31.85 5.15 -30.84
N VAL B 1074 32.33 4.57 -31.96
CA VAL B 1074 33.41 5.18 -32.72
C VAL B 1074 33.06 6.58 -33.20
N ARG B 1075 31.79 6.85 -33.48
CA ARG B 1075 31.36 8.15 -33.96
C ARG B 1075 30.08 8.55 -33.26
N GLY B 1076 29.72 9.83 -33.41
CA GLY B 1076 28.41 10.31 -33.03
C GLY B 1076 28.28 10.83 -31.62
N GLY B 1077 29.28 10.67 -30.77
CA GLY B 1077 29.17 11.13 -29.40
C GLY B 1077 28.09 10.41 -28.63
N GLN B 1078 28.12 9.08 -28.69
CA GLN B 1078 27.25 8.25 -27.88
C GLN B 1078 28.10 7.13 -27.30
N CYS B 1079 27.76 6.69 -26.09
CA CYS B 1079 28.54 5.65 -25.44
C CYS B 1079 27.72 4.93 -24.37
N ILE B 1080 28.09 3.67 -24.13
CA ILE B 1080 27.23 2.68 -23.51
C ILE B 1080 28.03 1.91 -22.47
N PRO B 1081 27.34 1.22 -21.55
CA PRO B 1081 28.07 0.45 -20.53
C PRO B 1081 28.96 -0.60 -21.16
N GLY B 1082 30.08 -0.89 -20.48
CA GLY B 1082 31.05 -1.83 -21.02
C GLY B 1082 30.49 -3.24 -21.15
N GLN B 1083 29.62 -3.63 -20.21
CA GLN B 1083 29.06 -4.98 -20.26
C GLN B 1083 28.20 -5.21 -21.49
N TRP B 1084 27.79 -4.15 -22.19
CA TRP B 1084 27.06 -4.30 -23.44
C TRP B 1084 27.97 -4.47 -24.65
N HIS B 1085 29.28 -4.31 -24.48
CA HIS B 1085 30.19 -4.42 -25.60
C HIS B 1085 30.37 -5.88 -26.00
N CYS B 1086 29.99 -6.20 -27.24
CA CYS B 1086 30.07 -7.55 -27.78
C CYS B 1086 29.25 -8.53 -26.95
N ASP B 1087 27.95 -8.24 -26.82
CA ASP B 1087 27.02 -9.14 -26.14
C ASP B 1087 25.91 -9.61 -27.08
N ARG B 1088 26.18 -9.64 -28.39
CA ARG B 1088 25.25 -10.15 -29.38
C ARG B 1088 23.92 -9.40 -29.38
N GLN B 1089 23.99 -8.08 -29.23
CA GLN B 1089 22.80 -7.22 -29.29
C GLN B 1089 23.27 -5.81 -29.58
N ASN B 1090 22.93 -5.29 -30.76
CA ASN B 1090 23.44 -4.00 -31.18
C ASN B 1090 22.86 -2.86 -30.34
N ASP B 1091 23.72 -2.00 -29.80
CA ASP B 1091 23.29 -0.85 -29.04
C ASP B 1091 23.80 0.46 -29.62
N CYS B 1092 25.09 0.51 -29.95
CA CYS B 1092 25.64 1.71 -30.57
C CYS B 1092 24.91 2.01 -31.87
N LEU B 1093 24.60 3.28 -32.09
CA LEU B 1093 23.84 3.67 -33.28
C LEU B 1093 24.60 3.31 -34.55
N ASP B 1094 25.91 3.56 -34.56
CA ASP B 1094 26.73 3.23 -35.72
C ASP B 1094 26.97 1.73 -35.87
N GLY B 1095 26.59 0.93 -34.88
CA GLY B 1095 26.81 -0.51 -34.93
C GLY B 1095 28.20 -0.96 -34.55
N SER B 1096 29.05 -0.05 -34.05
CA SER B 1096 30.38 -0.46 -33.62
C SER B 1096 30.33 -1.30 -32.36
N ASP B 1097 29.16 -1.37 -31.72
CA ASP B 1097 29.02 -2.14 -30.49
C ASP B 1097 29.32 -3.62 -30.69
N GLU B 1098 28.93 -4.19 -31.83
CA GLU B 1098 29.07 -5.63 -32.05
C GLU B 1098 30.03 -5.97 -33.19
N GLN B 1099 30.99 -5.10 -33.50
CA GLN B 1099 31.91 -5.35 -34.60
C GLN B 1099 33.24 -5.88 -34.08
N ASN B 1100 33.94 -6.59 -34.97
CA ASN B 1100 35.30 -7.11 -34.76
C ASN B 1100 35.48 -7.79 -33.40
N CYS B 1101 34.42 -8.38 -32.87
CA CYS B 1101 34.51 -9.01 -31.56
C CYS B 1101 35.39 -10.26 -31.64
N PRO B 1102 36.18 -10.54 -30.62
CA PRO B 1102 36.93 -11.81 -30.61
C PRO B 1102 36.02 -12.98 -30.29
N THR B 1103 35.34 -13.47 -31.32
CA THR B 1103 34.29 -14.47 -31.13
C THR B 1103 34.82 -15.82 -30.68
N HIS B 1104 36.04 -16.18 -31.08
CA HIS B 1104 36.55 -17.51 -30.79
C HIS B 1104 37.06 -17.59 -29.35
N ALA B 1105 36.81 -18.72 -28.70
CA ALA B 1105 37.37 -18.98 -27.39
C ALA B 1105 38.65 -19.79 -27.52
N THR B 1106 39.57 -19.59 -26.58
CA THR B 1106 40.86 -20.24 -26.63
C THR B 1106 40.71 -21.74 -26.33
N SER B 1107 41.85 -22.44 -26.32
CA SER B 1107 41.85 -23.86 -26.02
C SER B 1107 41.70 -24.10 -24.52
N SER B 1108 40.51 -23.81 -23.99
CA SER B 1108 40.24 -23.95 -22.57
C SER B 1108 38.93 -24.70 -22.40
N THR B 1109 38.87 -25.49 -21.33
CA THR B 1109 37.71 -26.33 -21.06
C THR B 1109 37.20 -26.04 -19.66
N CYS B 1110 35.94 -26.42 -19.42
CA CYS B 1110 35.41 -26.46 -18.08
C CYS B 1110 36.02 -27.66 -17.33
N PRO B 1111 35.99 -27.64 -16.00
CA PRO B 1111 36.56 -28.75 -15.24
C PRO B 1111 35.92 -30.08 -15.63
N SER B 1112 36.73 -31.14 -15.53
CA SER B 1112 36.37 -32.43 -16.10
C SER B 1112 35.08 -33.02 -15.53
N THR B 1113 34.75 -32.71 -14.28
CA THR B 1113 33.52 -33.22 -13.70
C THR B 1113 32.28 -32.51 -14.21
N SER B 1114 32.46 -31.37 -14.87
CA SER B 1114 31.33 -30.59 -15.37
C SER B 1114 31.06 -30.92 -16.83
N PHE B 1115 30.14 -30.17 -17.44
CA PHE B 1115 29.73 -30.36 -18.82
C PHE B 1115 29.91 -29.05 -19.58
N THR B 1116 30.40 -29.15 -20.82
CA THR B 1116 30.65 -27.99 -21.66
C THR B 1116 29.51 -27.84 -22.65
N CYS B 1117 28.82 -26.71 -22.58
CA CYS B 1117 27.77 -26.41 -23.53
C CYS B 1117 28.38 -26.03 -24.89
N ASP B 1118 27.50 -25.74 -25.85
CA ASP B 1118 27.96 -25.25 -27.15
C ASP B 1118 28.59 -23.88 -27.03
N ASN B 1119 28.00 -22.95 -26.28
CA ASN B 1119 28.54 -21.62 -26.07
C ASN B 1119 29.52 -21.57 -24.89
N HIS B 1120 30.11 -22.70 -24.53
CA HIS B 1120 31.17 -22.81 -23.52
C HIS B 1120 30.70 -22.43 -22.12
N VAL B 1121 29.42 -22.61 -21.81
CA VAL B 1121 28.97 -22.45 -20.43
C VAL B 1121 29.25 -23.73 -19.66
N CYS B 1122 29.69 -23.59 -18.42
CA CYS B 1122 30.03 -24.73 -17.57
C CYS B 1122 28.90 -25.01 -16.59
N ILE B 1123 28.35 -26.22 -16.65
CA ILE B 1123 27.29 -26.63 -15.72
C ILE B 1123 27.59 -28.02 -15.21
N PRO B 1124 27.12 -28.33 -14.00
CA PRO B 1124 27.29 -29.68 -13.47
C PRO B 1124 26.59 -30.71 -14.34
N LYS B 1125 27.21 -31.88 -14.49
CA LYS B 1125 26.68 -32.89 -15.39
C LYS B 1125 25.28 -33.36 -14.98
N ASP B 1126 24.96 -33.27 -13.69
CA ASP B 1126 23.65 -33.71 -13.23
C ASP B 1126 22.52 -32.83 -13.75
N TRP B 1127 22.83 -31.66 -14.31
CA TRP B 1127 21.79 -30.81 -14.88
C TRP B 1127 21.45 -31.18 -16.32
N VAL B 1128 22.20 -32.08 -16.93
CA VAL B 1128 21.95 -32.45 -18.32
C VAL B 1128 20.70 -33.30 -18.41
N CYS B 1129 19.85 -33.00 -19.39
CA CYS B 1129 18.63 -33.74 -19.69
C CYS B 1129 17.61 -33.72 -18.57
N ASP B 1130 17.56 -32.65 -17.78
CA ASP B 1130 16.57 -32.53 -16.72
C ASP B 1130 15.33 -31.78 -17.16
N THR B 1131 15.22 -31.44 -18.45
CA THR B 1131 14.16 -30.68 -19.10
C THR B 1131 14.15 -29.22 -18.66
N ASP B 1132 15.23 -28.70 -18.09
CA ASP B 1132 15.37 -27.27 -17.81
C ASP B 1132 16.61 -26.76 -18.52
N ASN B 1133 16.44 -25.68 -19.28
CA ASN B 1133 17.52 -25.14 -20.11
C ASN B 1133 18.50 -24.41 -19.21
N ASP B 1134 19.65 -25.03 -18.97
CA ASP B 1134 20.68 -24.44 -18.11
C ASP B 1134 21.74 -23.71 -18.90
N CYS B 1135 22.12 -24.22 -20.07
CA CYS B 1135 23.11 -23.56 -20.91
C CYS B 1135 22.59 -22.26 -21.50
N SER B 1136 21.28 -22.01 -21.43
CA SER B 1136 20.61 -20.88 -22.07
C SER B 1136 20.66 -21.01 -23.59
N ASP B 1137 21.27 -22.09 -24.07
CA ASP B 1137 21.38 -22.37 -25.49
C ASP B 1137 20.58 -23.61 -25.89
N GLY B 1138 20.30 -24.51 -24.94
CA GLY B 1138 19.66 -25.76 -25.25
C GLY B 1138 20.60 -26.89 -25.58
N SER B 1139 21.91 -26.69 -25.45
CA SER B 1139 22.86 -27.76 -25.75
C SER B 1139 22.90 -28.84 -24.67
N ASP B 1140 22.42 -28.55 -23.46
CA ASP B 1140 22.35 -29.57 -22.43
C ASP B 1140 21.07 -30.37 -22.49
N GLU B 1141 20.16 -30.07 -23.41
CA GLU B 1141 18.93 -30.82 -23.54
C GLU B 1141 18.74 -31.44 -24.91
N LYS B 1142 19.70 -31.29 -25.82
CA LYS B 1142 19.57 -31.93 -27.12
C LYS B 1142 19.92 -33.40 -27.01
N ASN B 1143 19.43 -34.18 -27.98
CA ASN B 1143 19.61 -35.63 -28.01
C ASN B 1143 19.11 -36.27 -26.72
N CYS B 1144 17.99 -35.77 -26.20
CA CYS B 1144 17.40 -36.32 -24.97
C CYS B 1144 16.25 -37.26 -25.32
N GLN B 1145 16.63 -38.44 -25.80
CA GLN B 1145 15.64 -39.44 -26.19
C GLN B 1145 14.95 -40.03 -24.96
N ALA B 1146 13.78 -40.61 -25.20
CA ALA B 1146 13.01 -41.27 -24.14
C ALA B 1146 13.39 -42.72 -23.96
N SER B 1147 14.63 -43.07 -24.32
CA SER B 1147 15.13 -44.44 -24.29
C SER B 1147 15.22 -45.01 -22.87
N GLY B 1148 14.87 -44.23 -21.85
CA GLY B 1148 14.86 -44.72 -20.49
C GLY B 1148 16.17 -44.65 -19.76
N THR B 1149 17.28 -44.42 -20.46
CA THR B 1149 18.57 -44.32 -19.80
C THR B 1149 18.73 -42.94 -19.17
N CYS B 1150 19.72 -42.85 -18.28
CA CYS B 1150 20.05 -41.59 -17.62
C CYS B 1150 21.54 -41.61 -17.28
N GLN B 1151 21.94 -40.71 -16.41
CA GLN B 1151 23.29 -40.79 -15.86
C GLN B 1151 23.28 -41.60 -14.56
N PRO B 1152 24.40 -42.20 -14.20
CA PRO B 1152 24.42 -43.04 -12.98
C PRO B 1152 23.98 -42.31 -11.73
N THR B 1153 24.36 -41.05 -11.57
CA THR B 1153 24.07 -40.32 -10.35
C THR B 1153 22.67 -39.73 -10.32
N GLN B 1154 21.99 -39.66 -11.47
CA GLN B 1154 20.68 -39.03 -11.53
C GLN B 1154 19.60 -39.95 -11.00
N PHE B 1155 18.47 -39.35 -10.66
CA PHE B 1155 17.27 -40.08 -10.22
C PHE B 1155 16.21 -39.90 -11.30
N ARG B 1156 15.66 -41.01 -11.79
CA ARG B 1156 14.75 -40.99 -12.93
C ARG B 1156 13.31 -41.11 -12.45
N CYS B 1157 12.48 -40.13 -12.82
CA CYS B 1157 11.06 -40.19 -12.58
C CYS B 1157 10.42 -41.17 -13.56
N PRO B 1158 9.22 -41.63 -13.28
CA PRO B 1158 8.51 -42.47 -14.26
C PRO B 1158 8.18 -41.67 -15.51
N ASP B 1159 8.84 -42.01 -16.62
CA ASP B 1159 8.58 -41.47 -17.95
C ASP B 1159 8.46 -39.95 -17.98
N HIS B 1160 9.13 -39.28 -17.04
CA HIS B 1160 9.06 -37.82 -17.05
C HIS B 1160 10.42 -37.19 -17.32
N ARG B 1161 11.42 -37.48 -16.49
CA ARG B 1161 12.74 -36.88 -16.64
C ARG B 1161 13.75 -37.45 -15.66
N CYS B 1162 15.01 -37.04 -15.79
CA CYS B 1162 16.09 -37.52 -14.93
C CYS B 1162 16.53 -36.38 -14.02
N ILE B 1163 16.22 -36.51 -12.73
CA ILE B 1163 16.50 -35.45 -11.78
C ILE B 1163 17.91 -35.57 -11.22
N SER B 1164 18.54 -34.43 -10.93
CA SER B 1164 19.78 -34.43 -10.20
C SER B 1164 19.54 -34.93 -8.78
N PRO B 1165 20.50 -35.64 -8.18
CA PRO B 1165 20.25 -36.24 -6.86
C PRO B 1165 20.06 -35.22 -5.75
N LEU B 1166 20.27 -33.93 -6.02
CA LEU B 1166 20.09 -32.93 -4.98
C LEU B 1166 18.61 -32.64 -4.73
N TYR B 1167 17.74 -32.97 -5.68
CA TYR B 1167 16.34 -32.61 -5.61
C TYR B 1167 15.44 -33.74 -5.16
N VAL B 1168 16.00 -34.86 -4.72
CA VAL B 1168 15.23 -35.99 -4.22
C VAL B 1168 15.30 -35.97 -2.70
N CYS B 1169 14.15 -36.14 -2.05
CA CYS B 1169 13.98 -35.97 -0.61
C CYS B 1169 14.34 -34.55 -0.19
N ASP B 1170 13.53 -33.61 -0.70
CA ASP B 1170 13.62 -32.21 -0.31
C ASP B 1170 12.31 -31.62 0.16
N GLY B 1171 11.24 -32.41 0.21
CA GLY B 1171 9.93 -31.92 0.61
C GLY B 1171 9.08 -31.38 -0.52
N ASP B 1172 9.58 -31.35 -1.76
CA ASP B 1172 8.83 -30.85 -2.89
C ASP B 1172 8.87 -31.87 -4.03
N LYS B 1173 7.70 -32.12 -4.61
CA LYS B 1173 7.54 -33.17 -5.62
C LYS B 1173 8.08 -32.65 -6.95
N ASP B 1174 9.32 -33.04 -7.27
CA ASP B 1174 9.91 -32.62 -8.53
C ASP B 1174 9.58 -33.56 -9.69
N CYS B 1175 9.02 -34.73 -9.41
CA CYS B 1175 8.51 -35.60 -10.47
C CYS B 1175 7.02 -35.39 -10.66
N ALA B 1176 6.49 -35.95 -11.74
CA ALA B 1176 5.07 -35.82 -12.02
C ALA B 1176 4.19 -36.54 -11.01
N ASP B 1177 4.76 -37.44 -10.20
CA ASP B 1177 3.98 -38.23 -9.27
C ASP B 1177 4.46 -38.13 -7.82
N GLY B 1178 5.48 -37.30 -7.54
CA GLY B 1178 6.03 -37.24 -6.21
C GLY B 1178 6.95 -38.38 -5.84
N SER B 1179 7.32 -39.23 -6.81
CA SER B 1179 8.18 -40.37 -6.54
C SER B 1179 9.57 -39.95 -6.07
N ASP B 1180 9.97 -38.70 -6.27
CA ASP B 1180 11.25 -38.25 -5.72
C ASP B 1180 11.14 -37.91 -4.25
N GLU B 1181 9.93 -37.88 -3.68
CA GLU B 1181 9.74 -37.57 -2.27
C GLU B 1181 9.07 -38.69 -1.49
N ALA B 1182 8.58 -39.73 -2.16
CA ALA B 1182 7.86 -40.79 -1.46
C ALA B 1182 8.81 -41.62 -0.61
N GLY B 1183 8.45 -41.78 0.66
CA GLY B 1183 9.17 -42.68 1.55
C GLY B 1183 10.61 -42.32 1.84
N CYS B 1184 10.86 -41.07 2.25
CA CYS B 1184 12.20 -40.66 2.63
C CYS B 1184 12.18 -40.08 4.03
N VAL B 1185 13.29 -40.27 4.74
CA VAL B 1185 13.38 -39.95 6.16
C VAL B 1185 13.73 -38.47 6.35
N LEU B 1186 13.16 -37.86 7.38
CA LEU B 1186 13.41 -36.45 7.69
C LEU B 1186 14.62 -36.33 8.61
N ASN B 1187 15.79 -36.33 7.97
CA ASN B 1187 17.06 -36.38 8.70
C ASN B 1187 17.58 -34.96 8.95
N CYS B 1188 17.05 -34.35 10.02
CA CYS B 1188 17.48 -33.01 10.41
C CYS B 1188 18.95 -33.05 10.83
N THR B 1189 19.72 -32.07 10.37
CA THR B 1189 21.18 -32.18 10.35
C THR B 1189 21.81 -31.60 11.62
N SER B 1190 21.30 -32.02 12.77
CA SER B 1190 21.94 -31.83 14.07
C SER B 1190 22.02 -30.37 14.49
N ALA B 1191 21.61 -29.46 13.61
CA ALA B 1191 21.50 -28.05 13.93
C ALA B 1191 20.12 -27.51 13.63
N GLN B 1192 19.15 -28.40 13.45
CA GLN B 1192 17.77 -28.04 13.14
C GLN B 1192 16.84 -28.69 14.14
N PHE B 1193 15.75 -28.02 14.45
CA PHE B 1193 14.72 -28.58 15.30
C PHE B 1193 13.67 -29.29 14.45
N LYS B 1194 13.33 -30.51 14.84
CA LYS B 1194 12.36 -31.33 14.12
C LYS B 1194 10.99 -31.13 14.76
N CYS B 1195 10.00 -30.79 13.94
CA CYS B 1195 8.65 -30.67 14.45
C CYS B 1195 8.17 -32.02 14.97
N ALA B 1196 7.35 -31.99 16.03
CA ALA B 1196 7.00 -33.22 16.73
C ALA B 1196 6.32 -34.23 15.81
N ASP B 1197 5.49 -33.75 14.88
CA ASP B 1197 4.80 -34.65 13.97
C ASP B 1197 5.67 -35.14 12.82
N GLY B 1198 6.92 -34.66 12.73
CA GLY B 1198 7.78 -35.07 11.64
C GLY B 1198 7.41 -34.48 10.30
N SER B 1199 6.77 -33.31 10.29
CA SER B 1199 6.41 -32.67 9.04
C SER B 1199 7.59 -31.99 8.37
N SER B 1200 8.50 -31.40 9.14
CA SER B 1200 9.62 -30.67 8.58
C SER B 1200 10.64 -30.40 9.68
N CYS B 1201 11.85 -30.02 9.26
CA CYS B 1201 12.86 -29.48 10.17
C CYS B 1201 12.95 -27.97 9.96
N ILE B 1202 13.21 -27.26 11.06
CA ILE B 1202 13.36 -25.81 11.03
C ILE B 1202 14.72 -25.48 11.63
N ASN B 1203 15.25 -24.32 11.25
CA ASN B 1203 16.52 -23.89 11.78
C ASN B 1203 16.41 -23.67 13.29
N SER B 1204 17.50 -23.99 14.02
CA SER B 1204 17.45 -23.94 15.46
C SER B 1204 17.23 -22.53 16.01
N ARG B 1205 17.53 -21.50 15.22
CA ARG B 1205 17.29 -20.13 15.68
C ARG B 1205 15.81 -19.88 15.90
N TYR B 1206 14.95 -20.45 15.05
CA TYR B 1206 13.51 -20.25 15.16
C TYR B 1206 12.91 -21.00 16.34
N ARG B 1207 13.70 -21.84 17.02
CA ARG B 1207 13.19 -22.60 18.14
C ARG B 1207 12.86 -21.70 19.32
N CYS B 1208 11.57 -21.67 19.69
CA CYS B 1208 11.08 -20.96 20.87
C CYS B 1208 11.31 -19.46 20.82
N ASP B 1209 11.31 -18.86 19.63
CA ASP B 1209 11.50 -17.41 19.55
C ASP B 1209 10.17 -16.66 19.64
N GLY B 1210 9.04 -17.36 19.66
CA GLY B 1210 7.75 -16.71 19.77
C GLY B 1210 6.88 -16.80 18.53
N VAL B 1211 7.37 -17.40 17.44
CA VAL B 1211 6.62 -17.52 16.20
C VAL B 1211 6.48 -19.00 15.87
N TYR B 1212 5.26 -19.42 15.55
CA TYR B 1212 4.98 -20.82 15.24
C TYR B 1212 5.58 -21.16 13.89
N ASP B 1213 6.75 -21.81 13.90
CA ASP B 1213 7.41 -22.21 12.67
C ASP B 1213 7.04 -23.61 12.20
N CYS B 1214 6.34 -24.39 13.01
CA CYS B 1214 5.97 -25.76 12.68
C CYS B 1214 4.45 -25.85 12.59
N ARG B 1215 3.98 -26.71 11.67
CA ARG B 1215 2.55 -26.88 11.46
C ARG B 1215 1.84 -27.41 12.70
N ASP B 1216 2.53 -28.19 13.53
CA ASP B 1216 1.95 -28.72 14.76
C ASP B 1216 2.18 -27.82 15.96
N ASN B 1217 2.81 -26.65 15.76
CA ASN B 1217 3.12 -25.69 16.82
C ASN B 1217 4.07 -26.29 17.84
N SER B 1218 4.74 -27.38 17.48
CA SER B 1218 5.71 -27.99 18.38
C SER B 1218 6.96 -27.15 18.53
N ASP B 1219 7.13 -26.14 17.69
CA ASP B 1219 8.27 -25.24 17.81
C ASP B 1219 8.21 -24.47 19.13
N GLU B 1220 7.03 -23.96 19.48
CA GLU B 1220 6.86 -23.13 20.66
C GLU B 1220 6.32 -23.92 21.85
N ALA B 1221 6.69 -25.18 21.99
CA ALA B 1221 6.21 -26.03 23.07
C ALA B 1221 7.39 -26.51 23.90
N GLY B 1222 7.26 -26.43 25.22
CA GLY B 1222 8.34 -26.79 26.11
C GLY B 1222 9.39 -25.72 26.28
N CYS B 1223 9.11 -24.50 25.84
CA CYS B 1223 10.07 -23.42 25.94
C CYS B 1223 10.24 -22.99 27.40
N PRO B 1224 11.43 -22.50 27.77
CA PRO B 1224 11.59 -21.94 29.11
C PRO B 1224 10.70 -20.73 29.30
N THR B 1225 10.16 -20.59 30.50
CA THR B 1225 9.23 -19.51 30.79
C THR B 1225 9.67 -18.82 32.08
N ARG B 1226 9.11 -17.64 32.29
CA ARG B 1226 9.42 -16.88 33.48
C ARG B 1226 8.70 -17.47 34.68
N PRO B 1227 9.37 -17.67 35.80
CA PRO B 1227 8.67 -18.11 37.01
C PRO B 1227 7.61 -17.10 37.41
N PRO B 1228 6.52 -17.57 38.02
CA PRO B 1228 5.36 -16.69 38.25
C PRO B 1228 5.72 -15.46 39.04
N GLY B 1229 5.45 -14.29 38.45
CA GLY B 1229 5.72 -13.01 39.08
C GLY B 1229 7.18 -12.62 39.14
N MET B 1230 8.10 -13.57 39.02
CA MET B 1230 9.52 -13.28 39.11
C MET B 1230 10.07 -12.98 37.72
N CYS B 1231 11.39 -12.95 37.58
CA CYS B 1231 12.04 -12.75 36.30
C CYS B 1231 12.92 -13.96 36.00
N HIS B 1232 13.51 -13.97 34.81
CA HIS B 1232 14.36 -15.07 34.41
C HIS B 1232 15.64 -15.10 35.26
N LEU B 1233 16.49 -16.07 34.94
CA LEU B 1233 17.74 -16.22 35.68
C LEU B 1233 18.65 -15.01 35.50
N ASP B 1234 18.66 -14.40 34.31
CA ASP B 1234 19.60 -13.32 34.02
C ASP B 1234 18.90 -12.01 33.69
N GLU B 1235 17.74 -11.76 34.29
CA GLU B 1235 17.00 -10.51 34.10
C GLU B 1235 16.77 -9.86 35.45
N PHE B 1236 17.35 -8.69 35.66
CA PHE B 1236 17.08 -7.90 36.85
C PHE B 1236 15.61 -7.49 36.86
N GLN B 1237 15.03 -7.41 38.06
CA GLN B 1237 13.62 -7.08 38.22
C GLN B 1237 13.48 -5.67 38.77
N CYS B 1238 12.60 -4.89 38.16
CA CYS B 1238 12.31 -3.55 38.66
C CYS B 1238 11.38 -3.65 39.85
N GLN B 1239 11.85 -3.20 41.01
CA GLN B 1239 11.04 -3.27 42.22
C GLN B 1239 9.83 -2.35 42.15
N GLY B 1240 9.86 -1.34 41.29
CA GLY B 1240 8.74 -0.41 41.18
C GLY B 1240 7.48 -1.02 40.61
N ASP B 1241 7.61 -1.86 39.57
CA ASP B 1241 6.41 -2.36 38.90
C ASP B 1241 6.46 -3.84 38.55
N GLY B 1242 7.55 -4.54 38.83
CA GLY B 1242 7.62 -5.96 38.52
C GLY B 1242 8.05 -6.30 37.11
N THR B 1243 8.53 -5.33 36.34
CA THR B 1243 9.06 -5.60 35.01
C THR B 1243 10.48 -6.13 35.11
N CYS B 1244 10.94 -6.74 34.02
CA CYS B 1244 12.27 -7.33 33.95
C CYS B 1244 13.12 -6.55 32.95
N ILE B 1245 14.36 -6.24 33.35
CA ILE B 1245 15.33 -5.62 32.46
C ILE B 1245 16.59 -6.47 32.50
N PRO B 1246 17.32 -6.60 31.39
CA PRO B 1246 18.47 -7.50 31.37
C PRO B 1246 19.54 -7.11 32.38
N ASN B 1247 20.32 -8.11 32.82
CA ASN B 1247 21.33 -7.88 33.83
C ASN B 1247 22.35 -6.84 33.38
N THR B 1248 22.70 -6.85 32.10
CA THR B 1248 23.67 -5.88 31.60
C THR B 1248 23.15 -4.45 31.72
N TRP B 1249 21.85 -4.27 31.90
CA TRP B 1249 21.28 -2.96 32.18
C TRP B 1249 21.36 -2.59 33.65
N GLU B 1250 21.67 -3.53 34.53
CA GLU B 1250 21.72 -3.24 35.95
C GLU B 1250 23.00 -2.50 36.31
N CYS B 1251 22.84 -1.39 37.03
CA CYS B 1251 23.97 -0.54 37.44
C CYS B 1251 24.81 -0.12 36.24
N ASP B 1252 24.13 0.28 35.17
CA ASP B 1252 24.78 0.80 33.97
C ASP B 1252 24.87 2.32 33.97
N GLY B 1253 24.40 2.98 35.02
CA GLY B 1253 24.41 4.41 35.09
C GLY B 1253 23.16 5.08 34.56
N HIS B 1254 22.24 4.33 33.97
CA HIS B 1254 21.00 4.90 33.46
C HIS B 1254 19.82 4.27 34.20
N PRO B 1255 18.92 5.08 34.77
CA PRO B 1255 17.82 4.52 35.55
C PRO B 1255 16.71 3.93 34.68
N ASP B 1256 16.89 2.67 34.25
CA ASP B 1256 15.91 2.03 33.38
C ASP B 1256 14.55 1.91 34.04
N CYS B 1257 14.51 1.51 35.30
CA CYS B 1257 13.25 1.20 35.95
C CYS B 1257 12.43 2.47 36.19
N ILE B 1258 11.20 2.27 36.65
CA ILE B 1258 10.29 3.39 36.86
C ILE B 1258 10.81 4.31 37.97
N HIS B 1259 11.45 3.73 38.99
CA HIS B 1259 11.95 4.49 40.12
C HIS B 1259 13.47 4.41 40.26
N GLY B 1260 14.16 3.94 39.23
CA GLY B 1260 15.60 3.84 39.32
C GLY B 1260 16.11 2.74 40.22
N SER B 1261 15.30 1.70 40.44
CA SER B 1261 15.74 0.59 41.27
C SER B 1261 16.98 -0.09 40.72
N ASP B 1262 17.16 -0.07 39.40
CA ASP B 1262 18.32 -0.69 38.77
C ASP B 1262 19.60 0.13 38.95
N GLU B 1263 19.51 1.33 39.51
CA GLU B 1263 20.67 2.15 39.82
C GLU B 1263 20.77 2.37 41.33
N HIS B 1264 20.59 1.31 42.10
CA HIS B 1264 20.71 1.38 43.55
C HIS B 1264 22.13 1.78 43.96
N THR B 1265 22.28 2.08 45.24
CA THR B 1265 23.56 2.55 45.76
C THR B 1265 24.60 1.45 45.87
N GLY B 1266 24.23 0.19 45.64
CA GLY B 1266 25.16 -0.91 45.81
C GLY B 1266 26.16 -1.08 44.68
N CYS B 1267 26.40 -0.04 43.90
CA CYS B 1267 27.35 -0.12 42.80
C CYS B 1267 28.00 1.24 42.61
N VAL B 1268 29.21 1.22 42.06
CA VAL B 1268 30.05 2.42 41.98
C VAL B 1268 30.20 2.87 40.53
N PRO B 1269 30.21 4.18 40.27
CA PRO B 1269 30.39 4.65 38.90
C PRO B 1269 31.79 4.35 38.38
N LYS B 1270 31.91 4.28 37.06
CA LYS B 1270 33.17 3.96 36.42
C LYS B 1270 34.04 5.20 36.28
N THR B 1271 35.35 4.97 36.15
CA THR B 1271 36.33 6.04 35.98
C THR B 1271 37.19 5.75 34.76
N CYS B 1272 38.03 6.71 34.41
CA CYS B 1272 38.81 6.61 33.18
C CYS B 1272 40.21 7.17 33.40
N SER B 1273 41.12 6.77 32.50
CA SER B 1273 42.51 7.18 32.59
C SER B 1273 42.65 8.68 32.33
N PRO B 1274 43.68 9.31 32.90
CA PRO B 1274 43.85 10.77 32.73
C PRO B 1274 44.07 11.21 31.29
N THR B 1275 44.50 10.33 30.40
CA THR B 1275 44.64 10.68 28.99
C THR B 1275 43.33 10.56 28.22
N HIS B 1276 42.23 10.24 28.90
CA HIS B 1276 40.94 10.09 28.26
C HIS B 1276 39.88 10.78 29.11
N PHE B 1277 38.67 10.89 28.57
CA PHE B 1277 37.57 11.52 29.29
C PHE B 1277 36.26 10.85 28.87
N LEU B 1278 35.38 10.66 29.86
CA LEU B 1278 34.10 9.99 29.67
C LEU B 1278 32.98 10.94 30.03
N CYS B 1279 31.88 10.85 29.31
CA CYS B 1279 30.75 11.76 29.50
C CYS B 1279 29.75 11.15 30.48
N ASP B 1280 28.56 11.75 30.53
CA ASP B 1280 27.54 11.34 31.51
C ASP B 1280 27.20 9.85 31.39
N ASN B 1281 26.96 9.37 30.17
CA ASN B 1281 26.73 7.95 29.97
C ASN B 1281 27.51 7.36 28.81
N GLY B 1282 28.13 8.15 27.96
CA GLY B 1282 28.90 7.60 26.86
C GLY B 1282 30.16 6.90 27.35
N ASN B 1283 30.71 6.08 26.47
CA ASN B 1283 31.98 5.43 26.74
C ASN B 1283 33.09 6.47 26.83
N CYS B 1284 34.16 6.11 27.52
CA CYS B 1284 35.29 7.02 27.63
C CYS B 1284 35.97 7.22 26.28
N ILE B 1285 36.51 8.43 26.09
CA ILE B 1285 37.17 8.79 24.84
C ILE B 1285 38.38 9.64 25.15
N TYR B 1286 39.28 9.74 24.16
CA TYR B 1286 40.52 10.49 24.32
C TYR B 1286 40.25 11.94 24.68
N LYS B 1287 41.08 12.48 25.58
CA LYS B 1287 40.99 13.88 25.94
C LYS B 1287 41.26 14.78 24.73
N ALA B 1288 41.97 14.26 23.73
CA ALA B 1288 42.41 15.09 22.61
C ALA B 1288 41.26 15.55 21.73
N TRP B 1289 40.16 14.81 21.66
CA TRP B 1289 39.01 15.23 20.87
C TRP B 1289 37.88 15.83 21.69
N ILE B 1290 38.17 16.37 22.87
CA ILE B 1290 37.16 17.16 23.56
C ILE B 1290 37.02 18.50 22.86
N CYS B 1291 35.78 18.98 22.76
CA CYS B 1291 35.39 20.22 22.10
C CYS B 1291 35.69 20.22 20.60
N ASP B 1292 35.99 19.07 20.00
CA ASP B 1292 36.46 19.03 18.62
C ASP B 1292 35.36 19.23 17.58
N GLY B 1293 34.11 19.01 17.94
CA GLY B 1293 33.03 19.10 16.98
C GLY B 1293 32.49 17.79 16.47
N ASP B 1294 32.93 16.67 17.02
CA ASP B 1294 32.41 15.35 16.68
C ASP B 1294 31.78 14.73 17.92
N ASN B 1295 30.57 14.19 17.77
CA ASN B 1295 29.84 13.66 18.92
C ASN B 1295 30.47 12.37 19.40
N ASP B 1296 31.66 12.47 19.98
CA ASP B 1296 32.39 11.29 20.44
C ASP B 1296 31.65 10.57 21.56
N CYS B 1297 31.09 11.32 22.50
CA CYS B 1297 30.37 10.75 23.63
C CYS B 1297 28.96 10.29 23.27
N ARG B 1298 28.42 10.73 22.13
CA ARG B 1298 27.01 10.57 21.78
C ARG B 1298 26.13 11.39 22.71
N ASP B 1299 26.74 12.03 23.71
CA ASP B 1299 26.00 12.81 24.70
C ASP B 1299 26.25 14.30 24.58
N MET B 1300 27.02 14.74 23.58
CA MET B 1300 27.27 16.13 23.21
C MET B 1300 27.86 16.95 24.35
N SER B 1301 28.12 16.33 25.50
CA SER B 1301 28.66 17.06 26.64
C SER B 1301 30.13 17.44 26.46
N ASP B 1302 30.85 16.75 25.59
CA ASP B 1302 32.24 17.11 25.35
C ASP B 1302 32.36 18.37 24.52
N GLU B 1303 31.27 18.82 23.90
CA GLU B 1303 31.25 20.06 23.14
C GLU B 1303 30.46 21.17 23.82
N LYS B 1304 29.36 20.83 24.49
CA LYS B 1304 28.57 21.86 25.17
C LYS B 1304 29.29 22.45 26.37
N ASP B 1305 30.27 21.74 26.94
CA ASP B 1305 31.07 22.29 28.03
C ASP B 1305 32.13 23.26 27.53
N CYS B 1306 32.35 23.35 26.22
CA CYS B 1306 33.44 24.17 25.72
C CYS B 1306 33.22 24.55 24.26
N PRO B 1307 32.53 25.66 23.99
CA PRO B 1307 32.52 26.17 22.60
C PRO B 1307 33.91 26.46 22.08
N THR B 1308 34.65 27.35 22.76
CA THR B 1308 36.05 27.65 22.46
C THR B 1308 36.28 27.87 20.97
N GLN B 1309 35.45 28.70 20.35
CA GLN B 1309 35.50 28.89 18.91
C GLN B 1309 36.82 29.52 18.49
N PRO B 1310 37.59 28.88 17.61
CA PRO B 1310 38.82 29.52 17.09
C PRO B 1310 38.50 30.66 16.14
N PHE B 1311 38.03 31.78 16.70
CA PHE B 1311 37.53 32.89 15.89
C PHE B 1311 38.69 33.74 15.36
N HIS B 1312 39.46 33.14 14.46
CA HIS B 1312 40.59 33.80 13.85
C HIS B 1312 40.80 33.24 12.45
N CYS B 1313 41.48 34.02 11.61
CA CYS B 1313 41.70 33.63 10.23
C CYS B 1313 42.65 32.43 10.17
N PRO B 1314 42.45 31.53 9.18
CA PRO B 1314 43.31 30.36 9.01
C PRO B 1314 44.73 30.74 8.58
N UNK C 1 16.44 -19.51 -11.05
CA UNK C 1 15.42 -20.49 -11.41
C UNK C 1 15.15 -20.45 -12.91
N UNK C 2 14.68 -21.57 -13.45
CA UNK C 2 14.40 -21.65 -14.87
C UNK C 2 13.10 -20.94 -15.25
N UNK C 3 12.14 -20.89 -14.34
CA UNK C 3 10.86 -20.26 -14.63
C UNK C 3 10.89 -18.77 -14.34
N UNK C 4 12.08 -18.22 -14.09
CA UNK C 4 12.25 -16.81 -13.78
C UNK C 4 12.50 -16.05 -15.08
N UNK C 5 11.52 -15.25 -15.48
CA UNK C 5 11.57 -14.51 -16.73
C UNK C 5 12.73 -13.53 -16.80
N UNK C 6 12.75 -12.57 -15.89
CA UNK C 6 13.74 -11.51 -15.91
C UNK C 6 14.85 -11.74 -14.89
N UNK D 1 19.82 -6.81 14.67
CA UNK D 1 19.76 -5.40 15.00
C UNK D 1 18.53 -4.75 14.39
N ASN D 2 18.23 -3.53 14.82
CA ASN D 2 17.10 -2.76 14.30
C ASN D 2 17.52 -1.87 13.14
N UNK D 3 18.20 -2.43 12.15
CA UNK D 3 18.72 -1.66 11.03
C UNK D 3 17.81 -1.87 9.83
N UNK D 4 17.34 -0.77 9.24
CA UNK D 4 16.44 -0.86 8.10
C UNK D 4 17.11 -1.54 6.92
N UNK D 5 18.37 -1.21 6.66
CA UNK D 5 19.10 -1.81 5.55
C UNK D 5 19.60 -3.20 5.94
#